data_2ZPO
# 
_entry.id   2ZPO 
# 
_audit_conform.dict_name       mmcif_pdbx.dic 
_audit_conform.dict_version    5.397 
_audit_conform.dict_location   http://mmcif.pdb.org/dictionaries/ascii/mmcif_pdbx.dic 
# 
loop_
_database_2.database_id 
_database_2.database_code 
_database_2.pdbx_database_accession 
_database_2.pdbx_DOI 
PDB   2ZPO         pdb_00002zpo 10.2210/pdb2zpo/pdb 
RCSB  RCSB028268   ?            ?                   
WWPDB D_1000028268 ?            ?                   
# 
loop_
_pdbx_audit_revision_history.ordinal 
_pdbx_audit_revision_history.data_content_type 
_pdbx_audit_revision_history.major_revision 
_pdbx_audit_revision_history.minor_revision 
_pdbx_audit_revision_history.revision_date 
1 'Structure model' 1 0 2008-08-19 
2 'Structure model' 1 1 2011-07-13 
3 'Structure model' 1 2 2023-11-01 
4 'Structure model' 1 3 2024-10-16 
# 
_pdbx_audit_revision_details.ordinal             1 
_pdbx_audit_revision_details.revision_ordinal    1 
_pdbx_audit_revision_details.data_content_type   'Structure model' 
_pdbx_audit_revision_details.provider            repository 
_pdbx_audit_revision_details.type                'Initial release' 
_pdbx_audit_revision_details.description         ? 
_pdbx_audit_revision_details.details             ? 
# 
loop_
_pdbx_audit_revision_group.ordinal 
_pdbx_audit_revision_group.revision_ordinal 
_pdbx_audit_revision_group.data_content_type 
_pdbx_audit_revision_group.group 
1 2 'Structure model' 'Derived calculations'      
2 2 'Structure model' 'Version format compliance' 
3 3 'Structure model' 'Data collection'           
4 3 'Structure model' 'Database references'       
5 3 'Structure model' 'Derived calculations'      
6 3 'Structure model' 'Refinement description'    
7 4 'Structure model' 'Structure summary'         
# 
loop_
_pdbx_audit_revision_category.ordinal 
_pdbx_audit_revision_category.revision_ordinal 
_pdbx_audit_revision_category.data_content_type 
_pdbx_audit_revision_category.category 
1 3 'Structure model' chem_comp_atom                
2 3 'Structure model' chem_comp_bond                
3 3 'Structure model' database_2                    
4 3 'Structure model' pdbx_initial_refinement_model 
5 3 'Structure model' struct_site                   
6 4 'Structure model' pdbx_entry_details            
7 4 'Structure model' pdbx_modification_feature     
# 
loop_
_pdbx_audit_revision_item.ordinal 
_pdbx_audit_revision_item.revision_ordinal 
_pdbx_audit_revision_item.data_content_type 
_pdbx_audit_revision_item.item 
1 3 'Structure model' '_database_2.pdbx_DOI'                         
2 3 'Structure model' '_database_2.pdbx_database_accession'          
3 3 'Structure model' '_struct_site.pdbx_auth_asym_id'               
4 3 'Structure model' '_struct_site.pdbx_auth_comp_id'               
5 3 'Structure model' '_struct_site.pdbx_auth_seq_id'                
6 4 'Structure model' '_pdbx_entry_details.has_protein_modification' 
# 
_pdbx_database_status.status_code                     REL 
_pdbx_database_status.entry_id                        2ZPO 
_pdbx_database_status.recvd_initial_deposition_date   2008-07-25 
_pdbx_database_status.deposit_site                    PDBJ 
_pdbx_database_status.process_site                    PDBJ 
_pdbx_database_status.status_code_sf                  REL 
_pdbx_database_status.status_code_mr                  ? 
_pdbx_database_status.SG_entry                        ? 
_pdbx_database_status.pdb_format_compatible           Y 
_pdbx_database_status.status_code_cs                  ? 
_pdbx_database_status.status_code_nmr_data            ? 
_pdbx_database_status.methods_development_category    ? 
# 
loop_
_audit_author.name 
_audit_author.pdbx_ordinal 
'Katekaew, S.' 1 
'Kakuta, Y.'   2 
'Torikata, T.' 3 
'Kimura, M.'   4 
'Yoneda, K.'   5 
'Araki, T.'    6 
# 
_citation.id                        primary 
_citation.title                     'Crystal Structure of Newly Found Green Turtle Egg White Ribonuclease' 
_citation.journal_abbrev            'To be Published' 
_citation.journal_volume            ? 
_citation.page_first                ? 
_citation.page_last                 ? 
_citation.year                      ? 
_citation.journal_id_ASTM           ? 
_citation.country                   ? 
_citation.journal_id_ISSN           ? 
_citation.journal_id_CSD            0353 
_citation.book_publisher            ? 
_citation.pdbx_database_id_PubMed   ? 
_citation.pdbx_database_id_DOI      ? 
# 
loop_
_citation_author.citation_id 
_citation_author.name 
_citation_author.ordinal 
_citation_author.identifier_ORCID 
primary 'Katekaew, S.' 1 ? 
primary 'Kakuta, Y.'   2 ? 
primary 'Torikata, T.' 3 ? 
primary 'Kimura, M.'   4 ? 
primary 'Yoneda, K.'   5 ? 
primary 'Araki, T.'    6 ? 
# 
loop_
_entity.id 
_entity.type 
_entity.src_method 
_entity.pdbx_description 
_entity.formula_weight 
_entity.pdbx_number_of_molecules 
_entity.pdbx_ec 
_entity.pdbx_mutation 
_entity.pdbx_fragment 
_entity.details 
1 polymer     nat Ribonuclease  12989.676 1   3.1.27.5 ? ? ? 
2 non-polymer syn 'SULFATE ION' 96.063    5   ?        ? ? ? 
3 non-polymer syn GLYCEROL      92.094    7   ?        ? ? ? 
4 water       nat water         18.015    152 ?        ? ? ? 
# 
_entity_poly.entity_id                      1 
_entity_poly.type                           'polypeptide(L)' 
_entity_poly.nstd_linkage                   no 
_entity_poly.nstd_monomer                   no 
_entity_poly.pdbx_seq_one_letter_code       
;ETRYEKFLRQHVDYPRTAAPDTRTYCNQMMQRRGMTLPVCKFTNTFVHASAASITTICGPGGAPAGGNLRDSTASFALTT
CRLQGGSQRPPCNYNGGTSTQRIRIACDGGLPVHYDRAI
;
_entity_poly.pdbx_seq_one_letter_code_can   
;ETRYEKFLRQHVDYPRTAAPDTRTYCNQMMQRRGMTLPVCKFTNTFVHASAASITTICGPGGAPAGGNLRDSTASFALTT
CRLQGGSQRPPCNYNGGTSTQRIRIACDGGLPVHYDRAI
;
_entity_poly.pdbx_strand_id                 A 
_entity_poly.pdbx_target_identifier         ? 
# 
loop_
_pdbx_entity_nonpoly.entity_id 
_pdbx_entity_nonpoly.name 
_pdbx_entity_nonpoly.comp_id 
2 'SULFATE ION' SO4 
3 GLYCEROL      GOL 
4 water         HOH 
# 
loop_
_entity_poly_seq.entity_id 
_entity_poly_seq.num 
_entity_poly_seq.mon_id 
_entity_poly_seq.hetero 
1 1   GLU n 
1 2   THR n 
1 3   ARG n 
1 4   TYR n 
1 5   GLU n 
1 6   LYS n 
1 7   PHE n 
1 8   LEU n 
1 9   ARG n 
1 10  GLN n 
1 11  HIS n 
1 12  VAL n 
1 13  ASP n 
1 14  TYR n 
1 15  PRO n 
1 16  ARG n 
1 17  THR n 
1 18  ALA n 
1 19  ALA n 
1 20  PRO n 
1 21  ASP n 
1 22  THR n 
1 23  ARG n 
1 24  THR n 
1 25  TYR n 
1 26  CYS n 
1 27  ASN n 
1 28  GLN n 
1 29  MET n 
1 30  MET n 
1 31  GLN n 
1 32  ARG n 
1 33  ARG n 
1 34  GLY n 
1 35  MET n 
1 36  THR n 
1 37  LEU n 
1 38  PRO n 
1 39  VAL n 
1 40  CYS n 
1 41  LYS n 
1 42  PHE n 
1 43  THR n 
1 44  ASN n 
1 45  THR n 
1 46  PHE n 
1 47  VAL n 
1 48  HIS n 
1 49  ALA n 
1 50  SER n 
1 51  ALA n 
1 52  ALA n 
1 53  SER n 
1 54  ILE n 
1 55  THR n 
1 56  THR n 
1 57  ILE n 
1 58  CYS n 
1 59  GLY n 
1 60  PRO n 
1 61  GLY n 
1 62  GLY n 
1 63  ALA n 
1 64  PRO n 
1 65  ALA n 
1 66  GLY n 
1 67  GLY n 
1 68  ASN n 
1 69  LEU n 
1 70  ARG n 
1 71  ASP n 
1 72  SER n 
1 73  THR n 
1 74  ALA n 
1 75  SER n 
1 76  PHE n 
1 77  ALA n 
1 78  LEU n 
1 79  THR n 
1 80  THR n 
1 81  CYS n 
1 82  ARG n 
1 83  LEU n 
1 84  GLN n 
1 85  GLY n 
1 86  GLY n 
1 87  SER n 
1 88  GLN n 
1 89  ARG n 
1 90  PRO n 
1 91  PRO n 
1 92  CYS n 
1 93  ASN n 
1 94  TYR n 
1 95  ASN n 
1 96  GLY n 
1 97  GLY n 
1 98  THR n 
1 99  SER n 
1 100 THR n 
1 101 GLN n 
1 102 ARG n 
1 103 ILE n 
1 104 ARG n 
1 105 ILE n 
1 106 ALA n 
1 107 CYS n 
1 108 ASP n 
1 109 GLY n 
1 110 GLY n 
1 111 LEU n 
1 112 PRO n 
1 113 VAL n 
1 114 HIS n 
1 115 TYR n 
1 116 ASP n 
1 117 ARG n 
1 118 ALA n 
1 119 ILE n 
# 
_entity_src_nat.entity_id                  1 
_entity_src_nat.pdbx_src_id                1 
_entity_src_nat.pdbx_alt_source_flag       sample 
_entity_src_nat.pdbx_beg_seq_num           ? 
_entity_src_nat.pdbx_end_seq_num           ? 
_entity_src_nat.common_name                'Green sea-turtle' 
_entity_src_nat.pdbx_organism_scientific   'Chelonia mydas' 
_entity_src_nat.pdbx_ncbi_taxonomy_id      8469 
_entity_src_nat.genus                      ? 
_entity_src_nat.species                    ? 
_entity_src_nat.strain                     ? 
_entity_src_nat.tissue                     'Egg White' 
_entity_src_nat.tissue_fraction            ? 
_entity_src_nat.pdbx_secretion             ? 
_entity_src_nat.pdbx_fragment              ? 
_entity_src_nat.pdbx_variant               ? 
_entity_src_nat.pdbx_cell_line             ? 
_entity_src_nat.pdbx_atcc                  ? 
_entity_src_nat.pdbx_cellular_location     ? 
_entity_src_nat.pdbx_organ                 ? 
_entity_src_nat.pdbx_organelle             ? 
_entity_src_nat.pdbx_cell                  ? 
_entity_src_nat.pdbx_plasmid_name          ? 
_entity_src_nat.pdbx_plasmid_details       ? 
_entity_src_nat.details                    ? 
# 
loop_
_chem_comp.id 
_chem_comp.type 
_chem_comp.mon_nstd_flag 
_chem_comp.name 
_chem_comp.pdbx_synonyms 
_chem_comp.formula 
_chem_comp.formula_weight 
ALA 'L-peptide linking' y ALANINE         ?                               'C3 H7 N O2'     89.093  
ARG 'L-peptide linking' y ARGININE        ?                               'C6 H15 N4 O2 1' 175.209 
ASN 'L-peptide linking' y ASPARAGINE      ?                               'C4 H8 N2 O3'    132.118 
ASP 'L-peptide linking' y 'ASPARTIC ACID' ?                               'C4 H7 N O4'     133.103 
CYS 'L-peptide linking' y CYSTEINE        ?                               'C3 H7 N O2 S'   121.158 
GLN 'L-peptide linking' y GLUTAMINE       ?                               'C5 H10 N2 O3'   146.144 
GLU 'L-peptide linking' y 'GLUTAMIC ACID' ?                               'C5 H9 N O4'     147.129 
GLY 'peptide linking'   y GLYCINE         ?                               'C2 H5 N O2'     75.067  
GOL non-polymer         . GLYCEROL        'GLYCERIN; PROPANE-1,2,3-TRIOL' 'C3 H8 O3'       92.094  
HIS 'L-peptide linking' y HISTIDINE       ?                               'C6 H10 N3 O2 1' 156.162 
HOH non-polymer         . WATER           ?                               'H2 O'           18.015  
ILE 'L-peptide linking' y ISOLEUCINE      ?                               'C6 H13 N O2'    131.173 
LEU 'L-peptide linking' y LEUCINE         ?                               'C6 H13 N O2'    131.173 
LYS 'L-peptide linking' y LYSINE          ?                               'C6 H15 N2 O2 1' 147.195 
MET 'L-peptide linking' y METHIONINE      ?                               'C5 H11 N O2 S'  149.211 
PHE 'L-peptide linking' y PHENYLALANINE   ?                               'C9 H11 N O2'    165.189 
PRO 'L-peptide linking' y PROLINE         ?                               'C5 H9 N O2'     115.130 
SER 'L-peptide linking' y SERINE          ?                               'C3 H7 N O3'     105.093 
SO4 non-polymer         . 'SULFATE ION'   ?                               'O4 S -2'        96.063  
THR 'L-peptide linking' y THREONINE       ?                               'C4 H9 N O3'     119.119 
TYR 'L-peptide linking' y TYROSINE        ?                               'C9 H11 N O3'    181.189 
VAL 'L-peptide linking' y VALINE          ?                               'C5 H11 N O2'    117.146 
# 
loop_
_pdbx_poly_seq_scheme.asym_id 
_pdbx_poly_seq_scheme.entity_id 
_pdbx_poly_seq_scheme.seq_id 
_pdbx_poly_seq_scheme.mon_id 
_pdbx_poly_seq_scheme.ndb_seq_num 
_pdbx_poly_seq_scheme.pdb_seq_num 
_pdbx_poly_seq_scheme.auth_seq_num 
_pdbx_poly_seq_scheme.pdb_mon_id 
_pdbx_poly_seq_scheme.auth_mon_id 
_pdbx_poly_seq_scheme.pdb_strand_id 
_pdbx_poly_seq_scheme.pdb_ins_code 
_pdbx_poly_seq_scheme.hetero 
A 1 1   GLU 1   1   1   GLU GLU A . n 
A 1 2   THR 2   2   2   THR THR A . n 
A 1 3   ARG 3   3   3   ARG ARG A . n 
A 1 4   TYR 4   4   4   TYR TYR A . n 
A 1 5   GLU 5   5   5   GLU GLU A . n 
A 1 6   LYS 6   6   6   LYS LYS A . n 
A 1 7   PHE 7   7   7   PHE PHE A . n 
A 1 8   LEU 8   8   8   LEU LEU A . n 
A 1 9   ARG 9   9   9   ARG ARG A . n 
A 1 10  GLN 10  10  10  GLN GLN A . n 
A 1 11  HIS 11  11  11  HIS HIS A . n 
A 1 12  VAL 12  12  12  VAL VAL A . n 
A 1 13  ASP 13  13  13  ASP ASP A . n 
A 1 14  TYR 14  14  14  TYR TYR A . n 
A 1 15  PRO 15  15  15  PRO PRO A . n 
A 1 16  ARG 16  16  16  ARG ARG A . n 
A 1 17  THR 17  17  17  THR THR A . n 
A 1 18  ALA 18  18  18  ALA ALA A . n 
A 1 19  ALA 19  19  19  ALA ALA A . n 
A 1 20  PRO 20  20  20  PRO PRO A . n 
A 1 21  ASP 21  21  21  ASP ASP A . n 
A 1 22  THR 22  22  22  THR THR A . n 
A 1 23  ARG 23  23  23  ARG ARG A . n 
A 1 24  THR 24  24  24  THR THR A . n 
A 1 25  TYR 25  25  25  TYR TYR A . n 
A 1 26  CYS 26  26  26  CYS CYS A . n 
A 1 27  ASN 27  27  27  ASN ASN A . n 
A 1 28  GLN 28  28  28  GLN GLN A . n 
A 1 29  MET 29  29  29  MET MET A . n 
A 1 30  MET 30  30  30  MET MET A . n 
A 1 31  GLN 31  31  31  GLN GLN A . n 
A 1 32  ARG 32  32  32  ARG ARG A . n 
A 1 33  ARG 33  33  33  ARG ARG A . n 
A 1 34  GLY 34  34  34  GLY GLY A . n 
A 1 35  MET 35  35  35  MET MET A . n 
A 1 36  THR 36  36  36  THR THR A . n 
A 1 37  LEU 37  37  37  LEU LEU A . n 
A 1 38  PRO 38  38  38  PRO PRO A . n 
A 1 39  VAL 39  39  39  VAL VAL A . n 
A 1 40  CYS 40  40  40  CYS CYS A . n 
A 1 41  LYS 41  41  41  LYS LYS A . n 
A 1 42  PHE 42  42  42  PHE PHE A . n 
A 1 43  THR 43  43  43  THR THR A . n 
A 1 44  ASN 44  44  44  ASN ASN A . n 
A 1 45  THR 45  45  45  THR THR A . n 
A 1 46  PHE 46  46  46  PHE PHE A . n 
A 1 47  VAL 47  47  47  VAL VAL A . n 
A 1 48  HIS 48  48  48  HIS HIS A . n 
A 1 49  ALA 49  49  49  ALA ALA A . n 
A 1 50  SER 50  50  50  SER SER A . n 
A 1 51  ALA 51  51  51  ALA ALA A . n 
A 1 52  ALA 52  52  52  ALA ALA A . n 
A 1 53  SER 53  53  53  SER SER A . n 
A 1 54  ILE 54  54  54  ILE ILE A . n 
A 1 55  THR 55  55  55  THR THR A . n 
A 1 56  THR 56  56  56  THR THR A . n 
A 1 57  ILE 57  57  57  ILE ILE A . n 
A 1 58  CYS 58  58  58  CYS CYS A . n 
A 1 59  GLY 59  59  59  GLY GLY A . n 
A 1 60  PRO 60  60  60  PRO PRO A . n 
A 1 61  GLY 61  61  61  GLY GLY A . n 
A 1 62  GLY 62  62  62  GLY GLY A . n 
A 1 63  ALA 63  63  63  ALA ALA A . n 
A 1 64  PRO 64  64  64  PRO PRO A . n 
A 1 65  ALA 65  65  65  ALA ALA A . n 
A 1 66  GLY 66  66  66  GLY GLY A . n 
A 1 67  GLY 67  67  67  GLY GLY A . n 
A 1 68  ASN 68  68  68  ASN ASN A . n 
A 1 69  LEU 69  69  69  LEU LEU A . n 
A 1 70  ARG 70  70  70  ARG ARG A . n 
A 1 71  ASP 71  71  71  ASP ASP A . n 
A 1 72  SER 72  72  72  SER SER A . n 
A 1 73  THR 73  73  73  THR THR A . n 
A 1 74  ALA 74  74  74  ALA ALA A . n 
A 1 75  SER 75  75  75  SER SER A . n 
A 1 76  PHE 76  76  76  PHE PHE A . n 
A 1 77  ALA 77  77  77  ALA ALA A . n 
A 1 78  LEU 78  78  78  LEU LEU A . n 
A 1 79  THR 79  79  79  THR THR A . n 
A 1 80  THR 80  80  80  THR THR A . n 
A 1 81  CYS 81  81  81  CYS CYS A . n 
A 1 82  ARG 82  82  82  ARG ARG A . n 
A 1 83  LEU 83  83  83  LEU LEU A . n 
A 1 84  GLN 84  84  84  GLN GLN A . n 
A 1 85  GLY 85  85  85  GLY GLY A . n 
A 1 86  GLY 86  86  86  GLY GLY A . n 
A 1 87  SER 87  87  87  SER SER A . n 
A 1 88  GLN 88  88  88  GLN GLN A . n 
A 1 89  ARG 89  89  89  ARG ARG A . n 
A 1 90  PRO 90  90  90  PRO PRO A . n 
A 1 91  PRO 91  91  91  PRO PRO A . n 
A 1 92  CYS 92  92  92  CYS CYS A . n 
A 1 93  ASN 93  93  93  ASN ASN A . n 
A 1 94  TYR 94  94  94  TYR TYR A . n 
A 1 95  ASN 95  95  95  ASN ASN A . n 
A 1 96  GLY 96  96  96  GLY GLY A . n 
A 1 97  GLY 97  97  97  GLY GLY A . n 
A 1 98  THR 98  98  98  THR THR A . n 
A 1 99  SER 99  99  99  SER SER A . n 
A 1 100 THR 100 100 100 THR THR A . n 
A 1 101 GLN 101 101 101 GLN GLN A . n 
A 1 102 ARG 102 102 102 ARG ARG A . n 
A 1 103 ILE 103 103 103 ILE ILE A . n 
A 1 104 ARG 104 104 104 ARG ARG A . n 
A 1 105 ILE 105 105 105 ILE ILE A . n 
A 1 106 ALA 106 106 106 ALA ALA A . n 
A 1 107 CYS 107 107 107 CYS CYS A . n 
A 1 108 ASP 108 108 108 ASP ASP A . n 
A 1 109 GLY 109 109 109 GLY GLY A . n 
A 1 110 GLY 110 110 110 GLY GLY A . n 
A 1 111 LEU 111 111 111 LEU LEU A . n 
A 1 112 PRO 112 112 112 PRO PRO A . n 
A 1 113 VAL 113 113 113 VAL VAL A . n 
A 1 114 HIS 114 114 114 HIS HIS A . n 
A 1 115 TYR 115 115 115 TYR TYR A . n 
A 1 116 ASP 116 116 116 ASP ASP A . n 
A 1 117 ARG 117 117 117 ARG ARG A . n 
A 1 118 ALA 118 118 118 ALA ALA A . n 
A 1 119 ILE 119 119 119 ILE ILE A . n 
# 
loop_
_pdbx_nonpoly_scheme.asym_id 
_pdbx_nonpoly_scheme.entity_id 
_pdbx_nonpoly_scheme.mon_id 
_pdbx_nonpoly_scheme.ndb_seq_num 
_pdbx_nonpoly_scheme.pdb_seq_num 
_pdbx_nonpoly_scheme.auth_seq_num 
_pdbx_nonpoly_scheme.pdb_mon_id 
_pdbx_nonpoly_scheme.auth_mon_id 
_pdbx_nonpoly_scheme.pdb_strand_id 
_pdbx_nonpoly_scheme.pdb_ins_code 
B 2 SO4 1   120 1   SO4 SO4 A . 
C 2 SO4 1   121 2   SO4 SO4 A . 
D 2 SO4 1   122 3   SO4 SO4 A . 
E 2 SO4 1   123 4   SO4 SO4 A . 
F 2 SO4 1   124 5   SO4 SO4 A . 
G 3 GOL 1   125 1   GOL GOL A . 
H 3 GOL 1   126 2   GOL GOL A . 
I 3 GOL 1   127 3   GOL GOL A . 
J 3 GOL 1   128 4   GOL GOL A . 
K 3 GOL 1   129 5   GOL GOL A . 
L 3 GOL 1   130 6   GOL GOL A . 
M 3 GOL 1   131 7   GOL GOL A . 
N 4 HOH 1   132 1   HOH HOH A . 
N 4 HOH 2   133 2   HOH HOH A . 
N 4 HOH 3   134 3   HOH HOH A . 
N 4 HOH 4   135 4   HOH HOH A . 
N 4 HOH 5   136 5   HOH HOH A . 
N 4 HOH 6   137 6   HOH HOH A . 
N 4 HOH 7   138 7   HOH HOH A . 
N 4 HOH 8   139 8   HOH HOH A . 
N 4 HOH 9   140 9   HOH HOH A . 
N 4 HOH 10  141 10  HOH HOH A . 
N 4 HOH 11  142 11  HOH HOH A . 
N 4 HOH 12  143 12  HOH HOH A . 
N 4 HOH 13  144 13  HOH HOH A . 
N 4 HOH 14  145 14  HOH HOH A . 
N 4 HOH 15  146 15  HOH HOH A . 
N 4 HOH 16  147 16  HOH HOH A . 
N 4 HOH 17  148 17  HOH HOH A . 
N 4 HOH 18  149 18  HOH HOH A . 
N 4 HOH 19  150 19  HOH HOH A . 
N 4 HOH 20  151 20  HOH HOH A . 
N 4 HOH 21  152 21  HOH HOH A . 
N 4 HOH 22  153 22  HOH HOH A . 
N 4 HOH 23  154 23  HOH HOH A . 
N 4 HOH 24  155 24  HOH HOH A . 
N 4 HOH 25  156 25  HOH HOH A . 
N 4 HOH 26  157 26  HOH HOH A . 
N 4 HOH 27  158 27  HOH HOH A . 
N 4 HOH 28  159 28  HOH HOH A . 
N 4 HOH 29  160 29  HOH HOH A . 
N 4 HOH 30  161 30  HOH HOH A . 
N 4 HOH 31  162 31  HOH HOH A . 
N 4 HOH 32  163 32  HOH HOH A . 
N 4 HOH 33  164 33  HOH HOH A . 
N 4 HOH 34  165 34  HOH HOH A . 
N 4 HOH 35  166 35  HOH HOH A . 
N 4 HOH 36  167 36  HOH HOH A . 
N 4 HOH 37  168 37  HOH HOH A . 
N 4 HOH 38  169 38  HOH HOH A . 
N 4 HOH 39  170 39  HOH HOH A . 
N 4 HOH 40  171 40  HOH HOH A . 
N 4 HOH 41  172 41  HOH HOH A . 
N 4 HOH 42  173 42  HOH HOH A . 
N 4 HOH 43  174 43  HOH HOH A . 
N 4 HOH 44  175 44  HOH HOH A . 
N 4 HOH 45  176 45  HOH HOH A . 
N 4 HOH 46  177 46  HOH HOH A . 
N 4 HOH 47  178 47  HOH HOH A . 
N 4 HOH 48  179 48  HOH HOH A . 
N 4 HOH 49  180 49  HOH HOH A . 
N 4 HOH 50  181 50  HOH HOH A . 
N 4 HOH 51  182 51  HOH HOH A . 
N 4 HOH 52  183 52  HOH HOH A . 
N 4 HOH 53  184 53  HOH HOH A . 
N 4 HOH 54  185 54  HOH HOH A . 
N 4 HOH 55  186 55  HOH HOH A . 
N 4 HOH 56  187 56  HOH HOH A . 
N 4 HOH 57  188 57  HOH HOH A . 
N 4 HOH 58  189 58  HOH HOH A . 
N 4 HOH 59  190 59  HOH HOH A . 
N 4 HOH 60  191 60  HOH HOH A . 
N 4 HOH 61  192 61  HOH HOH A . 
N 4 HOH 62  193 62  HOH HOH A . 
N 4 HOH 63  194 63  HOH HOH A . 
N 4 HOH 64  195 64  HOH HOH A . 
N 4 HOH 65  196 65  HOH HOH A . 
N 4 HOH 66  197 66  HOH HOH A . 
N 4 HOH 67  198 67  HOH HOH A . 
N 4 HOH 68  199 68  HOH HOH A . 
N 4 HOH 69  200 69  HOH HOH A . 
N 4 HOH 70  201 70  HOH HOH A . 
N 4 HOH 71  202 71  HOH HOH A . 
N 4 HOH 72  203 72  HOH HOH A . 
N 4 HOH 73  204 73  HOH HOH A . 
N 4 HOH 74  205 74  HOH HOH A . 
N 4 HOH 75  206 75  HOH HOH A . 
N 4 HOH 76  207 76  HOH HOH A . 
N 4 HOH 77  208 77  HOH HOH A . 
N 4 HOH 78  209 78  HOH HOH A . 
N 4 HOH 79  210 79  HOH HOH A . 
N 4 HOH 80  211 80  HOH HOH A . 
N 4 HOH 81  212 81  HOH HOH A . 
N 4 HOH 82  213 82  HOH HOH A . 
N 4 HOH 83  214 83  HOH HOH A . 
N 4 HOH 84  215 84  HOH HOH A . 
N 4 HOH 85  216 85  HOH HOH A . 
N 4 HOH 86  217 86  HOH HOH A . 
N 4 HOH 87  218 87  HOH HOH A . 
N 4 HOH 88  219 88  HOH HOH A . 
N 4 HOH 89  220 89  HOH HOH A . 
N 4 HOH 90  221 90  HOH HOH A . 
N 4 HOH 91  222 91  HOH HOH A . 
N 4 HOH 92  223 92  HOH HOH A . 
N 4 HOH 93  224 93  HOH HOH A . 
N 4 HOH 94  225 94  HOH HOH A . 
N 4 HOH 95  226 95  HOH HOH A . 
N 4 HOH 96  227 96  HOH HOH A . 
N 4 HOH 97  228 97  HOH HOH A . 
N 4 HOH 98  229 98  HOH HOH A . 
N 4 HOH 99  230 99  HOH HOH A . 
N 4 HOH 100 231 100 HOH HOH A . 
N 4 HOH 101 232 101 HOH HOH A . 
N 4 HOH 102 233 102 HOH HOH A . 
N 4 HOH 103 234 103 HOH HOH A . 
N 4 HOH 104 235 104 HOH HOH A . 
N 4 HOH 105 236 105 HOH HOH A . 
N 4 HOH 106 237 106 HOH HOH A . 
N 4 HOH 107 238 107 HOH HOH A . 
N 4 HOH 108 239 108 HOH HOH A . 
N 4 HOH 109 240 109 HOH HOH A . 
N 4 HOH 110 241 110 HOH HOH A . 
N 4 HOH 111 242 111 HOH HOH A . 
N 4 HOH 112 243 112 HOH HOH A . 
N 4 HOH 113 244 113 HOH HOH A . 
N 4 HOH 114 245 114 HOH HOH A . 
N 4 HOH 115 246 115 HOH HOH A . 
N 4 HOH 116 247 116 HOH HOH A . 
N 4 HOH 117 248 117 HOH HOH A . 
N 4 HOH 118 249 118 HOH HOH A . 
N 4 HOH 119 250 119 HOH HOH A . 
N 4 HOH 120 251 120 HOH HOH A . 
N 4 HOH 121 252 121 HOH HOH A . 
N 4 HOH 122 253 122 HOH HOH A . 
N 4 HOH 123 254 123 HOH HOH A . 
N 4 HOH 124 255 124 HOH HOH A . 
N 4 HOH 125 256 125 HOH HOH A . 
N 4 HOH 126 257 126 HOH HOH A . 
N 4 HOH 127 258 127 HOH HOH A . 
N 4 HOH 128 259 128 HOH HOH A . 
N 4 HOH 129 260 129 HOH HOH A . 
N 4 HOH 130 261 130 HOH HOH A . 
N 4 HOH 131 262 131 HOH HOH A . 
N 4 HOH 132 263 132 HOH HOH A . 
N 4 HOH 133 264 133 HOH HOH A . 
N 4 HOH 134 265 134 HOH HOH A . 
N 4 HOH 135 266 135 HOH HOH A . 
N 4 HOH 136 267 136 HOH HOH A . 
N 4 HOH 137 268 137 HOH HOH A . 
N 4 HOH 138 269 138 HOH HOH A . 
N 4 HOH 139 270 139 HOH HOH A . 
N 4 HOH 140 271 140 HOH HOH A . 
N 4 HOH 141 272 141 HOH HOH A . 
N 4 HOH 142 273 142 HOH HOH A . 
N 4 HOH 143 274 143 HOH HOH A . 
N 4 HOH 144 275 144 HOH HOH A . 
N 4 HOH 145 276 145 HOH HOH A . 
N 4 HOH 146 277 146 HOH HOH A . 
N 4 HOH 147 278 147 HOH HOH A . 
N 4 HOH 148 279 148 HOH HOH A . 
N 4 HOH 149 280 149 HOH HOH A . 
N 4 HOH 150 281 150 HOH HOH A . 
N 4 HOH 151 282 151 HOH HOH A . 
N 4 HOH 152 283 152 HOH HOH A . 
# 
loop_
_software.name 
_software.classification 
_software.version 
_software.citation_id 
_software.pdbx_ordinal 
REFMAC   refinement        5.2.0019 ? 1 
HKL-2000 'data collection' .        ? 2 
HKL-2000 'data reduction'  .        ? 3 
HKL-2000 'data scaling'    .        ? 4 
MOLREP   phasing           .        ? 5 
# 
_cell.entry_id           2ZPO 
_cell.length_a           86.271 
_cell.length_b           34.174 
_cell.length_c           39.738 
_cell.angle_alpha        90.00 
_cell.angle_beta         102.03 
_cell.angle_gamma        90.00 
_cell.Z_PDB              4 
_cell.pdbx_unique_axis   ? 
_cell.length_a_esd       ? 
_cell.length_b_esd       ? 
_cell.length_c_esd       ? 
_cell.angle_alpha_esd    ? 
_cell.angle_beta_esd     ? 
_cell.angle_gamma_esd    ? 
# 
_symmetry.entry_id                         2ZPO 
_symmetry.space_group_name_H-M             'C 1 2 1' 
_symmetry.pdbx_full_space_group_name_H-M   ? 
_symmetry.cell_setting                     ? 
_symmetry.Int_Tables_number                5 
_symmetry.space_group_name_Hall            ? 
# 
_exptl.entry_id          2ZPO 
_exptl.method            'X-RAY DIFFRACTION' 
_exptl.crystals_number   1 
# 
_exptl_crystal.id                    1 
_exptl_crystal.density_meas          ? 
_exptl_crystal.density_Matthews      2.21 
_exptl_crystal.density_percent_sol   44.22 
_exptl_crystal.description           ? 
_exptl_crystal.F_000                 ? 
_exptl_crystal.preparation           ? 
# 
_exptl_crystal_grow.crystal_id      1 
_exptl_crystal_grow.method          'VAPOR DIFFUSION, HANGING DROP' 
_exptl_crystal_grow.temp            293 
_exptl_crystal_grow.temp_details    ? 
_exptl_crystal_grow.pH              5.5 
_exptl_crystal_grow.pdbx_details    '1.1M Ammonium sulfate, 30% glycerol, pH 5.5, VAPOR DIFFUSION, HANGING DROP, temperature 293K' 
_exptl_crystal_grow.pdbx_pH_range   . 
# 
_diffrn.id                     1 
_diffrn.ambient_temp           100 
_diffrn.ambient_temp_details   ? 
_diffrn.crystal_id             1 
# 
_diffrn_detector.diffrn_id              1 
_diffrn_detector.detector               CCD 
_diffrn_detector.type                   'MAR CCD 130 mm' 
_diffrn_detector.pdbx_collection_date   2006-09-12 
_diffrn_detector.details                ? 
# 
_diffrn_radiation.diffrn_id                        1 
_diffrn_radiation.wavelength_id                    1 
_diffrn_radiation.pdbx_monochromatic_or_laue_m_l   M 
_diffrn_radiation.monochromator                    ? 
_diffrn_radiation.pdbx_diffrn_protocol             'SINGLE WAVELENGTH' 
_diffrn_radiation.pdbx_scattering_type             x-ray 
# 
_diffrn_radiation_wavelength.id           1 
_diffrn_radiation_wavelength.wavelength   1.0 
_diffrn_radiation_wavelength.wt           1.0 
# 
_diffrn_source.diffrn_id                   1 
_diffrn_source.source                      SYNCHROTRON 
_diffrn_source.type                        'SPRING-8 BEAMLINE BL38B1' 
_diffrn_source.pdbx_synchrotron_site       SPring-8 
_diffrn_source.pdbx_synchrotron_beamline   BL38B1 
_diffrn_source.pdbx_wavelength             ? 
_diffrn_source.pdbx_wavelength_list        1.0 
# 
_reflns.entry_id                     2ZPO 
_reflns.observed_criterion_sigma_F   ? 
_reflns.observed_criterion_sigma_I   ? 
_reflns.d_resolution_high            1.599 
_reflns.d_resolution_low             42.182 
_reflns.number_all                   ? 
_reflns.number_obs                   14850 
_reflns.percent_possible_obs         ? 
_reflns.pdbx_Rmerge_I_obs            ? 
_reflns.pdbx_Rsym_value              ? 
_reflns.pdbx_netI_over_sigmaI        ? 
_reflns.B_iso_Wilson_estimate        19.13 
_reflns.pdbx_redundancy              ? 
_reflns.R_free_details               ? 
_reflns.limit_h_max                  ? 
_reflns.limit_h_min                  ? 
_reflns.limit_k_max                  ? 
_reflns.limit_k_min                  ? 
_reflns.limit_l_max                  ? 
_reflns.limit_l_min                  ? 
_reflns.observed_criterion_F_max     ? 
_reflns.observed_criterion_F_min     ? 
_reflns.pdbx_chi_squared             ? 
_reflns.pdbx_scaling_rejects         ? 
_reflns.pdbx_ordinal                 1 
_reflns.pdbx_diffrn_id               1 
# 
_refine.entry_id                                 2ZPO 
_refine.ls_number_reflns_obs                     14099 
_refine.ls_number_reflns_all                     ? 
_refine.pdbx_ls_sigma_I                          ? 
_refine.pdbx_ls_sigma_F                          ? 
_refine.pdbx_data_cutoff_high_absF               ? 
_refine.pdbx_data_cutoff_low_absF                ? 
_refine.pdbx_data_cutoff_high_rms_absF           ? 
_refine.ls_d_res_low                             21.72 
_refine.ls_d_res_high                            1.60 
_refine.ls_percent_reflns_obs                    97.88 
_refine.ls_R_factor_obs                          0.18608 
_refine.ls_R_factor_all                          ? 
_refine.ls_R_factor_R_work                       0.18297 
_refine.ls_R_factor_R_free                       0.24722 
_refine.ls_R_factor_R_free_error                 ? 
_refine.ls_R_factor_R_free_error_details         ? 
_refine.ls_percent_reflns_R_free                 5.0 
_refine.ls_number_reflns_R_free                  749 
_refine.ls_number_parameters                     ? 
_refine.ls_number_restraints                     ? 
_refine.occupancy_min                            ? 
_refine.occupancy_max                            ? 
_refine.correlation_coeff_Fo_to_Fc               0.965 
_refine.correlation_coeff_Fo_to_Fc_free          0.938 
_refine.B_iso_mean                               22.384 
_refine.aniso_B[1][1]                            0.00 
_refine.aniso_B[2][2]                            0.00 
_refine.aniso_B[3][3]                            0.00 
_refine.aniso_B[1][2]                            0.00 
_refine.aniso_B[1][3]                            0.00 
_refine.aniso_B[2][3]                            0.00 
_refine.solvent_model_details                    MASK 
_refine.solvent_model_param_ksol                 ? 
_refine.solvent_model_param_bsol                 ? 
_refine.pdbx_solvent_vdw_probe_radii             1.40 
_refine.pdbx_solvent_ion_probe_radii             0.80 
_refine.pdbx_solvent_shrinkage_radii             0.80 
_refine.pdbx_ls_cross_valid_method               THROUGHOUT 
_refine.details                                  'HYDROGENS HAVE BEEN ADDED IN THE RIDING POSITIONS' 
_refine.pdbx_starting_model                      2BWL 
_refine.pdbx_method_to_determine_struct          'MOLECULAR REPLACEMENT' 
_refine.pdbx_isotropic_thermal_model             ? 
_refine.pdbx_stereochemistry_target_values       'MAXIMUM LIKELIHOOD' 
_refine.pdbx_stereochem_target_val_spec_case     ? 
_refine.pdbx_R_Free_selection_details            RANDOM 
_refine.pdbx_overall_ESU_R                       0.106 
_refine.pdbx_overall_ESU_R_Free                  0.117 
_refine.overall_SU_ML                            0.081 
_refine.overall_SU_B                             2.281 
_refine.ls_redundancy_reflns_obs                 ? 
_refine.B_iso_min                                ? 
_refine.B_iso_max                                ? 
_refine.overall_SU_R_Cruickshank_DPI             ? 
_refine.overall_SU_R_free                        ? 
_refine.ls_wR_factor_R_free                      ? 
_refine.ls_wR_factor_R_work                      ? 
_refine.overall_FOM_free_R_set                   ? 
_refine.overall_FOM_work_R_set                   ? 
_refine.pdbx_overall_phase_error                 ? 
_refine.pdbx_refine_id                           'X-RAY DIFFRACTION' 
_refine.pdbx_diffrn_id                           1 
_refine.pdbx_TLS_residual_ADP_flag               ? 
_refine.pdbx_overall_SU_R_free_Cruickshank_DPI   ? 
_refine.pdbx_overall_SU_R_Blow_DPI               ? 
_refine.pdbx_overall_SU_R_free_Blow_DPI          ? 
# 
_refine_hist.pdbx_refine_id                   'X-RAY DIFFRACTION' 
_refine_hist.cycle_id                         LAST 
_refine_hist.pdbx_number_atoms_protein        905 
_refine_hist.pdbx_number_atoms_nucleic_acid   0 
_refine_hist.pdbx_number_atoms_ligand         67 
_refine_hist.number_atoms_solvent             152 
_refine_hist.number_atoms_total               1124 
_refine_hist.d_res_high                       1.60 
_refine_hist.d_res_low                        21.72 
# 
loop_
_refine_ls_restr.type 
_refine_ls_restr.dev_ideal 
_refine_ls_restr.dev_ideal_target 
_refine_ls_restr.weight 
_refine_ls_restr.number 
_refine_ls_restr.pdbx_refine_id 
_refine_ls_restr.pdbx_restraint_function 
r_bond_refined_d             0.013  0.021  ? 1043 'X-RAY DIFFRACTION' ? 
r_bond_other_d               ?      ?      ? ?    'X-RAY DIFFRACTION' ? 
r_angle_refined_deg          1.513  1.994  ? 1416 'X-RAY DIFFRACTION' ? 
r_angle_other_deg            ?      ?      ? ?    'X-RAY DIFFRACTION' ? 
r_dihedral_angle_1_deg       22.472 5.000  ? 132  'X-RAY DIFFRACTION' ? 
r_dihedral_angle_2_deg       33.123 21.042 ? 48   'X-RAY DIFFRACTION' ? 
r_dihedral_angle_3_deg       11.403 15.000 ? 159  'X-RAY DIFFRACTION' ? 
r_dihedral_angle_4_deg       13.451 15.000 ? 15   'X-RAY DIFFRACTION' ? 
r_chiral_restr               0.117  0.200  ? 146  'X-RAY DIFFRACTION' ? 
r_gen_planes_refined         0.008  0.020  ? 780  'X-RAY DIFFRACTION' ? 
r_gen_planes_other           ?      ?      ? ?    'X-RAY DIFFRACTION' ? 
r_nbd_refined                0.200  0.200  ? 469  'X-RAY DIFFRACTION' ? 
r_nbd_other                  ?      ?      ? ?    'X-RAY DIFFRACTION' ? 
r_nbtor_refined              0.301  0.200  ? 697  'X-RAY DIFFRACTION' ? 
r_nbtor_other                ?      ?      ? ?    'X-RAY DIFFRACTION' ? 
r_xyhbond_nbd_refined        0.142  0.200  ? 129  'X-RAY DIFFRACTION' ? 
r_xyhbond_nbd_other          ?      ?      ? ?    'X-RAY DIFFRACTION' ? 
r_metal_ion_refined          ?      ?      ? ?    'X-RAY DIFFRACTION' ? 
r_metal_ion_other            ?      ?      ? ?    'X-RAY DIFFRACTION' ? 
r_symmetry_vdw_refined       0.234  0.200  ? 67   'X-RAY DIFFRACTION' ? 
r_symmetry_vdw_other         ?      ?      ? ?    'X-RAY DIFFRACTION' ? 
r_symmetry_hbond_refined     0.272  0.200  ? 35   'X-RAY DIFFRACTION' ? 
r_symmetry_hbond_other       ?      ?      ? ?    'X-RAY DIFFRACTION' ? 
r_symmetry_metal_ion_refined ?      ?      ? ?    'X-RAY DIFFRACTION' ? 
r_symmetry_metal_ion_other   ?      ?      ? ?    'X-RAY DIFFRACTION' ? 
r_mcbond_it                  0.971  1.500  ? 630  'X-RAY DIFFRACTION' ? 
r_mcbond_other               ?      ?      ? ?    'X-RAY DIFFRACTION' ? 
r_mcangle_it                 1.301  2.000  ? 998  'X-RAY DIFFRACTION' ? 
r_scbond_it                  2.141  3.000  ? 445  'X-RAY DIFFRACTION' ? 
r_scangle_it                 3.239  4.500  ? 410  'X-RAY DIFFRACTION' ? 
r_rigid_bond_restr           ?      ?      ? ?    'X-RAY DIFFRACTION' ? 
r_sphericity_free            ?      ?      ? ?    'X-RAY DIFFRACTION' ? 
r_sphericity_bonded          ?      ?      ? ?    'X-RAY DIFFRACTION' ? 
# 
_refine_ls_shell.pdbx_total_number_of_bins_used   20 
_refine_ls_shell.d_res_high                       1.600 
_refine_ls_shell.d_res_low                        1.641 
_refine_ls_shell.number_reflns_R_work             900 
_refine_ls_shell.R_factor_R_work                  0.278 
_refine_ls_shell.percent_reflns_obs               85.50 
_refine_ls_shell.R_factor_R_free                  0.396 
_refine_ls_shell.R_factor_R_free_error            ? 
_refine_ls_shell.percent_reflns_R_free            ? 
_refine_ls_shell.number_reflns_R_free             49 
_refine_ls_shell.number_reflns_all                ? 
_refine_ls_shell.R_factor_all                     ? 
_refine_ls_shell.number_reflns_obs                ? 
_refine_ls_shell.redundancy_reflns_obs            ? 
_refine_ls_shell.pdbx_refine_id                   'X-RAY DIFFRACTION' 
# 
_struct.entry_id                  2ZPO 
_struct.title                     'Crystal Structure of Green Turtle Egg White Ribonuclease' 
_struct.pdbx_model_details        ? 
_struct.pdbx_CASP_flag            ? 
_struct.pdbx_model_type_details   ? 
# 
_struct_keywords.entry_id        2ZPO 
_struct_keywords.pdbx_keywords   HYDROLASE 
_struct_keywords.text            'Green Turtle Egg White Ribonuclease, Endonuclease, Hydrolase, Nuclease' 
# 
loop_
_struct_asym.id 
_struct_asym.pdbx_blank_PDB_chainid_flag 
_struct_asym.pdbx_modified 
_struct_asym.entity_id 
_struct_asym.details 
A N N 1 ? 
B N N 2 ? 
C N N 2 ? 
D N N 2 ? 
E N N 2 ? 
F N N 2 ? 
G N N 3 ? 
H N N 3 ? 
I N N 3 ? 
J N N 3 ? 
K N N 3 ? 
L N N 3 ? 
M N N 3 ? 
N N N 4 ? 
# 
_struct_ref.id                         1 
_struct_ref.db_name                    UNP 
_struct_ref.db_code                    RNAS1_CHEMY 
_struct_ref.pdbx_db_accession          P84844 
_struct_ref.entity_id                  1 
_struct_ref.pdbx_seq_one_letter_code   
;ETRYEKFLRQHVDYPRTAAPDTRTYCNQMMQRRGMTSPVCKFTNTFVHASAASITTICGPGGAPAGGNLRDSTASFALTT
CRLQGGSQRPPCNYNGGTSTQRIRIACDGGLPVHYDRAI
;
_struct_ref.pdbx_align_begin           1 
_struct_ref.pdbx_db_isoform            ? 
# 
_struct_ref_seq.align_id                      1 
_struct_ref_seq.ref_id                        1 
_struct_ref_seq.pdbx_PDB_id_code              2ZPO 
_struct_ref_seq.pdbx_strand_id                A 
_struct_ref_seq.seq_align_beg                 1 
_struct_ref_seq.pdbx_seq_align_beg_ins_code   ? 
_struct_ref_seq.seq_align_end                 119 
_struct_ref_seq.pdbx_seq_align_end_ins_code   ? 
_struct_ref_seq.pdbx_db_accession             P84844 
_struct_ref_seq.db_align_beg                  1 
_struct_ref_seq.pdbx_db_align_beg_ins_code    ? 
_struct_ref_seq.db_align_end                  119 
_struct_ref_seq.pdbx_db_align_end_ins_code    ? 
_struct_ref_seq.pdbx_auth_seq_align_beg       1 
_struct_ref_seq.pdbx_auth_seq_align_end       119 
# 
_struct_ref_seq_dif.align_id                     1 
_struct_ref_seq_dif.pdbx_pdb_id_code             2ZPO 
_struct_ref_seq_dif.mon_id                       LEU 
_struct_ref_seq_dif.pdbx_pdb_strand_id           A 
_struct_ref_seq_dif.seq_num                      37 
_struct_ref_seq_dif.pdbx_pdb_ins_code            ? 
_struct_ref_seq_dif.pdbx_seq_db_name             UNP 
_struct_ref_seq_dif.pdbx_seq_db_accession_code   P84844 
_struct_ref_seq_dif.db_mon_id                    SER 
_struct_ref_seq_dif.pdbx_seq_db_seq_num          37 
_struct_ref_seq_dif.details                      'SEE REMARK 999' 
_struct_ref_seq_dif.pdbx_auth_seq_num            37 
_struct_ref_seq_dif.pdbx_ordinal                 1 
# 
loop_
_pdbx_struct_assembly.id 
_pdbx_struct_assembly.details 
_pdbx_struct_assembly.method_details 
_pdbx_struct_assembly.oligomeric_details 
_pdbx_struct_assembly.oligomeric_count 
1 author_and_software_defined_assembly PQS  monomeric 1 
2 software_defined_assembly            PISA dimeric   2 
# 
loop_
_pdbx_struct_assembly_prop.biol_id 
_pdbx_struct_assembly_prop.type 
_pdbx_struct_assembly_prop.value 
_pdbx_struct_assembly_prop.details 
2 'ABSA (A^2)' 5170  ? 
2 MORE         -164  ? 
2 'SSA (A^2)'  12120 ? 
# 
loop_
_pdbx_struct_assembly_gen.assembly_id 
_pdbx_struct_assembly_gen.oper_expression 
_pdbx_struct_assembly_gen.asym_id_list 
1 1   A,B,C,D,E,F,G,H,I,J,K,L,M,N 
2 1,2 A,B,C,D,E,F,G,H,I,J,K,L,M,N 
# 
loop_
_pdbx_struct_oper_list.id 
_pdbx_struct_oper_list.type 
_pdbx_struct_oper_list.name 
_pdbx_struct_oper_list.symmetry_operation 
_pdbx_struct_oper_list.matrix[1][1] 
_pdbx_struct_oper_list.matrix[1][2] 
_pdbx_struct_oper_list.matrix[1][3] 
_pdbx_struct_oper_list.vector[1] 
_pdbx_struct_oper_list.matrix[2][1] 
_pdbx_struct_oper_list.matrix[2][2] 
_pdbx_struct_oper_list.matrix[2][3] 
_pdbx_struct_oper_list.vector[2] 
_pdbx_struct_oper_list.matrix[3][1] 
_pdbx_struct_oper_list.matrix[3][2] 
_pdbx_struct_oper_list.matrix[3][3] 
_pdbx_struct_oper_list.vector[3] 
1 'identity operation'         1_555 x,y,z   1.0000000000 0.0000000000 0.0000000000 0.0000000000  0.0000000000 1.0000000000  0.0000000000 0.0000000000   0.0000000000 0.0000000000 1.0000000000  0.0000000000  
2 'crystal symmetry operation' 2_555 -x,y,-z 0.4044825106 0.9094893914 0.0960361679 13.1066474529 0.9094893914 -0.4110493033 0.0621893653 -21.4801585200 0.0960361679 0.0621893653 -0.9934332073 11.7447333071 
# 
_struct_biol.id        1 
_struct_biol.details   ? 
# 
loop_
_struct_conf.conf_type_id 
_struct_conf.id 
_struct_conf.pdbx_PDB_helix_id 
_struct_conf.beg_label_comp_id 
_struct_conf.beg_label_asym_id 
_struct_conf.beg_label_seq_id 
_struct_conf.pdbx_beg_PDB_ins_code 
_struct_conf.end_label_comp_id 
_struct_conf.end_label_asym_id 
_struct_conf.end_label_seq_id 
_struct_conf.pdbx_end_PDB_ins_code 
_struct_conf.beg_auth_comp_id 
_struct_conf.beg_auth_asym_id 
_struct_conf.beg_auth_seq_id 
_struct_conf.end_auth_comp_id 
_struct_conf.end_auth_asym_id 
_struct_conf.end_auth_seq_id 
_struct_conf.pdbx_PDB_helix_class 
_struct_conf.details 
_struct_conf.pdbx_PDB_helix_length 
HELX_P HELX_P1 1 THR A 2  ? VAL A 12 ? THR A 2  VAL A 12 1 ? 11 
HELX_P HELX_P2 2 ASP A 21 ? ARG A 33 ? ASP A 21 ARG A 33 1 ? 13 
HELX_P HELX_P3 3 SER A 50 ? THR A 56 ? SER A 50 THR A 56 1 ? 7  
HELX_P HELX_P4 4 ILE A 57 ? GLY A 59 ? ILE A 57 GLY A 59 5 ? 3  
# 
_struct_conf_type.id          HELX_P 
_struct_conf_type.criteria    ? 
_struct_conf_type.reference   ? 
# 
loop_
_struct_conn.id 
_struct_conn.conn_type_id 
_struct_conn.pdbx_leaving_atom_flag 
_struct_conn.pdbx_PDB_id 
_struct_conn.ptnr1_label_asym_id 
_struct_conn.ptnr1_label_comp_id 
_struct_conn.ptnr1_label_seq_id 
_struct_conn.ptnr1_label_atom_id 
_struct_conn.pdbx_ptnr1_label_alt_id 
_struct_conn.pdbx_ptnr1_PDB_ins_code 
_struct_conn.pdbx_ptnr1_standard_comp_id 
_struct_conn.ptnr1_symmetry 
_struct_conn.ptnr2_label_asym_id 
_struct_conn.ptnr2_label_comp_id 
_struct_conn.ptnr2_label_seq_id 
_struct_conn.ptnr2_label_atom_id 
_struct_conn.pdbx_ptnr2_label_alt_id 
_struct_conn.pdbx_ptnr2_PDB_ins_code 
_struct_conn.ptnr1_auth_asym_id 
_struct_conn.ptnr1_auth_comp_id 
_struct_conn.ptnr1_auth_seq_id 
_struct_conn.ptnr2_auth_asym_id 
_struct_conn.ptnr2_auth_comp_id 
_struct_conn.ptnr2_auth_seq_id 
_struct_conn.ptnr2_symmetry 
_struct_conn.pdbx_ptnr3_label_atom_id 
_struct_conn.pdbx_ptnr3_label_seq_id 
_struct_conn.pdbx_ptnr3_label_comp_id 
_struct_conn.pdbx_ptnr3_label_asym_id 
_struct_conn.pdbx_ptnr3_label_alt_id 
_struct_conn.pdbx_ptnr3_PDB_ins_code 
_struct_conn.details 
_struct_conn.pdbx_dist_value 
_struct_conn.pdbx_value_order 
_struct_conn.pdbx_role 
disulf1 disulf ? ? A CYS 26 SG ? ? ? 1_555 A CYS 81  SG ? ? A CYS 26 A CYS 81  1_555 ? ? ? ? ? ? ? 2.058 ? ? 
disulf2 disulf ? ? A CYS 40 SG ? ? ? 1_555 A CYS 92  SG ? ? A CYS 40 A CYS 92  1_555 ? ? ? ? ? ? ? 2.062 ? ? 
disulf3 disulf ? ? A CYS 58 SG ? ? ? 1_555 A CYS 107 SG ? ? A CYS 58 A CYS 107 1_555 ? ? ? ? ? ? ? 2.068 ? ? 
# 
_struct_conn_type.id          disulf 
_struct_conn_type.criteria    ? 
_struct_conn_type.reference   ? 
# 
loop_
_pdbx_modification_feature.ordinal 
_pdbx_modification_feature.label_comp_id 
_pdbx_modification_feature.label_asym_id 
_pdbx_modification_feature.label_seq_id 
_pdbx_modification_feature.label_alt_id 
_pdbx_modification_feature.modified_residue_label_comp_id 
_pdbx_modification_feature.modified_residue_label_asym_id 
_pdbx_modification_feature.modified_residue_label_seq_id 
_pdbx_modification_feature.modified_residue_label_alt_id 
_pdbx_modification_feature.auth_comp_id 
_pdbx_modification_feature.auth_asym_id 
_pdbx_modification_feature.auth_seq_id 
_pdbx_modification_feature.PDB_ins_code 
_pdbx_modification_feature.symmetry 
_pdbx_modification_feature.modified_residue_auth_comp_id 
_pdbx_modification_feature.modified_residue_auth_asym_id 
_pdbx_modification_feature.modified_residue_auth_seq_id 
_pdbx_modification_feature.modified_residue_PDB_ins_code 
_pdbx_modification_feature.modified_residue_symmetry 
_pdbx_modification_feature.comp_id_linking_atom 
_pdbx_modification_feature.modified_residue_id_linking_atom 
_pdbx_modification_feature.modified_residue_id 
_pdbx_modification_feature.ref_pcm_id 
_pdbx_modification_feature.ref_comp_id 
_pdbx_modification_feature.type 
_pdbx_modification_feature.category 
1 CYS A 26 ? CYS A 81  ? CYS A 26 ? 1_555 CYS A 81  ? 1_555 SG SG . . . None 'Disulfide bridge' 
2 CYS A 40 ? CYS A 92  ? CYS A 40 ? 1_555 CYS A 92  ? 1_555 SG SG . . . None 'Disulfide bridge' 
3 CYS A 58 ? CYS A 107 ? CYS A 58 ? 1_555 CYS A 107 ? 1_555 SG SG . . . None 'Disulfide bridge' 
# 
loop_
_struct_mon_prot_cis.pdbx_id 
_struct_mon_prot_cis.label_comp_id 
_struct_mon_prot_cis.label_seq_id 
_struct_mon_prot_cis.label_asym_id 
_struct_mon_prot_cis.label_alt_id 
_struct_mon_prot_cis.pdbx_PDB_ins_code 
_struct_mon_prot_cis.auth_comp_id 
_struct_mon_prot_cis.auth_seq_id 
_struct_mon_prot_cis.auth_asym_id 
_struct_mon_prot_cis.pdbx_label_comp_id_2 
_struct_mon_prot_cis.pdbx_label_seq_id_2 
_struct_mon_prot_cis.pdbx_label_asym_id_2 
_struct_mon_prot_cis.pdbx_PDB_ins_code_2 
_struct_mon_prot_cis.pdbx_auth_comp_id_2 
_struct_mon_prot_cis.pdbx_auth_seq_id_2 
_struct_mon_prot_cis.pdbx_auth_asym_id_2 
_struct_mon_prot_cis.pdbx_PDB_model_num 
_struct_mon_prot_cis.pdbx_omega_angle 
1 TYR 14 A . ? TYR 14 A PRO 15 A ? PRO 15 A 1 -6.61 
2 LEU 37 A . ? LEU 37 A PRO 38 A ? PRO 38 A 1 -1.60 
3 PRO 90 A . ? PRO 90 A PRO 91 A ? PRO 91 A 1 2.18  
# 
loop_
_struct_sheet.id 
_struct_sheet.type 
_struct_sheet.number_strands 
_struct_sheet.details 
A ? 3 ? 
B ? 4 ? 
# 
loop_
_struct_sheet_order.sheet_id 
_struct_sheet_order.range_id_1 
_struct_sheet_order.range_id_2 
_struct_sheet_order.offset 
_struct_sheet_order.sense 
A 1 2 ? anti-parallel 
A 2 3 ? anti-parallel 
B 1 2 ? anti-parallel 
B 2 3 ? anti-parallel 
B 3 4 ? anti-parallel 
# 
loop_
_struct_sheet_range.sheet_id 
_struct_sheet_range.id 
_struct_sheet_range.beg_label_comp_id 
_struct_sheet_range.beg_label_asym_id 
_struct_sheet_range.beg_label_seq_id 
_struct_sheet_range.pdbx_beg_PDB_ins_code 
_struct_sheet_range.end_label_comp_id 
_struct_sheet_range.end_label_asym_id 
_struct_sheet_range.end_label_seq_id 
_struct_sheet_range.pdbx_end_PDB_ins_code 
_struct_sheet_range.beg_auth_comp_id 
_struct_sheet_range.beg_auth_asym_id 
_struct_sheet_range.beg_auth_seq_id 
_struct_sheet_range.end_auth_comp_id 
_struct_sheet_range.end_auth_asym_id 
_struct_sheet_range.end_auth_seq_id 
A 1 THR A 43  ? VAL A 47  ? THR A 43  VAL A 47  
A 2 PHE A 76  ? LEU A 83  ? PHE A 76  LEU A 83  
A 3 TYR A 94  ? GLN A 101 ? TYR A 94  GLN A 101 
B 1 GLY A 62  ? PRO A 64  ? GLY A 62  PRO A 64  
B 2 LEU A 69  ? SER A 72  ? LEU A 69  SER A 72  
B 3 ILE A 103 ? ASP A 108 ? ILE A 103 ASP A 108 
B 4 LEU A 111 ? ALA A 118 ? LEU A 111 ALA A 118 
# 
loop_
_pdbx_struct_sheet_hbond.sheet_id 
_pdbx_struct_sheet_hbond.range_id_1 
_pdbx_struct_sheet_hbond.range_id_2 
_pdbx_struct_sheet_hbond.range_1_label_atom_id 
_pdbx_struct_sheet_hbond.range_1_label_comp_id 
_pdbx_struct_sheet_hbond.range_1_label_asym_id 
_pdbx_struct_sheet_hbond.range_1_label_seq_id 
_pdbx_struct_sheet_hbond.range_1_PDB_ins_code 
_pdbx_struct_sheet_hbond.range_1_auth_atom_id 
_pdbx_struct_sheet_hbond.range_1_auth_comp_id 
_pdbx_struct_sheet_hbond.range_1_auth_asym_id 
_pdbx_struct_sheet_hbond.range_1_auth_seq_id 
_pdbx_struct_sheet_hbond.range_2_label_atom_id 
_pdbx_struct_sheet_hbond.range_2_label_comp_id 
_pdbx_struct_sheet_hbond.range_2_label_asym_id 
_pdbx_struct_sheet_hbond.range_2_label_seq_id 
_pdbx_struct_sheet_hbond.range_2_PDB_ins_code 
_pdbx_struct_sheet_hbond.range_2_auth_atom_id 
_pdbx_struct_sheet_hbond.range_2_auth_comp_id 
_pdbx_struct_sheet_hbond.range_2_auth_asym_id 
_pdbx_struct_sheet_hbond.range_2_auth_seq_id 
A 1 2 N PHE A 46  ? N PHE A 46  O THR A 79  ? O THR A 79  
A 2 3 N ARG A 82  ? N ARG A 82  O ASN A 95  ? O ASN A 95  
B 1 2 N ALA A 63  ? N ALA A 63  O ASP A 71  ? O ASP A 71  
B 2 3 N SER A 72  ? N SER A 72  O ILE A 103 ? O ILE A 103 
B 3 4 N ARG A 104 ? N ARG A 104 O ARG A 117 ? O ARG A 117 
# 
loop_
_struct_site.id 
_struct_site.pdbx_evidence_code 
_struct_site.pdbx_auth_asym_id 
_struct_site.pdbx_auth_comp_id 
_struct_site.pdbx_auth_seq_id 
_struct_site.pdbx_auth_ins_code 
_struct_site.pdbx_num_residues 
_struct_site.details 
AC1 Software A SO4 120 ? 7  'BINDING SITE FOR RESIDUE SO4 A 120' 
AC2 Software A SO4 121 ? 9  'BINDING SITE FOR RESIDUE SO4 A 121' 
AC3 Software A SO4 122 ? 7  'BINDING SITE FOR RESIDUE SO4 A 122' 
AC4 Software A SO4 123 ? 9  'BINDING SITE FOR RESIDUE SO4 A 123' 
AC5 Software A SO4 124 ? 2  'BINDING SITE FOR RESIDUE SO4 A 124' 
AC6 Software A GOL 125 ? 8  'BINDING SITE FOR RESIDUE GOL A 125' 
AC7 Software A GOL 126 ? 9  'BINDING SITE FOR RESIDUE GOL A 126' 
AC8 Software A GOL 127 ? 3  'BINDING SITE FOR RESIDUE GOL A 127' 
AC9 Software A GOL 128 ? 6  'BINDING SITE FOR RESIDUE GOL A 128' 
BC1 Software A GOL 129 ? 6  'BINDING SITE FOR RESIDUE GOL A 129' 
BC2 Software A GOL 130 ? 11 'BINDING SITE FOR RESIDUE GOL A 130' 
BC3 Software A GOL 131 ? 5  'BINDING SITE FOR RESIDUE GOL A 131' 
# 
loop_
_struct_site_gen.id 
_struct_site_gen.site_id 
_struct_site_gen.pdbx_num_res 
_struct_site_gen.label_comp_id 
_struct_site_gen.label_asym_id 
_struct_site_gen.label_seq_id 
_struct_site_gen.pdbx_auth_ins_code 
_struct_site_gen.auth_comp_id 
_struct_site_gen.auth_asym_id 
_struct_site_gen.auth_seq_id 
_struct_site_gen.label_atom_id 
_struct_site_gen.label_alt_id 
_struct_site_gen.symmetry 
_struct_site_gen.details 
1  AC1 7  GLN A 10  ? GLN A 10  . ? 1_555 ? 
2  AC1 7  HIS A 11  ? HIS A 11  . ? 1_555 ? 
3  AC1 7  LYS A 41  ? LYS A 41  . ? 1_555 ? 
4  AC1 7  HIS A 114 ? HIS A 114 . ? 1_555 ? 
5  AC1 7  TYR A 115 ? TYR A 115 . ? 1_555 ? 
6  AC1 7  HOH N .   ? HOH A 136 . ? 1_555 ? 
7  AC1 7  HOH N .   ? HOH A 156 . ? 1_555 ? 
8  AC2 9  GLY A 85  ? GLY A 85  . ? 2_555 ? 
9  AC2 9  GLY A 86  ? GLY A 86  . ? 2_555 ? 
10 AC2 9  ARG A 117 ? ARG A 117 . ? 1_555 ? 
11 AC2 9  ALA A 118 ? ALA A 118 . ? 1_555 ? 
12 AC2 9  HOH N .   ? HOH A 145 . ? 1_555 ? 
13 AC2 9  HOH N .   ? HOH A 193 . ? 1_555 ? 
14 AC2 9  HOH N .   ? HOH A 234 . ? 1_555 ? 
15 AC2 9  HOH N .   ? HOH A 235 . ? 1_555 ? 
16 AC2 9  HOH N .   ? HOH A 244 . ? 1_555 ? 
17 AC3 7  GLU A 1   ? GLU A 1   . ? 1_565 ? 
18 AC3 7  THR A 22  ? THR A 22  . ? 1_555 ? 
19 AC3 7  THR A 98  ? THR A 98  . ? 1_555 ? 
20 AC3 7  HOH N .   ? HOH A 202 . ? 1_555 ? 
21 AC3 7  HOH N .   ? HOH A 211 . ? 1_555 ? 
22 AC3 7  HOH N .   ? HOH A 214 . ? 1_555 ? 
23 AC3 7  HOH N .   ? HOH A 220 . ? 1_555 ? 
24 AC4 9  THR A 2   ? THR A 2   . ? 1_555 ? 
25 AC4 9  ARG A 3   ? ARG A 3   . ? 1_555 ? 
26 AC4 9  THR A 100 ? THR A 100 . ? 1_545 ? 
27 AC4 9  HOH N .   ? HOH A 153 . ? 1_545 ? 
28 AC4 9  HOH N .   ? HOH A 159 . ? 1_545 ? 
29 AC4 9  HOH N .   ? HOH A 180 . ? 1_555 ? 
30 AC4 9  HOH N .   ? HOH A 211 . ? 1_545 ? 
31 AC4 9  HOH N .   ? HOH A 217 . ? 4_546 ? 
32 AC4 9  HOH N .   ? HOH A 271 . ? 1_555 ? 
33 AC5 2  ARG A 82  ? ARG A 82  . ? 1_555 ? 
34 AC5 2  HOH N .   ? HOH A 231 . ? 2_555 ? 
35 AC6 8  ASP A 71  ? ASP A 71  . ? 1_555 ? 
36 AC6 8  PRO A 91  ? PRO A 91  . ? 1_556 ? 
37 AC6 8  ASN A 93  ? ASN A 93  . ? 1_556 ? 
38 AC6 8  ARG A 102 ? ARG A 102 . ? 1_555 ? 
39 AC6 8  ILE A 119 ? ILE A 119 . ? 1_555 ? 
40 AC6 8  HOH N .   ? HOH A 183 . ? 1_556 ? 
41 AC6 8  HOH N .   ? HOH A 206 . ? 1_555 ? 
42 AC6 8  HOH N .   ? HOH A 256 . ? 1_556 ? 
43 AC7 9  ASP A 13  ? ASP A 13  . ? 1_555 ? 
44 AC7 9  TYR A 14  ? TYR A 14  . ? 1_555 ? 
45 AC7 9  PRO A 20  ? PRO A 20  . ? 4_545 ? 
46 AC7 9  ARG A 33  ? ARG A 33  . ? 1_555 ? 
47 AC7 9  HOH N .   ? HOH A 143 . ? 1_555 ? 
48 AC7 9  HOH N .   ? HOH A 187 . ? 1_555 ? 
49 AC7 9  HOH N .   ? HOH A 253 . ? 4_545 ? 
50 AC7 9  HOH N .   ? HOH A 254 . ? 4_545 ? 
51 AC7 9  HOH N .   ? HOH A 276 . ? 1_555 ? 
52 AC8 3  GLY A 67  ? GLY A 67  . ? 1_555 ? 
53 AC8 3  ARG A 89  ? ARG A 89  . ? 2_555 ? 
54 AC8 3  HOH N .   ? HOH A 268 . ? 1_555 ? 
55 AC9 6  GLN A 31  ? GLN A 31  . ? 1_556 ? 
56 AC9 6  GLY A 59  ? GLY A 59  . ? 1_555 ? 
57 AC9 6  PRO A 60  ? PRO A 60  . ? 1_555 ? 
58 AC9 6  PRO A 64  ? PRO A 64  . ? 1_555 ? 
59 AC9 6  ARG A 70  ? ARG A 70  . ? 1_555 ? 
60 AC9 6  HOH N .   ? HOH A 181 . ? 1_555 ? 
61 BC1 6  PRO A 91  ? PRO A 91  . ? 1_556 ? 
62 BC1 6  ARG A 104 ? ARG A 104 . ? 1_555 ? 
63 BC1 6  HOH N .   ? HOH A 171 . ? 1_555 ? 
64 BC1 6  HOH N .   ? HOH A 183 . ? 1_556 ? 
65 BC1 6  HOH N .   ? HOH A 219 . ? 2_556 ? 
66 BC1 6  HOH N .   ? HOH A 280 . ? 1_555 ? 
67 BC2 11 THR A 2   ? THR A 2   . ? 1_555 ? 
68 BC2 11 TYR A 4   ? TYR A 4   . ? 1_555 ? 
69 BC2 11 GLU A 5   ? GLU A 5   . ? 1_555 ? 
70 BC2 11 THR A 56  ? THR A 56  . ? 4_546 ? 
71 BC2 11 GLY A 61  ? GLY A 61  . ? 4_546 ? 
72 BC2 11 LEU A 111 ? LEU A 111 . ? 1_555 ? 
73 BC2 11 HOH N .   ? HOH A 162 . ? 1_555 ? 
74 BC2 11 HOH N .   ? HOH A 217 . ? 4_546 ? 
75 BC2 11 HOH N .   ? HOH A 251 . ? 4_546 ? 
76 BC2 11 HOH N .   ? HOH A 252 . ? 4_546 ? 
77 BC2 11 HOH N .   ? HOH A 271 . ? 1_555 ? 
78 BC3 5  ASP A 21  ? ASP A 21  . ? 1_555 ? 
79 BC3 5  THR A 22  ? THR A 22  . ? 1_555 ? 
80 BC3 5  ARG A 23  ? ARG A 23  . ? 1_555 ? 
81 BC3 5  GLY A 96  ? GLY A 96  . ? 1_555 ? 
82 BC3 5  HOH N .   ? HOH A 243 . ? 1_555 ? 
# 
_pdbx_entry_details.sequence_details           'THIS SEQUENCE IS FROM VARIANT.' 
_pdbx_entry_details.entry_id                   2ZPO 
_pdbx_entry_details.compound_details           ? 
_pdbx_entry_details.source_details             ? 
_pdbx_entry_details.nonpolymer_details         ? 
_pdbx_entry_details.has_ligand_of_interest     ? 
_pdbx_entry_details.has_protein_modification   Y 
# 
loop_
_pdbx_validate_close_contact.id 
_pdbx_validate_close_contact.PDB_model_num 
_pdbx_validate_close_contact.auth_atom_id_1 
_pdbx_validate_close_contact.auth_asym_id_1 
_pdbx_validate_close_contact.auth_comp_id_1 
_pdbx_validate_close_contact.auth_seq_id_1 
_pdbx_validate_close_contact.PDB_ins_code_1 
_pdbx_validate_close_contact.label_alt_id_1 
_pdbx_validate_close_contact.auth_atom_id_2 
_pdbx_validate_close_contact.auth_asym_id_2 
_pdbx_validate_close_contact.auth_comp_id_2 
_pdbx_validate_close_contact.auth_seq_id_2 
_pdbx_validate_close_contact.PDB_ins_code_2 
_pdbx_validate_close_contact.label_alt_id_2 
_pdbx_validate_close_contact.dist 
1 1 O A HOH 163 ? ? O A HOH 283 ? ? 1.74 
2 1 O A HOH 271 ? ? O A HOH 272 ? ? 2.14 
# 
_pdbx_validate_symm_contact.id                1 
_pdbx_validate_symm_contact.PDB_model_num     1 
_pdbx_validate_symm_contact.auth_atom_id_1    O2 
_pdbx_validate_symm_contact.auth_asym_id_1    A 
_pdbx_validate_symm_contact.auth_comp_id_1    GOL 
_pdbx_validate_symm_contact.auth_seq_id_1     130 
_pdbx_validate_symm_contact.PDB_ins_code_1    ? 
_pdbx_validate_symm_contact.label_alt_id_1    ? 
_pdbx_validate_symm_contact.site_symmetry_1   1_555 
_pdbx_validate_symm_contact.auth_atom_id_2    O 
_pdbx_validate_symm_contact.auth_asym_id_2    A 
_pdbx_validate_symm_contact.auth_comp_id_2    HOH 
_pdbx_validate_symm_contact.auth_seq_id_2     252 
_pdbx_validate_symm_contact.PDB_ins_code_2    ? 
_pdbx_validate_symm_contact.label_alt_id_2    ? 
_pdbx_validate_symm_contact.site_symmetry_2   4_546 
_pdbx_validate_symm_contact.dist              2.01 
# 
loop_
_pdbx_validate_torsion.id 
_pdbx_validate_torsion.PDB_model_num 
_pdbx_validate_torsion.auth_comp_id 
_pdbx_validate_torsion.auth_asym_id 
_pdbx_validate_torsion.auth_seq_id 
_pdbx_validate_torsion.PDB_ins_code 
_pdbx_validate_torsion.label_alt_id 
_pdbx_validate_torsion.phi 
_pdbx_validate_torsion.psi 
1 1 PRO A 90  ? ? -43.59 152.03 
2 1 ASP A 116 ? ? -94.95 -69.62 
3 1 ASP A 116 ? ? -94.87 -70.27 
# 
loop_
_pdbx_validate_peptide_omega.id 
_pdbx_validate_peptide_omega.PDB_model_num 
_pdbx_validate_peptide_omega.auth_comp_id_1 
_pdbx_validate_peptide_omega.auth_asym_id_1 
_pdbx_validate_peptide_omega.auth_seq_id_1 
_pdbx_validate_peptide_omega.PDB_ins_code_1 
_pdbx_validate_peptide_omega.label_alt_id_1 
_pdbx_validate_peptide_omega.auth_comp_id_2 
_pdbx_validate_peptide_omega.auth_asym_id_2 
_pdbx_validate_peptide_omega.auth_seq_id_2 
_pdbx_validate_peptide_omega.PDB_ins_code_2 
_pdbx_validate_peptide_omega.label_alt_id_2 
_pdbx_validate_peptide_omega.omega 
1 1 GLY A 85 ? ? GLY A 86 ? ? -138.10 
2 1 ARG A 89 ? A PRO A 90 ? ? 147.49  
3 1 ARG A 89 ? B PRO A 90 ? ? 146.20  
# 
loop_
_chem_comp_atom.comp_id 
_chem_comp_atom.atom_id 
_chem_comp_atom.type_symbol 
_chem_comp_atom.pdbx_aromatic_flag 
_chem_comp_atom.pdbx_stereo_config 
_chem_comp_atom.pdbx_ordinal 
ALA N    N N N 1   
ALA CA   C N S 2   
ALA C    C N N 3   
ALA O    O N N 4   
ALA CB   C N N 5   
ALA OXT  O N N 6   
ALA H    H N N 7   
ALA H2   H N N 8   
ALA HA   H N N 9   
ALA HB1  H N N 10  
ALA HB2  H N N 11  
ALA HB3  H N N 12  
ALA HXT  H N N 13  
ARG N    N N N 14  
ARG CA   C N S 15  
ARG C    C N N 16  
ARG O    O N N 17  
ARG CB   C N N 18  
ARG CG   C N N 19  
ARG CD   C N N 20  
ARG NE   N N N 21  
ARG CZ   C N N 22  
ARG NH1  N N N 23  
ARG NH2  N N N 24  
ARG OXT  O N N 25  
ARG H    H N N 26  
ARG H2   H N N 27  
ARG HA   H N N 28  
ARG HB2  H N N 29  
ARG HB3  H N N 30  
ARG HG2  H N N 31  
ARG HG3  H N N 32  
ARG HD2  H N N 33  
ARG HD3  H N N 34  
ARG HE   H N N 35  
ARG HH11 H N N 36  
ARG HH12 H N N 37  
ARG HH21 H N N 38  
ARG HH22 H N N 39  
ARG HXT  H N N 40  
ASN N    N N N 41  
ASN CA   C N S 42  
ASN C    C N N 43  
ASN O    O N N 44  
ASN CB   C N N 45  
ASN CG   C N N 46  
ASN OD1  O N N 47  
ASN ND2  N N N 48  
ASN OXT  O N N 49  
ASN H    H N N 50  
ASN H2   H N N 51  
ASN HA   H N N 52  
ASN HB2  H N N 53  
ASN HB3  H N N 54  
ASN HD21 H N N 55  
ASN HD22 H N N 56  
ASN HXT  H N N 57  
ASP N    N N N 58  
ASP CA   C N S 59  
ASP C    C N N 60  
ASP O    O N N 61  
ASP CB   C N N 62  
ASP CG   C N N 63  
ASP OD1  O N N 64  
ASP OD2  O N N 65  
ASP OXT  O N N 66  
ASP H    H N N 67  
ASP H2   H N N 68  
ASP HA   H N N 69  
ASP HB2  H N N 70  
ASP HB3  H N N 71  
ASP HD2  H N N 72  
ASP HXT  H N N 73  
CYS N    N N N 74  
CYS CA   C N R 75  
CYS C    C N N 76  
CYS O    O N N 77  
CYS CB   C N N 78  
CYS SG   S N N 79  
CYS OXT  O N N 80  
CYS H    H N N 81  
CYS H2   H N N 82  
CYS HA   H N N 83  
CYS HB2  H N N 84  
CYS HB3  H N N 85  
CYS HG   H N N 86  
CYS HXT  H N N 87  
GLN N    N N N 88  
GLN CA   C N S 89  
GLN C    C N N 90  
GLN O    O N N 91  
GLN CB   C N N 92  
GLN CG   C N N 93  
GLN CD   C N N 94  
GLN OE1  O N N 95  
GLN NE2  N N N 96  
GLN OXT  O N N 97  
GLN H    H N N 98  
GLN H2   H N N 99  
GLN HA   H N N 100 
GLN HB2  H N N 101 
GLN HB3  H N N 102 
GLN HG2  H N N 103 
GLN HG3  H N N 104 
GLN HE21 H N N 105 
GLN HE22 H N N 106 
GLN HXT  H N N 107 
GLU N    N N N 108 
GLU CA   C N S 109 
GLU C    C N N 110 
GLU O    O N N 111 
GLU CB   C N N 112 
GLU CG   C N N 113 
GLU CD   C N N 114 
GLU OE1  O N N 115 
GLU OE2  O N N 116 
GLU OXT  O N N 117 
GLU H    H N N 118 
GLU H2   H N N 119 
GLU HA   H N N 120 
GLU HB2  H N N 121 
GLU HB3  H N N 122 
GLU HG2  H N N 123 
GLU HG3  H N N 124 
GLU HE2  H N N 125 
GLU HXT  H N N 126 
GLY N    N N N 127 
GLY CA   C N N 128 
GLY C    C N N 129 
GLY O    O N N 130 
GLY OXT  O N N 131 
GLY H    H N N 132 
GLY H2   H N N 133 
GLY HA2  H N N 134 
GLY HA3  H N N 135 
GLY HXT  H N N 136 
GOL C1   C N N 137 
GOL O1   O N N 138 
GOL C2   C N N 139 
GOL O2   O N N 140 
GOL C3   C N N 141 
GOL O3   O N N 142 
GOL H11  H N N 143 
GOL H12  H N N 144 
GOL HO1  H N N 145 
GOL H2   H N N 146 
GOL HO2  H N N 147 
GOL H31  H N N 148 
GOL H32  H N N 149 
GOL HO3  H N N 150 
HIS N    N N N 151 
HIS CA   C N S 152 
HIS C    C N N 153 
HIS O    O N N 154 
HIS CB   C N N 155 
HIS CG   C Y N 156 
HIS ND1  N Y N 157 
HIS CD2  C Y N 158 
HIS CE1  C Y N 159 
HIS NE2  N Y N 160 
HIS OXT  O N N 161 
HIS H    H N N 162 
HIS H2   H N N 163 
HIS HA   H N N 164 
HIS HB2  H N N 165 
HIS HB3  H N N 166 
HIS HD1  H N N 167 
HIS HD2  H N N 168 
HIS HE1  H N N 169 
HIS HE2  H N N 170 
HIS HXT  H N N 171 
HOH O    O N N 172 
HOH H1   H N N 173 
HOH H2   H N N 174 
ILE N    N N N 175 
ILE CA   C N S 176 
ILE C    C N N 177 
ILE O    O N N 178 
ILE CB   C N S 179 
ILE CG1  C N N 180 
ILE CG2  C N N 181 
ILE CD1  C N N 182 
ILE OXT  O N N 183 
ILE H    H N N 184 
ILE H2   H N N 185 
ILE HA   H N N 186 
ILE HB   H N N 187 
ILE HG12 H N N 188 
ILE HG13 H N N 189 
ILE HG21 H N N 190 
ILE HG22 H N N 191 
ILE HG23 H N N 192 
ILE HD11 H N N 193 
ILE HD12 H N N 194 
ILE HD13 H N N 195 
ILE HXT  H N N 196 
LEU N    N N N 197 
LEU CA   C N S 198 
LEU C    C N N 199 
LEU O    O N N 200 
LEU CB   C N N 201 
LEU CG   C N N 202 
LEU CD1  C N N 203 
LEU CD2  C N N 204 
LEU OXT  O N N 205 
LEU H    H N N 206 
LEU H2   H N N 207 
LEU HA   H N N 208 
LEU HB2  H N N 209 
LEU HB3  H N N 210 
LEU HG   H N N 211 
LEU HD11 H N N 212 
LEU HD12 H N N 213 
LEU HD13 H N N 214 
LEU HD21 H N N 215 
LEU HD22 H N N 216 
LEU HD23 H N N 217 
LEU HXT  H N N 218 
LYS N    N N N 219 
LYS CA   C N S 220 
LYS C    C N N 221 
LYS O    O N N 222 
LYS CB   C N N 223 
LYS CG   C N N 224 
LYS CD   C N N 225 
LYS CE   C N N 226 
LYS NZ   N N N 227 
LYS OXT  O N N 228 
LYS H    H N N 229 
LYS H2   H N N 230 
LYS HA   H N N 231 
LYS HB2  H N N 232 
LYS HB3  H N N 233 
LYS HG2  H N N 234 
LYS HG3  H N N 235 
LYS HD2  H N N 236 
LYS HD3  H N N 237 
LYS HE2  H N N 238 
LYS HE3  H N N 239 
LYS HZ1  H N N 240 
LYS HZ2  H N N 241 
LYS HZ3  H N N 242 
LYS HXT  H N N 243 
MET N    N N N 244 
MET CA   C N S 245 
MET C    C N N 246 
MET O    O N N 247 
MET CB   C N N 248 
MET CG   C N N 249 
MET SD   S N N 250 
MET CE   C N N 251 
MET OXT  O N N 252 
MET H    H N N 253 
MET H2   H N N 254 
MET HA   H N N 255 
MET HB2  H N N 256 
MET HB3  H N N 257 
MET HG2  H N N 258 
MET HG3  H N N 259 
MET HE1  H N N 260 
MET HE2  H N N 261 
MET HE3  H N N 262 
MET HXT  H N N 263 
PHE N    N N N 264 
PHE CA   C N S 265 
PHE C    C N N 266 
PHE O    O N N 267 
PHE CB   C N N 268 
PHE CG   C Y N 269 
PHE CD1  C Y N 270 
PHE CD2  C Y N 271 
PHE CE1  C Y N 272 
PHE CE2  C Y N 273 
PHE CZ   C Y N 274 
PHE OXT  O N N 275 
PHE H    H N N 276 
PHE H2   H N N 277 
PHE HA   H N N 278 
PHE HB2  H N N 279 
PHE HB3  H N N 280 
PHE HD1  H N N 281 
PHE HD2  H N N 282 
PHE HE1  H N N 283 
PHE HE2  H N N 284 
PHE HZ   H N N 285 
PHE HXT  H N N 286 
PRO N    N N N 287 
PRO CA   C N S 288 
PRO C    C N N 289 
PRO O    O N N 290 
PRO CB   C N N 291 
PRO CG   C N N 292 
PRO CD   C N N 293 
PRO OXT  O N N 294 
PRO H    H N N 295 
PRO HA   H N N 296 
PRO HB2  H N N 297 
PRO HB3  H N N 298 
PRO HG2  H N N 299 
PRO HG3  H N N 300 
PRO HD2  H N N 301 
PRO HD3  H N N 302 
PRO HXT  H N N 303 
SER N    N N N 304 
SER CA   C N S 305 
SER C    C N N 306 
SER O    O N N 307 
SER CB   C N N 308 
SER OG   O N N 309 
SER OXT  O N N 310 
SER H    H N N 311 
SER H2   H N N 312 
SER HA   H N N 313 
SER HB2  H N N 314 
SER HB3  H N N 315 
SER HG   H N N 316 
SER HXT  H N N 317 
SO4 S    S N N 318 
SO4 O1   O N N 319 
SO4 O2   O N N 320 
SO4 O3   O N N 321 
SO4 O4   O N N 322 
THR N    N N N 323 
THR CA   C N S 324 
THR C    C N N 325 
THR O    O N N 326 
THR CB   C N R 327 
THR OG1  O N N 328 
THR CG2  C N N 329 
THR OXT  O N N 330 
THR H    H N N 331 
THR H2   H N N 332 
THR HA   H N N 333 
THR HB   H N N 334 
THR HG1  H N N 335 
THR HG21 H N N 336 
THR HG22 H N N 337 
THR HG23 H N N 338 
THR HXT  H N N 339 
TYR N    N N N 340 
TYR CA   C N S 341 
TYR C    C N N 342 
TYR O    O N N 343 
TYR CB   C N N 344 
TYR CG   C Y N 345 
TYR CD1  C Y N 346 
TYR CD2  C Y N 347 
TYR CE1  C Y N 348 
TYR CE2  C Y N 349 
TYR CZ   C Y N 350 
TYR OH   O N N 351 
TYR OXT  O N N 352 
TYR H    H N N 353 
TYR H2   H N N 354 
TYR HA   H N N 355 
TYR HB2  H N N 356 
TYR HB3  H N N 357 
TYR HD1  H N N 358 
TYR HD2  H N N 359 
TYR HE1  H N N 360 
TYR HE2  H N N 361 
TYR HH   H N N 362 
TYR HXT  H N N 363 
VAL N    N N N 364 
VAL CA   C N S 365 
VAL C    C N N 366 
VAL O    O N N 367 
VAL CB   C N N 368 
VAL CG1  C N N 369 
VAL CG2  C N N 370 
VAL OXT  O N N 371 
VAL H    H N N 372 
VAL H2   H N N 373 
VAL HA   H N N 374 
VAL HB   H N N 375 
VAL HG11 H N N 376 
VAL HG12 H N N 377 
VAL HG13 H N N 378 
VAL HG21 H N N 379 
VAL HG22 H N N 380 
VAL HG23 H N N 381 
VAL HXT  H N N 382 
# 
loop_
_chem_comp_bond.comp_id 
_chem_comp_bond.atom_id_1 
_chem_comp_bond.atom_id_2 
_chem_comp_bond.value_order 
_chem_comp_bond.pdbx_aromatic_flag 
_chem_comp_bond.pdbx_stereo_config 
_chem_comp_bond.pdbx_ordinal 
ALA N   CA   sing N N 1   
ALA N   H    sing N N 2   
ALA N   H2   sing N N 3   
ALA CA  C    sing N N 4   
ALA CA  CB   sing N N 5   
ALA CA  HA   sing N N 6   
ALA C   O    doub N N 7   
ALA C   OXT  sing N N 8   
ALA CB  HB1  sing N N 9   
ALA CB  HB2  sing N N 10  
ALA CB  HB3  sing N N 11  
ALA OXT HXT  sing N N 12  
ARG N   CA   sing N N 13  
ARG N   H    sing N N 14  
ARG N   H2   sing N N 15  
ARG CA  C    sing N N 16  
ARG CA  CB   sing N N 17  
ARG CA  HA   sing N N 18  
ARG C   O    doub N N 19  
ARG C   OXT  sing N N 20  
ARG CB  CG   sing N N 21  
ARG CB  HB2  sing N N 22  
ARG CB  HB3  sing N N 23  
ARG CG  CD   sing N N 24  
ARG CG  HG2  sing N N 25  
ARG CG  HG3  sing N N 26  
ARG CD  NE   sing N N 27  
ARG CD  HD2  sing N N 28  
ARG CD  HD3  sing N N 29  
ARG NE  CZ   sing N N 30  
ARG NE  HE   sing N N 31  
ARG CZ  NH1  sing N N 32  
ARG CZ  NH2  doub N N 33  
ARG NH1 HH11 sing N N 34  
ARG NH1 HH12 sing N N 35  
ARG NH2 HH21 sing N N 36  
ARG NH2 HH22 sing N N 37  
ARG OXT HXT  sing N N 38  
ASN N   CA   sing N N 39  
ASN N   H    sing N N 40  
ASN N   H2   sing N N 41  
ASN CA  C    sing N N 42  
ASN CA  CB   sing N N 43  
ASN CA  HA   sing N N 44  
ASN C   O    doub N N 45  
ASN C   OXT  sing N N 46  
ASN CB  CG   sing N N 47  
ASN CB  HB2  sing N N 48  
ASN CB  HB3  sing N N 49  
ASN CG  OD1  doub N N 50  
ASN CG  ND2  sing N N 51  
ASN ND2 HD21 sing N N 52  
ASN ND2 HD22 sing N N 53  
ASN OXT HXT  sing N N 54  
ASP N   CA   sing N N 55  
ASP N   H    sing N N 56  
ASP N   H2   sing N N 57  
ASP CA  C    sing N N 58  
ASP CA  CB   sing N N 59  
ASP CA  HA   sing N N 60  
ASP C   O    doub N N 61  
ASP C   OXT  sing N N 62  
ASP CB  CG   sing N N 63  
ASP CB  HB2  sing N N 64  
ASP CB  HB3  sing N N 65  
ASP CG  OD1  doub N N 66  
ASP CG  OD2  sing N N 67  
ASP OD2 HD2  sing N N 68  
ASP OXT HXT  sing N N 69  
CYS N   CA   sing N N 70  
CYS N   H    sing N N 71  
CYS N   H2   sing N N 72  
CYS CA  C    sing N N 73  
CYS CA  CB   sing N N 74  
CYS CA  HA   sing N N 75  
CYS C   O    doub N N 76  
CYS C   OXT  sing N N 77  
CYS CB  SG   sing N N 78  
CYS CB  HB2  sing N N 79  
CYS CB  HB3  sing N N 80  
CYS SG  HG   sing N N 81  
CYS OXT HXT  sing N N 82  
GLN N   CA   sing N N 83  
GLN N   H    sing N N 84  
GLN N   H2   sing N N 85  
GLN CA  C    sing N N 86  
GLN CA  CB   sing N N 87  
GLN CA  HA   sing N N 88  
GLN C   O    doub N N 89  
GLN C   OXT  sing N N 90  
GLN CB  CG   sing N N 91  
GLN CB  HB2  sing N N 92  
GLN CB  HB3  sing N N 93  
GLN CG  CD   sing N N 94  
GLN CG  HG2  sing N N 95  
GLN CG  HG3  sing N N 96  
GLN CD  OE1  doub N N 97  
GLN CD  NE2  sing N N 98  
GLN NE2 HE21 sing N N 99  
GLN NE2 HE22 sing N N 100 
GLN OXT HXT  sing N N 101 
GLU N   CA   sing N N 102 
GLU N   H    sing N N 103 
GLU N   H2   sing N N 104 
GLU CA  C    sing N N 105 
GLU CA  CB   sing N N 106 
GLU CA  HA   sing N N 107 
GLU C   O    doub N N 108 
GLU C   OXT  sing N N 109 
GLU CB  CG   sing N N 110 
GLU CB  HB2  sing N N 111 
GLU CB  HB3  sing N N 112 
GLU CG  CD   sing N N 113 
GLU CG  HG2  sing N N 114 
GLU CG  HG3  sing N N 115 
GLU CD  OE1  doub N N 116 
GLU CD  OE2  sing N N 117 
GLU OE2 HE2  sing N N 118 
GLU OXT HXT  sing N N 119 
GLY N   CA   sing N N 120 
GLY N   H    sing N N 121 
GLY N   H2   sing N N 122 
GLY CA  C    sing N N 123 
GLY CA  HA2  sing N N 124 
GLY CA  HA3  sing N N 125 
GLY C   O    doub N N 126 
GLY C   OXT  sing N N 127 
GLY OXT HXT  sing N N 128 
GOL C1  O1   sing N N 129 
GOL C1  C2   sing N N 130 
GOL C1  H11  sing N N 131 
GOL C1  H12  sing N N 132 
GOL O1  HO1  sing N N 133 
GOL C2  O2   sing N N 134 
GOL C2  C3   sing N N 135 
GOL C2  H2   sing N N 136 
GOL O2  HO2  sing N N 137 
GOL C3  O3   sing N N 138 
GOL C3  H31  sing N N 139 
GOL C3  H32  sing N N 140 
GOL O3  HO3  sing N N 141 
HIS N   CA   sing N N 142 
HIS N   H    sing N N 143 
HIS N   H2   sing N N 144 
HIS CA  C    sing N N 145 
HIS CA  CB   sing N N 146 
HIS CA  HA   sing N N 147 
HIS C   O    doub N N 148 
HIS C   OXT  sing N N 149 
HIS CB  CG   sing N N 150 
HIS CB  HB2  sing N N 151 
HIS CB  HB3  sing N N 152 
HIS CG  ND1  sing Y N 153 
HIS CG  CD2  doub Y N 154 
HIS ND1 CE1  doub Y N 155 
HIS ND1 HD1  sing N N 156 
HIS CD2 NE2  sing Y N 157 
HIS CD2 HD2  sing N N 158 
HIS CE1 NE2  sing Y N 159 
HIS CE1 HE1  sing N N 160 
HIS NE2 HE2  sing N N 161 
HIS OXT HXT  sing N N 162 
HOH O   H1   sing N N 163 
HOH O   H2   sing N N 164 
ILE N   CA   sing N N 165 
ILE N   H    sing N N 166 
ILE N   H2   sing N N 167 
ILE CA  C    sing N N 168 
ILE CA  CB   sing N N 169 
ILE CA  HA   sing N N 170 
ILE C   O    doub N N 171 
ILE C   OXT  sing N N 172 
ILE CB  CG1  sing N N 173 
ILE CB  CG2  sing N N 174 
ILE CB  HB   sing N N 175 
ILE CG1 CD1  sing N N 176 
ILE CG1 HG12 sing N N 177 
ILE CG1 HG13 sing N N 178 
ILE CG2 HG21 sing N N 179 
ILE CG2 HG22 sing N N 180 
ILE CG2 HG23 sing N N 181 
ILE CD1 HD11 sing N N 182 
ILE CD1 HD12 sing N N 183 
ILE CD1 HD13 sing N N 184 
ILE OXT HXT  sing N N 185 
LEU N   CA   sing N N 186 
LEU N   H    sing N N 187 
LEU N   H2   sing N N 188 
LEU CA  C    sing N N 189 
LEU CA  CB   sing N N 190 
LEU CA  HA   sing N N 191 
LEU C   O    doub N N 192 
LEU C   OXT  sing N N 193 
LEU CB  CG   sing N N 194 
LEU CB  HB2  sing N N 195 
LEU CB  HB3  sing N N 196 
LEU CG  CD1  sing N N 197 
LEU CG  CD2  sing N N 198 
LEU CG  HG   sing N N 199 
LEU CD1 HD11 sing N N 200 
LEU CD1 HD12 sing N N 201 
LEU CD1 HD13 sing N N 202 
LEU CD2 HD21 sing N N 203 
LEU CD2 HD22 sing N N 204 
LEU CD2 HD23 sing N N 205 
LEU OXT HXT  sing N N 206 
LYS N   CA   sing N N 207 
LYS N   H    sing N N 208 
LYS N   H2   sing N N 209 
LYS CA  C    sing N N 210 
LYS CA  CB   sing N N 211 
LYS CA  HA   sing N N 212 
LYS C   O    doub N N 213 
LYS C   OXT  sing N N 214 
LYS CB  CG   sing N N 215 
LYS CB  HB2  sing N N 216 
LYS CB  HB3  sing N N 217 
LYS CG  CD   sing N N 218 
LYS CG  HG2  sing N N 219 
LYS CG  HG3  sing N N 220 
LYS CD  CE   sing N N 221 
LYS CD  HD2  sing N N 222 
LYS CD  HD3  sing N N 223 
LYS CE  NZ   sing N N 224 
LYS CE  HE2  sing N N 225 
LYS CE  HE3  sing N N 226 
LYS NZ  HZ1  sing N N 227 
LYS NZ  HZ2  sing N N 228 
LYS NZ  HZ3  sing N N 229 
LYS OXT HXT  sing N N 230 
MET N   CA   sing N N 231 
MET N   H    sing N N 232 
MET N   H2   sing N N 233 
MET CA  C    sing N N 234 
MET CA  CB   sing N N 235 
MET CA  HA   sing N N 236 
MET C   O    doub N N 237 
MET C   OXT  sing N N 238 
MET CB  CG   sing N N 239 
MET CB  HB2  sing N N 240 
MET CB  HB3  sing N N 241 
MET CG  SD   sing N N 242 
MET CG  HG2  sing N N 243 
MET CG  HG3  sing N N 244 
MET SD  CE   sing N N 245 
MET CE  HE1  sing N N 246 
MET CE  HE2  sing N N 247 
MET CE  HE3  sing N N 248 
MET OXT HXT  sing N N 249 
PHE N   CA   sing N N 250 
PHE N   H    sing N N 251 
PHE N   H2   sing N N 252 
PHE CA  C    sing N N 253 
PHE CA  CB   sing N N 254 
PHE CA  HA   sing N N 255 
PHE C   O    doub N N 256 
PHE C   OXT  sing N N 257 
PHE CB  CG   sing N N 258 
PHE CB  HB2  sing N N 259 
PHE CB  HB3  sing N N 260 
PHE CG  CD1  doub Y N 261 
PHE CG  CD2  sing Y N 262 
PHE CD1 CE1  sing Y N 263 
PHE CD1 HD1  sing N N 264 
PHE CD2 CE2  doub Y N 265 
PHE CD2 HD2  sing N N 266 
PHE CE1 CZ   doub Y N 267 
PHE CE1 HE1  sing N N 268 
PHE CE2 CZ   sing Y N 269 
PHE CE2 HE2  sing N N 270 
PHE CZ  HZ   sing N N 271 
PHE OXT HXT  sing N N 272 
PRO N   CA   sing N N 273 
PRO N   CD   sing N N 274 
PRO N   H    sing N N 275 
PRO CA  C    sing N N 276 
PRO CA  CB   sing N N 277 
PRO CA  HA   sing N N 278 
PRO C   O    doub N N 279 
PRO C   OXT  sing N N 280 
PRO CB  CG   sing N N 281 
PRO CB  HB2  sing N N 282 
PRO CB  HB3  sing N N 283 
PRO CG  CD   sing N N 284 
PRO CG  HG2  sing N N 285 
PRO CG  HG3  sing N N 286 
PRO CD  HD2  sing N N 287 
PRO CD  HD3  sing N N 288 
PRO OXT HXT  sing N N 289 
SER N   CA   sing N N 290 
SER N   H    sing N N 291 
SER N   H2   sing N N 292 
SER CA  C    sing N N 293 
SER CA  CB   sing N N 294 
SER CA  HA   sing N N 295 
SER C   O    doub N N 296 
SER C   OXT  sing N N 297 
SER CB  OG   sing N N 298 
SER CB  HB2  sing N N 299 
SER CB  HB3  sing N N 300 
SER OG  HG   sing N N 301 
SER OXT HXT  sing N N 302 
SO4 S   O1   doub N N 303 
SO4 S   O2   doub N N 304 
SO4 S   O3   sing N N 305 
SO4 S   O4   sing N N 306 
THR N   CA   sing N N 307 
THR N   H    sing N N 308 
THR N   H2   sing N N 309 
THR CA  C    sing N N 310 
THR CA  CB   sing N N 311 
THR CA  HA   sing N N 312 
THR C   O    doub N N 313 
THR C   OXT  sing N N 314 
THR CB  OG1  sing N N 315 
THR CB  CG2  sing N N 316 
THR CB  HB   sing N N 317 
THR OG1 HG1  sing N N 318 
THR CG2 HG21 sing N N 319 
THR CG2 HG22 sing N N 320 
THR CG2 HG23 sing N N 321 
THR OXT HXT  sing N N 322 
TYR N   CA   sing N N 323 
TYR N   H    sing N N 324 
TYR N   H2   sing N N 325 
TYR CA  C    sing N N 326 
TYR CA  CB   sing N N 327 
TYR CA  HA   sing N N 328 
TYR C   O    doub N N 329 
TYR C   OXT  sing N N 330 
TYR CB  CG   sing N N 331 
TYR CB  HB2  sing N N 332 
TYR CB  HB3  sing N N 333 
TYR CG  CD1  doub Y N 334 
TYR CG  CD2  sing Y N 335 
TYR CD1 CE1  sing Y N 336 
TYR CD1 HD1  sing N N 337 
TYR CD2 CE2  doub Y N 338 
TYR CD2 HD2  sing N N 339 
TYR CE1 CZ   doub Y N 340 
TYR CE1 HE1  sing N N 341 
TYR CE2 CZ   sing Y N 342 
TYR CE2 HE2  sing N N 343 
TYR CZ  OH   sing N N 344 
TYR OH  HH   sing N N 345 
TYR OXT HXT  sing N N 346 
VAL N   CA   sing N N 347 
VAL N   H    sing N N 348 
VAL N   H2   sing N N 349 
VAL CA  C    sing N N 350 
VAL CA  CB   sing N N 351 
VAL CA  HA   sing N N 352 
VAL C   O    doub N N 353 
VAL C   OXT  sing N N 354 
VAL CB  CG1  sing N N 355 
VAL CB  CG2  sing N N 356 
VAL CB  HB   sing N N 357 
VAL CG1 HG11 sing N N 358 
VAL CG1 HG12 sing N N 359 
VAL CG1 HG13 sing N N 360 
VAL CG2 HG21 sing N N 361 
VAL CG2 HG22 sing N N 362 
VAL CG2 HG23 sing N N 363 
VAL OXT HXT  sing N N 364 
# 
_pdbx_initial_refinement_model.id               1 
_pdbx_initial_refinement_model.entity_id_list   ? 
_pdbx_initial_refinement_model.type             'experimental model' 
_pdbx_initial_refinement_model.source_name      PDB 
_pdbx_initial_refinement_model.accession_code   2BWL 
_pdbx_initial_refinement_model.details          ? 
# 
_atom_sites.entry_id                    2ZPO 
_atom_sites.fract_transf_matrix[1][1]   -0.00378861 
_atom_sites.fract_transf_matrix[1][2]   0.00679462 
_atom_sites.fract_transf_matrix[1][3]   -0.00894045 
_atom_sites.fract_transf_matrix[2][1]   -0.02452151 
_atom_sites.fract_transf_matrix[2][2]   -0.01587919 
_atom_sites.fract_transf_matrix[2][3]   -0.00167674 
_atom_sites.fract_transf_matrix[3][1]   -0.01284290 
_atom_sites.fract_transf_matrix[3][2]   0.01852223 
_atom_sites.fract_transf_matrix[3][3]   0.01241047 
_atom_sites.fract_transf_vector[1]      0.150304 
_atom_sites.fract_transf_vector[2]      -0.018094 
_atom_sites.fract_transf_vector[3]      0.210215 
# 
loop_
_atom_type.symbol 
C 
N 
O 
S 
# 
loop_
_atom_site.group_PDB 
_atom_site.id 
_atom_site.type_symbol 
_atom_site.label_atom_id 
_atom_site.label_alt_id 
_atom_site.label_comp_id 
_atom_site.label_asym_id 
_atom_site.label_entity_id 
_atom_site.label_seq_id 
_atom_site.pdbx_PDB_ins_code 
_atom_site.Cartn_x 
_atom_site.Cartn_y 
_atom_site.Cartn_z 
_atom_site.occupancy 
_atom_site.B_iso_or_equiv 
_atom_site.pdbx_formal_charge 
_atom_site.auth_seq_id 
_atom_site.auth_comp_id 
_atom_site.auth_asym_id 
_atom_site.auth_atom_id 
_atom_site.pdbx_PDB_model_num 
ATOM   1    N N   . GLU A 1 1   ? 15.077  9.145   -4.886  1.00 24.07 ? 1   GLU A N   1 
ATOM   2    C CA  . GLU A 1 1   ? 13.593  9.000   -4.704  1.00 23.34 ? 1   GLU A CA  1 
ATOM   3    C C   . GLU A 1 1   ? 13.227  9.593   -3.364  1.00 22.62 ? 1   GLU A C   1 
ATOM   4    O O   . GLU A 1 1   ? 13.885  9.323   -2.358  1.00 23.26 ? 1   GLU A O   1 
ATOM   5    C CB  . GLU A 1 1   ? 13.211  7.523   -4.754  1.00 24.01 ? 1   GLU A CB  1 
ATOM   6    C CG  . GLU A 1 1   ? 11.687  7.262   -4.682  1.00 23.94 ? 1   GLU A CG  1 
ATOM   7    C CD  . GLU A 1 1   ? 11.327  5.791   -4.680  1.00 23.31 ? 1   GLU A CD  1 
ATOM   8    O OE1 . GLU A 1 1   ? 10.401  5.402   -5.419  1.00 22.22 ? 1   GLU A OE1 1 
ATOM   9    O OE2 . GLU A 1 1   ? 11.957  5.019   -3.923  1.00 24.67 ? 1   GLU A OE2 1 
ATOM   10   N N   . THR A 1 2   ? 12.177  10.412  -3.328  1.00 21.91 ? 2   THR A N   1 
ATOM   11   C CA  . THR A 1 2   ? 11.731  10.998  -2.080  1.00 20.16 ? 2   THR A CA  1 
ATOM   12   C C   . THR A 1 2   ? 10.902  9.944   -1.354  1.00 19.09 ? 2   THR A C   1 
ATOM   13   O O   . THR A 1 2   ? 10.421  8.980   -1.995  1.00 18.69 ? 2   THR A O   1 
ATOM   14   C CB  . THR A 1 2   ? 10.884  12.255  -2.283  1.00 21.18 ? 2   THR A CB  1 
ATOM   15   O OG1 . THR A 1 2   ? 9.633   11.888  -2.897  1.00 20.60 ? 2   THR A OG1 1 
ATOM   16   C CG2 . THR A 1 2   ? 11.595  13.256  -3.212  1.00 22.74 ? 2   THR A CG2 1 
ATOM   17   N N   . ARG A 1 3   ? 10.729  10.135  -0.058  1.00 18.83 ? 3   ARG A N   1 
ATOM   18   C CA  A ARG A 1 3   ? 9.936   9.189   0.727   0.60 18.72 ? 3   ARG A CA  1 
ATOM   19   C CA  B ARG A 1 3   ? 9.919   9.231   0.771   0.40 18.95 ? 3   ARG A CA  1 
ATOM   20   C C   . ARG A 1 3   ? 8.502   9.221   0.201   1.00 18.73 ? 3   ARG A C   1 
ATOM   21   O O   . ARG A 1 3   ? 7.831   8.189   0.131   1.00 18.06 ? 3   ARG A O   1 
ATOM   22   C CB  A ARG A 1 3   ? 9.983   9.522   2.209   0.60 18.92 ? 3   ARG A CB  1 
ATOM   23   C CB  B ARG A 1 3   ? 9.887   9.714   2.225   0.40 19.24 ? 3   ARG A CB  1 
ATOM   24   C CG  A ARG A 1 3   ? 11.353  9.215   2.879   0.60 18.50 ? 3   ARG A CG  1 
ATOM   25   C CG  B ARG A 1 3   ? 11.211  9.553   3.000   0.40 20.11 ? 3   ARG A CG  1 
ATOM   26   C CD  A ARG A 1 3   ? 11.306  9.500   4.355   0.60 18.14 ? 3   ARG A CD  1 
ATOM   27   C CD  B ARG A 1 3   ? 11.240  8.256   3.779   0.40 22.34 ? 3   ARG A CD  1 
ATOM   28   N NE  A ARG A 1 3   ? 11.118  10.924  4.608   0.60 19.31 ? 3   ARG A NE  1 
ATOM   29   N NE  B ARG A 1 3   ? 11.010  8.453   5.213   0.40 24.20 ? 3   ARG A NE  1 
ATOM   30   C CZ  A ARG A 1 3   ? 10.629  11.422  5.736   0.60 19.80 ? 3   ARG A CZ  1 
ATOM   31   C CZ  B ARG A 1 3   ? 11.181  7.511   6.142   0.40 24.19 ? 3   ARG A CZ  1 
ATOM   32   N NH1 A ARG A 1 3   ? 10.255  10.625  6.732   0.60 20.39 ? 3   ARG A NH1 1 
ATOM   33   N NH1 B ARG A 1 3   ? 11.579  6.292   5.795   0.40 24.74 ? 3   ARG A NH1 1 
ATOM   34   N NH2 A ARG A 1 3   ? 10.504  12.726  5.859   0.60 18.93 ? 3   ARG A NH2 1 
ATOM   35   N NH2 B ARG A 1 3   ? 10.957  7.785   7.418   0.40 23.92 ? 3   ARG A NH2 1 
ATOM   36   N N   . TYR A 1 4   ? 8.055   10.401  -0.201  1.00 18.79 ? 4   TYR A N   1 
ATOM   37   C CA  . TYR A 1 4   ? 6.710   10.535  -0.768  1.00 17.57 ? 4   TYR A CA  1 
ATOM   38   C C   . TYR A 1 4   ? 6.574   9.727   -2.041  1.00 17.38 ? 4   TYR A C   1 
ATOM   39   O O   . TYR A 1 4   ? 5.603   8.964   -2.190  1.00 15.66 ? 4   TYR A O   1 
ATOM   40   C CB  . TYR A 1 4   ? 6.379   12.014  -1.006  1.00 17.51 ? 4   TYR A CB  1 
ATOM   41   C CG  . TYR A 1 4   ? 5.039   12.231  -1.666  1.00 16.37 ? 4   TYR A CG  1 
ATOM   42   C CD1 . TYR A 1 4   ? 3.854   12.021  -0.954  1.00 14.81 ? 4   TYR A CD1 1 
ATOM   43   C CD2 . TYR A 1 4   ? 4.952   12.579  -2.994  1.00 16.50 ? 4   TYR A CD2 1 
ATOM   44   C CE1 . TYR A 1 4   ? 2.608   12.206  -1.575  1.00 16.27 ? 4   TYR A CE1 1 
ATOM   45   C CE2 . TYR A 1 4   ? 3.732   12.778  -3.614  1.00 17.91 ? 4   TYR A CE2 1 
ATOM   46   C CZ  . TYR A 1 4   ? 2.565   12.583  -2.902  1.00 15.35 ? 4   TYR A CZ  1 
ATOM   47   O OH  . TYR A 1 4   ? 1.344   12.780  -3.554  1.00 16.20 ? 4   TYR A OH  1 
ATOM   48   N N   . GLU A 1 5   ? 7.545   9.849   -2.955  1.00 16.66 ? 5   GLU A N   1 
ATOM   49   C CA  . GLU A 1 5   ? 7.546   9.076   -4.191  1.00 17.01 ? 5   GLU A CA  1 
ATOM   50   C C   . GLU A 1 5   ? 7.546   7.573   -3.901  1.00 15.79 ? 5   GLU A C   1 
ATOM   51   O O   . GLU A 1 5   ? 6.904   6.807   -4.602  1.00 16.03 ? 5   GLU A O   1 
ATOM   52   C CB  . GLU A 1 5   ? 8.740   9.438   -5.082  1.00 17.83 ? 5   GLU A CB  1 
ATOM   53   C CG  . GLU A 1 5   ? 8.551   10.783  -5.769  1.00 20.80 ? 5   GLU A CG  1 
ATOM   54   C CD  . GLU A 1 5   ? 9.776   11.228  -6.532  1.00 24.32 ? 5   GLU A CD  1 
ATOM   55   O OE1 . GLU A 1 5   ? 10.901  10.859  -6.114  1.00 25.84 ? 5   GLU A OE1 1 
ATOM   56   O OE2 . GLU A 1 5   ? 9.594   11.983  -7.520  1.00 25.97 ? 5   GLU A OE2 1 
ATOM   57   N N   . LYS A 1 6   ? 8.286   7.166   -2.868  1.00 15.54 ? 6   LYS A N   1 
ATOM   58   C CA  . LYS A 1 6   ? 8.337   5.739   -2.504  1.00 15.44 ? 6   LYS A CA  1 
ATOM   59   C C   . LYS A 1 6   ? 6.977   5.269   -1.997  1.00 15.53 ? 6   LYS A C   1 
ATOM   60   O O   . LYS A 1 6   ? 6.556   4.155   -2.289  1.00 15.59 ? 6   LYS A O   1 
ATOM   61   C CB  . LYS A 1 6   ? 9.407   5.484   -1.449  1.00 15.70 ? 6   LYS A CB  1 
ATOM   62   C CG  . LYS A 1 6   ? 9.446   4.021   -0.955  1.00 18.83 ? 6   LYS A CG  1 
ATOM   63   C CD  . LYS A 1 6   ? 10.699  3.769   -0.158  1.00 22.62 ? 6   LYS A CD  1 
ATOM   64   C CE  . LYS A 1 6   ? 10.746  2.310   0.312   1.00 26.04 ? 6   LYS A CE  1 
ATOM   65   N NZ  . LYS A 1 6   ? 12.130  1.951   0.777   1.00 27.69 ? 6   LYS A NZ  1 
ATOM   66   N N   . PHE A 1 7   ? 6.293   6.141   -1.273  1.00 14.03 ? 7   PHE A N   1 
ATOM   67   C CA  . PHE A 1 7   ? 4.949   5.811   -0.792  1.00 14.38 ? 7   PHE A CA  1 
ATOM   68   C C   . PHE A 1 7   ? 3.980   5.619   -1.970  1.00 13.72 ? 7   PHE A C   1 
ATOM   69   O O   . PHE A 1 7   ? 3.222   4.647   -1.985  1.00 13.91 ? 7   PHE A O   1 
ATOM   70   C CB  . PHE A 1 7   ? 4.411   6.866   0.176   1.00 12.48 ? 7   PHE A CB  1 
ATOM   71   C CG  . PHE A 1 7   ? 3.013   6.567   0.670   1.00 11.73 ? 7   PHE A CG  1 
ATOM   72   C CD1 . PHE A 1 7   ? 1.901   7.009   -0.048  1.00 15.82 ? 7   PHE A CD1 1 
ATOM   73   C CD2 . PHE A 1 7   ? 2.811   5.812   1.839   1.00 13.63 ? 7   PHE A CD2 1 
ATOM   74   C CE1 . PHE A 1 7   ? 0.600   6.721   0.398   1.00 15.22 ? 7   PHE A CE1 1 
ATOM   75   C CE2 . PHE A 1 7   ? 1.523   5.539   2.318   1.00 11.16 ? 7   PHE A CE2 1 
ATOM   76   C CZ  . PHE A 1 7   ? 0.406   5.976   1.579   1.00 13.90 ? 7   PHE A CZ  1 
ATOM   77   N N   . LEU A 1 8   ? 3.968   6.538   -2.931  1.00 14.77 ? 8   LEU A N   1 
ATOM   78   C CA  . LEU A 1 8   ? 3.141   6.361   -4.120  1.00 14.84 ? 8   LEU A CA  1 
ATOM   79   C C   . LEU A 1 8   ? 3.505   5.086   -4.886  1.00 14.63 ? 8   LEU A C   1 
ATOM   80   O O   . LEU A 1 8   ? 2.630   4.366   -5.339  1.00 14.59 ? 8   LEU A O   1 
ATOM   81   C CB  . LEU A 1 8   ? 3.276   7.568   -5.062  1.00 15.20 ? 8   LEU A CB  1 
ATOM   82   C CG  . LEU A 1 8   ? 2.893   8.931   -4.504  1.00 18.57 ? 8   LEU A CG  1 
ATOM   83   C CD1 . LEU A 1 8   ? 2.896   9.917   -5.670  1.00 19.97 ? 8   LEU A CD1 1 
ATOM   84   C CD2 . LEU A 1 8   ? 1.559   8.945   -3.809  1.00 16.15 ? 8   LEU A CD2 1 
ATOM   85   N N   . ARG A 1 9   ? 4.805   4.825   -5.040  1.00 14.15 ? 9   ARG A N   1 
ATOM   86   C CA  . ARG A 1 9   ? 5.235   3.675   -5.831  1.00 15.09 ? 9   ARG A CA  1 
ATOM   87   C C   . ARG A 1 9   ? 4.777   2.374   -5.196  1.00 15.00 ? 9   ARG A C   1 
ATOM   88   O O   . ARG A 1 9   ? 4.277   1.483   -5.888  1.00 15.68 ? 9   ARG A O   1 
ATOM   89   C CB  . ARG A 1 9   ? 6.768   3.671   -5.952  1.00 15.56 ? 9   ARG A CB  1 
ATOM   90   C CG  . ARG A 1 9   ? 7.337   2.400   -6.606  1.00 16.57 ? 9   ARG A CG  1 
ATOM   91   C CD  . ARG A 1 9   ? 8.852   2.506   -6.861  1.00 15.93 ? 9   ARG A CD  1 
ATOM   92   N NE  . ARG A 1 9   ? 9.653   2.821   -5.677  1.00 19.24 ? 9   ARG A NE  1 
ATOM   93   C CZ  . ARG A 1 9   ? 10.073  1.919   -4.793  1.00 20.23 ? 9   ARG A CZ  1 
ATOM   94   N NH1 . ARG A 1 9   ? 9.762   0.643   -4.956  1.00 20.82 ? 9   ARG A NH1 1 
ATOM   95   N NH2 . ARG A 1 9   ? 10.802  2.300   -3.744  1.00 22.44 ? 9   ARG A NH2 1 
ATOM   96   N N   . GLN A 1 10  ? 4.933   2.282   -3.883  1.00 16.04 ? 10  GLN A N   1 
ATOM   97   C CA  . GLN A 1 10  ? 4.606   1.082   -3.129  1.00 15.82 ? 10  GLN A CA  1 
ATOM   98   C C   . GLN A 1 10  ? 3.091   0.909   -2.861  1.00 16.59 ? 10  GLN A C   1 
ATOM   99   O O   . GLN A 1 10  ? 2.599   -0.236  -2.838  1.00 16.76 ? 10  GLN A O   1 
ATOM   100  C CB  . GLN A 1 10  ? 5.370   1.037   -1.803  1.00 15.98 ? 10  GLN A CB  1 
ATOM   101  C CG  A GLN A 1 10  ? 6.883   0.809   -1.973  1.00 17.24 ? 10  GLN A CG  1 
ATOM   102  C CD  A GLN A 1 10  ? 7.596   0.419   -0.703  1.00 21.31 ? 10  GLN A CD  1 
ATOM   103  O OE1 A GLN A 1 10  ? 8.402   -0.515  -0.704  1.00 24.70 ? 10  GLN A OE1 1 
ATOM   104  N NE2 A GLN A 1 10  ? 7.341   1.132   0.374   1.00 18.79 ? 10  GLN A NE2 1 
ATOM   105  N N   . HIS A 1 11  ? 2.363   2.024   -2.703  1.00 15.40 ? 11  HIS A N   1 
ATOM   106  C CA  . HIS A 1 11  ? 1.009   1.943   -2.098  1.00 15.47 ? 11  HIS A CA  1 
ATOM   107  C C   . HIS A 1 11  ? -0.161  2.591   -2.839  1.00 15.67 ? 11  HIS A C   1 
ATOM   108  O O   . HIS A 1 11  ? -1.307  2.486   -2.373  1.00 16.91 ? 11  HIS A O   1 
ATOM   109  C CB  . HIS A 1 11  ? 1.042   2.473   -0.660  1.00 14.37 ? 11  HIS A CB  1 
ATOM   110  C CG  . HIS A 1 11  ? 1.973   1.726   0.244   1.00 15.85 ? 11  HIS A CG  1 
ATOM   111  N ND1 . HIS A 1 11  ? 1.771   0.406   0.607   1.00 13.73 ? 11  HIS A ND1 1 
ATOM   112  C CD2 . HIS A 1 11  ? 3.131   2.103   0.831   1.00 16.12 ? 11  HIS A CD2 1 
ATOM   113  C CE1 . HIS A 1 11  ? 2.757   0.013   1.398   1.00 16.04 ? 11  HIS A CE1 1 
ATOM   114  N NE2 . HIS A 1 11  ? 3.592   1.030   1.557   1.00 16.00 ? 11  HIS A NE2 1 
ATOM   115  N N   . VAL A 1 12  ? 0.091   3.273   -3.952  1.00 15.28 ? 12  VAL A N   1 
ATOM   116  C CA  . VAL A 1 12  ? -0.987  3.964   -4.659  1.00 15.76 ? 12  VAL A CA  1 
ATOM   117  C C   . VAL A 1 12  ? -1.169  3.362   -6.068  1.00 17.27 ? 12  VAL A C   1 
ATOM   118  O O   . VAL A 1 12  ? -0.238  3.374   -6.895  1.00 17.42 ? 12  VAL A O   1 
ATOM   119  C CB  . VAL A 1 12  ? -0.776  5.508   -4.701  1.00 15.36 ? 12  VAL A CB  1 
ATOM   120  C CG1 . VAL A 1 12  ? -1.900  6.179   -5.491  1.00 15.92 ? 12  VAL A CG1 1 
ATOM   121  C CG2 . VAL A 1 12  ? -0.672  6.093   -3.281  1.00 17.13 ? 12  VAL A CG2 1 
ATOM   122  N N   . ASP A 1 13  ? -2.361  2.832   -6.332  1.00 17.06 ? 13  ASP A N   1 
ATOM   123  C CA  . ASP A 1 13  ? -2.678  2.305   -7.657  1.00 18.14 ? 13  ASP A CA  1 
ATOM   124  C C   . ASP A 1 13  ? -4.053  2.809   -8.023  1.00 19.26 ? 13  ASP A C   1 
ATOM   125  O O   . ASP A 1 13  ? -5.061  2.214   -7.648  1.00 18.35 ? 13  ASP A O   1 
ATOM   126  C CB  . ASP A 1 13  ? -2.632  0.786   -7.679  1.00 17.99 ? 13  ASP A CB  1 
ATOM   127  C CG  . ASP A 1 13  ? -2.990  0.212   -9.043  1.00 18.74 ? 13  ASP A CG  1 
ATOM   128  O OD1 . ASP A 1 13  ? -2.586  0.830   -10.054 1.00 19.28 ? 13  ASP A OD1 1 
ATOM   129  O OD2 . ASP A 1 13  ? -3.656  -0.843  -9.085  1.00 17.27 ? 13  ASP A OD2 1 
ATOM   130  N N   . TYR A 1 14  ? -4.076  3.931   -8.736  1.00 20.91 ? 14  TYR A N   1 
ATOM   131  C CA  . TYR A 1 14  ? -5.334  4.584   -9.046  1.00 22.05 ? 14  TYR A CA  1 
ATOM   132  C C   . TYR A 1 14  ? -5.314  5.248   -10.434 1.00 23.18 ? 14  TYR A C   1 
ATOM   133  O O   . TYR A 1 14  ? -4.429  6.054   -10.690 1.00 23.77 ? 14  TYR A O   1 
ATOM   134  C CB  . TYR A 1 14  ? -5.650  5.636   -7.974  1.00 21.75 ? 14  TYR A CB  1 
ATOM   135  C CG  . TYR A 1 14  ? -6.867  6.425   -8.365  1.00 23.00 ? 14  TYR A CG  1 
ATOM   136  C CD1 . TYR A 1 14  ? -8.147  5.903   -8.155  1.00 24.55 ? 14  TYR A CD1 1 
ATOM   137  C CD2 . TYR A 1 14  ? -6.732  7.658   -9.004  1.00 22.34 ? 14  TYR A CD2 1 
ATOM   138  C CE1 . TYR A 1 14  ? -9.275  6.606   -8.560  1.00 26.57 ? 14  TYR A CE1 1 
ATOM   139  C CE2 . TYR A 1 14  ? -7.852  8.366   -9.416  1.00 24.28 ? 14  TYR A CE2 1 
ATOM   140  C CZ  . TYR A 1 14  ? -9.110  7.832   -9.177  1.00 25.49 ? 14  TYR A CZ  1 
ATOM   141  O OH  . TYR A 1 14  ? -10.214 8.539   -9.563  1.00 29.98 ? 14  TYR A OH  1 
ATOM   142  N N   . PRO A 1 15  ? -6.311  4.924   -11.301 1.00 24.52 ? 15  PRO A N   1 
ATOM   143  C CA  . PRO A 1 15  ? -7.343  3.888   -11.091 1.00 25.17 ? 15  PRO A CA  1 
ATOM   144  C C   . PRO A 1 15  ? -6.696  2.510   -10.949 1.00 24.99 ? 15  PRO A C   1 
ATOM   145  O O   . PRO A 1 15  ? -5.536  2.345   -11.368 1.00 26.37 ? 15  PRO A O   1 
ATOM   146  C CB  . PRO A 1 15  ? -8.195  3.942   -12.381 1.00 25.56 ? 15  PRO A CB  1 
ATOM   147  C CG  . PRO A 1 15  ? -7.861  5.288   -13.007 1.00 25.86 ? 15  PRO A CG  1 
ATOM   148  C CD  . PRO A 1 15  ? -6.472  5.618   -12.597 1.00 25.32 ? 15  PRO A CD  1 
ATOM   149  N N   . ARG A 1 16  ? -7.430  1.572   -10.338 1.00 25.20 ? 16  ARG A N   1 
ATOM   150  C CA  A ARG A 1 16  ? -6.923  0.223   -10.123 0.60 24.41 ? 16  ARG A CA  1 
ATOM   151  C CA  B ARG A 1 16  ? -6.938  0.201   -10.121 0.40 24.55 ? 16  ARG A CA  1 
ATOM   152  C C   . ARG A 1 16  ? -6.473  -0.385  -11.447 1.00 24.76 ? 16  ARG A C   1 
ATOM   153  O O   . ARG A 1 16  ? -7.161  -0.249  -12.477 1.00 25.25 ? 16  ARG A O   1 
ATOM   154  C CB  A ARG A 1 16  ? -7.991  -0.640  -9.458  0.60 24.68 ? 16  ARG A CB  1 
ATOM   155  C CB  B ARG A 1 16  ? -8.037  -0.679  -9.459  0.40 24.75 ? 16  ARG A CB  1 
ATOM   156  C CG  A ARG A 1 16  ? -7.440  -1.945  -8.916  0.60 24.34 ? 16  ARG A CG  1 
ATOM   157  C CG  B ARG A 1 16  ? -7.582  -2.107  -9.033  0.40 24.50 ? 16  ARG A CG  1 
ATOM   158  C CD  A ARG A 1 16  ? -8.498  -2.732  -8.187  0.60 24.13 ? 16  ARG A CD  1 
ATOM   159  C CD  B ARG A 1 16  ? -8.656  -2.888  -8.191  0.40 24.40 ? 16  ARG A CD  1 
ATOM   160  N NE  A ARG A 1 16  ? -7.899  -3.812  -7.413  0.60 21.07 ? 16  ARG A NE  1 
ATOM   161  N NE  B ARG A 1 16  ? -9.742  -3.466  -8.999  0.40 22.67 ? 16  ARG A NE  1 
ATOM   162  C CZ  A ARG A 1 16  ? -7.699  -5.045  -7.865  0.60 19.78 ? 16  ARG A CZ  1 
ATOM   163  C CZ  B ARG A 1 16  ? -10.733 -4.244  -8.542  0.40 21.66 ? 16  ARG A CZ  1 
ATOM   164  N NH1 A ARG A 1 16  ? -8.070  -5.386  -9.101  0.60 21.35 ? 16  ARG A NH1 1 
ATOM   165  N NH1 B ARG A 1 16  ? -10.826 -4.585  -7.254  0.40 20.38 ? 16  ARG A NH1 1 
ATOM   166  N NH2 A ARG A 1 16  ? -7.151  -5.948  -7.076  0.60 14.87 ? 16  ARG A NH2 1 
ATOM   167  N NH2 B ARG A 1 16  ? -11.649 -4.682  -9.396  0.40 22.46 ? 16  ARG A NH2 1 
ATOM   168  N N   . THR A 1 17  ? -5.298  -1.004  -11.430 1.00 23.70 ? 17  THR A N   1 
ATOM   169  C CA  . THR A 1 17  ? -4.761  -1.670  -12.615 1.00 23.96 ? 17  THR A CA  1 
ATOM   170  C C   . THR A 1 17  ? -5.561  -2.935  -12.874 1.00 24.30 ? 17  THR A C   1 
ATOM   171  O O   . THR A 1 17  ? -5.854  -3.697  -11.957 1.00 23.67 ? 17  THR A O   1 
ATOM   172  C CB  . THR A 1 17  ? -3.252  -1.953  -12.425 1.00 23.73 ? 17  THR A CB  1 
ATOM   173  O OG1 . THR A 1 17  ? -2.561  -0.715  -12.370 1.00 21.94 ? 17  THR A OG1 1 
ATOM   174  C CG2 . THR A 1 17  ? -2.669  -2.814  -13.566 1.00 24.63 ? 17  THR A CG2 1 
ATOM   175  N N   . ALA A 1 18  ? -5.975  -3.120  -14.133 1.00 24.42 ? 18  ALA A N   1 
ATOM   176  C CA  . ALA A 1 18  ? -6.780  -4.263  -14.515 1.00 24.45 ? 18  ALA A CA  1 
ATOM   177  C C   . ALA A 1 18  ? -5.936  -5.537  -14.458 1.00 24.97 ? 18  ALA A C   1 
ATOM   178  O O   . ALA A 1 18  ? -4.736  -5.503  -14.733 1.00 25.41 ? 18  ALA A O   1 
ATOM   179  C CB  . ALA A 1 18  ? -7.348  -4.058  -15.936 1.00 24.72 ? 18  ALA A CB  1 
ATOM   180  N N   . ALA A 1 19  ? -6.571  -6.627  -14.049 1.00 24.55 ? 19  ALA A N   1 
ATOM   181  C CA  . ALA A 1 19  ? -5.927  -7.941  -13.943 1.00 25.20 ? 19  ALA A CA  1 
ATOM   182  C C   . ALA A 1 19  ? -7.014  -9.010  -13.957 1.00 24.95 ? 19  ALA A C   1 
ATOM   183  O O   . ALA A 1 19  ? -8.173  -8.694  -13.686 1.00 25.06 ? 19  ALA A O   1 
ATOM   184  C CB  . ALA A 1 19  ? -5.068  -8.029  -12.662 1.00 25.16 ? 19  ALA A CB  1 
ATOM   185  N N   . PRO A 1 20  ? -6.662  -10.279 -14.293 1.00 24.99 ? 20  PRO A N   1 
ATOM   186  C CA  . PRO A 1 20  ? -7.678  -11.351 -14.356 1.00 24.63 ? 20  PRO A CA  1 
ATOM   187  C C   . PRO A 1 20  ? -8.220  -11.795 -13.006 1.00 24.55 ? 20  PRO A C   1 
ATOM   188  O O   . PRO A 1 20  ? -9.378  -12.221 -12.914 1.00 25.22 ? 20  PRO A O   1 
ATOM   189  C CB  . PRO A 1 20  ? -6.955  -12.519 -15.050 1.00 24.77 ? 20  PRO A CB  1 
ATOM   190  C CG  . PRO A 1 20  ? -5.519  -12.128 -15.172 1.00 25.30 ? 20  PRO A CG  1 
ATOM   191  C CD  . PRO A 1 20  ? -5.315  -10.729 -14.685 1.00 24.62 ? 20  PRO A CD  1 
ATOM   192  N N   . ASP A 1 21  ? -7.392  -11.696 -11.963 1.00 24.24 ? 21  ASP A N   1 
ATOM   193  C CA  . ASP A 1 21  ? -7.790  -12.100 -10.623 1.00 23.89 ? 21  ASP A CA  1 
ATOM   194  C C   . ASP A 1 21  ? -6.796  -11.474 -9.640  1.00 22.81 ? 21  ASP A C   1 
ATOM   195  O O   . ASP A 1 21  ? -5.803  -10.894 -10.062 1.00 22.21 ? 21  ASP A O   1 
ATOM   196  C CB  . ASP A 1 21  ? -7.773  -13.618 -10.518 1.00 24.86 ? 21  ASP A CB  1 
ATOM   197  C CG  . ASP A 1 21  ? -6.490  -14.221 -11.069 1.00 26.94 ? 21  ASP A CG  1 
ATOM   198  O OD1 . ASP A 1 21  ? -5.408  -13.948 -10.516 1.00 26.62 ? 21  ASP A OD1 1 
ATOM   199  O OD2 . ASP A 1 21  ? -6.552  -14.976 -12.066 1.00 30.85 ? 21  ASP A OD2 1 
ATOM   200  N N   . THR A 1 22  ? -7.052  -11.603 -8.342  1.00 23.22 ? 22  THR A N   1 
ATOM   201  C CA  . THR A 1 22  ? -6.230  -10.874 -7.366  1.00 23.27 ? 22  THR A CA  1 
ATOM   202  C C   . THR A 1 22  ? -4.820  -11.447 -7.205  1.00 22.61 ? 22  THR A C   1 
ATOM   203  O O   . THR A 1 22  ? -3.863  -10.712 -6.995  1.00 21.92 ? 22  THR A O   1 
ATOM   204  C CB  . THR A 1 22  ? -6.932  -10.782 -6.011  1.00 23.39 ? 22  THR A CB  1 
ATOM   205  O OG1 . THR A 1 22  ? -8.285  -10.362 -6.207  1.00 25.11 ? 22  THR A OG1 1 
ATOM   206  C CG2 . THR A 1 22  ? -6.220  -9.777  -5.141  1.00 23.37 ? 22  THR A CG2 1 
ATOM   207  N N   . ARG A 1 23  ? -4.679  -12.759 -7.347  1.00 21.89 ? 23  ARG A N   1 
ATOM   208  C CA  . ARG A 1 23  ? -3.375  -13.398 -7.256  1.00 21.94 ? 23  ARG A CA  1 
ATOM   209  C C   . ARG A 1 23  ? -2.482  -12.819 -8.369  1.00 20.76 ? 23  ARG A C   1 
ATOM   210  O O   . ARG A 1 23  ? -1.332  -12.440 -8.118  1.00 19.72 ? 23  ARG A O   1 
ATOM   211  C CB  . ARG A 1 23  ? -3.570  -14.912 -7.410  1.00 22.43 ? 23  ARG A CB  1 
ATOM   212  C CG  . ARG A 1 23  ? -2.343  -15.756 -7.428  1.00 26.05 ? 23  ARG A CG  1 
ATOM   213  C CD  . ARG A 1 23  ? -2.687  -17.174 -7.928  1.00 30.01 ? 23  ARG A CD  1 
ATOM   214  N NE  . ARG A 1 23  ? -2.246  -17.334 -9.323  1.00 37.13 ? 23  ARG A NE  1 
ATOM   215  C CZ  . ARG A 1 23  ? -3.035  -17.421 -10.399 1.00 39.52 ? 23  ARG A CZ  1 
ATOM   216  N NH1 . ARG A 1 23  ? -4.366  -17.396 -10.305 1.00 41.89 ? 23  ARG A NH1 1 
ATOM   217  N NH2 . ARG A 1 23  ? -2.479  -17.560 -11.592 1.00 42.33 ? 23  ARG A NH2 1 
ATOM   218  N N   . THR A 1 24  ? -3.028  -12.720 -9.584  1.00 20.38 ? 24  THR A N   1 
ATOM   219  C CA  . THR A 1 24  ? -2.293  -12.192 -10.728 1.00 19.37 ? 24  THR A CA  1 
ATOM   220  C C   . THR A 1 24  ? -2.037  -10.682 -10.573 1.00 18.68 ? 24  THR A C   1 
ATOM   221  O O   . THR A 1 24  ? -0.957  -10.207 -10.903 1.00 18.77 ? 24  THR A O   1 
ATOM   222  C CB  . THR A 1 24  ? -3.015  -12.442 -12.081 1.00 20.32 ? 24  THR A CB  1 
ATOM   223  O OG1 . THR A 1 24  ? -3.315  -13.846 -12.248 1.00 21.94 ? 24  THR A OG1 1 
ATOM   224  C CG2 . THR A 1 24  ? -2.151  -12.001 -13.217 1.00 20.03 ? 24  THR A CG2 1 
ATOM   225  N N   . TYR A 1 25  ? -3.039  -9.943  -10.102 1.00 18.43 ? 25  TYR A N   1 
ATOM   226  C CA  . TYR A 1 25  ? -2.850  -8.531  -9.749  1.00 17.37 ? 25  TYR A CA  1 
ATOM   227  C C   . TYR A 1 25  ? -1.598  -8.396  -8.871  1.00 17.18 ? 25  TYR A C   1 
ATOM   228  O O   . TYR A 1 25  ? -0.686  -7.605  -9.149  1.00 17.15 ? 25  TYR A O   1 
ATOM   229  C CB  . TYR A 1 25  ? -4.072  -7.997  -9.000  1.00 17.82 ? 25  TYR A CB  1 
ATOM   230  C CG  . TYR A 1 25  ? -3.880  -6.571  -8.547  1.00 17.18 ? 25  TYR A CG  1 
ATOM   231  C CD1 . TYR A 1 25  ? -3.300  -6.294  -7.311  1.00 15.11 ? 25  TYR A CD1 1 
ATOM   232  C CD2 . TYR A 1 25  ? -4.261  -5.505  -9.362  1.00 16.67 ? 25  TYR A CD2 1 
ATOM   233  C CE1 . TYR A 1 25  ? -3.120  -4.987  -6.901  1.00 15.56 ? 25  TYR A CE1 1 
ATOM   234  C CE2 . TYR A 1 25  ? -4.077  -4.176  -8.975  1.00 17.43 ? 25  TYR A CE2 1 
ATOM   235  C CZ  . TYR A 1 25  ? -3.488  -3.924  -7.742  1.00 14.99 ? 25  TYR A CZ  1 
ATOM   236  O OH  . TYR A 1 25  ? -3.295  -2.611  -7.358  1.00 14.25 ? 25  TYR A OH  1 
ATOM   237  N N   . CYS A 1 26  ? -1.581  -9.168  -7.788  1.00 17.50 ? 26  CYS A N   1 
ATOM   238  C CA  . CYS A 1 26  ? -0.478  -9.075  -6.829  1.00 16.94 ? 26  CYS A CA  1 
ATOM   239  C C   . CYS A 1 26  ? 0.880   -9.438  -7.433  1.00 17.76 ? 26  CYS A C   1 
ATOM   240  O O   . CYS A 1 26  ? 1.862   -8.740  -7.259  1.00 16.49 ? 26  CYS A O   1 
ATOM   241  C CB  . CYS A 1 26  ? -0.805  -9.919  -5.611  1.00 17.88 ? 26  CYS A CB  1 
ATOM   242  S SG  . CYS A 1 26  ? -2.028  -9.171  -4.538  1.00 17.89 ? 26  CYS A SG  1 
ATOM   243  N N   . ASN A 1 27  ? 0.913   -10.538 -8.188  1.00 17.63 ? 27  ASN A N   1 
ATOM   244  C CA  . ASN A 1 27  ? 2.133   -10.956 -8.810  1.00 18.61 ? 27  ASN A CA  1 
ATOM   245  C C   . ASN A 1 27  ? 2.702   -9.883  -9.756  1.00 18.02 ? 27  ASN A C   1 
ATOM   246  O O   . ASN A 1 27  ? 3.890   -9.557  -9.710  1.00 18.51 ? 27  ASN A O   1 
ATOM   247  C CB  . ASN A 1 27  ? 1.882   -12.283 -9.526  1.00 18.72 ? 27  ASN A CB  1 
ATOM   248  C CG  . ASN A 1 27  ? 1.770   -13.454 -8.543  1.00 20.15 ? 27  ASN A CG  1 
ATOM   249  O OD1 . ASN A 1 27  ? 2.305   -13.394 -7.417  1.00 21.45 ? 27  ASN A OD1 1 
ATOM   250  N ND2 . ASN A 1 27  ? 1.114   -14.537 -8.969  1.00 20.99 ? 27  ASN A ND2 1 
ATOM   251  N N   . GLN A 1 28  ? 1.823   -9.312  -10.573 1.00 19.18 ? 28  GLN A N   1 
ATOM   252  C CA  . GLN A 1 28  ? 2.234   -8.293  -11.532 1.00 18.36 ? 28  GLN A CA  1 
ATOM   253  C C   . GLN A 1 28  ? 2.646   -6.993  -10.844 1.00 18.22 ? 28  GLN A C   1 
ATOM   254  O O   . GLN A 1 28  ? 3.665   -6.393  -11.165 1.00 18.25 ? 28  GLN A O   1 
ATOM   255  C CB  . GLN A 1 28  ? 1.088   -8.022  -12.521 1.00 19.01 ? 28  GLN A CB  1 
ATOM   256  C CG  . GLN A 1 28  ? 0.811   -9.220  -13.425 1.00 21.92 ? 28  GLN A CG  1 
ATOM   257  C CD  . GLN A 1 28  ? -0.317  -8.988  -14.453 1.00 24.75 ? 28  GLN A CD  1 
ATOM   258  O OE1 . GLN A 1 28  ? -1.304  -8.301  -14.189 1.00 27.03 ? 28  GLN A OE1 1 
ATOM   259  N NE2 . GLN A 1 28  ? -0.171  -9.605  -15.626 1.00 26.05 ? 28  GLN A NE2 1 
ATOM   260  N N   . MET A 1 29  ? 1.848   -6.559  -9.881  1.00 16.98 ? 29  MET A N   1 
ATOM   261  C CA  . MET A 1 29  ? 2.028   -5.212  -9.311  1.00 16.19 ? 29  MET A CA  1 
ATOM   262  C C   . MET A 1 29  ? 3.241   -5.191  -8.375  1.00 15.55 ? 29  MET A C   1 
ATOM   263  O O   . MET A 1 29  ? 4.002   -4.221  -8.350  1.00 14.45 ? 29  MET A O   1 
ATOM   264  C CB  . MET A 1 29  ? 0.746   -4.756  -8.598  1.00 16.49 ? 29  MET A CB  1 
ATOM   265  C CG  . MET A 1 29  ? -0.424  -4.467  -9.512  1.00 19.13 ? 29  MET A CG  1 
ATOM   266  S SD  . MET A 1 29  ? -0.136  -3.095  -10.658 1.00 24.10 ? 29  MET A SD  1 
ATOM   267  C CE  . MET A 1 29  ? 0.513   -1.849  -9.577  1.00 26.77 ? 29  MET A CE  1 
ATOM   268  N N   . MET A 1 30  ? 3.442   -6.279  -7.635  1.00 14.81 ? 30  MET A N   1 
ATOM   269  C CA  . MET A 1 30  ? 4.600   -6.354  -6.736  1.00 14.76 ? 30  MET A CA  1 
ATOM   270  C C   . MET A 1 30  ? 5.885   -6.240  -7.534  1.00 15.11 ? 30  MET A C   1 
ATOM   271  O O   . MET A 1 30  ? 6.825   -5.613  -7.096  1.00 15.55 ? 30  MET A O   1 
ATOM   272  C CB  . MET A 1 30  ? 4.563   -7.639  -5.916  1.00 14.61 ? 30  MET A CB  1 
ATOM   273  C CG  . MET A 1 30  ? 3.469   -7.660  -4.833  1.00 14.01 ? 30  MET A CG  1 
ATOM   274  S SD  . MET A 1 30  ? 3.516   -6.283  -3.641  1.00 15.84 ? 30  MET A SD  1 
ATOM   275  C CE  . MET A 1 30  ? 4.898   -6.766  -2.607  1.00 17.31 ? 30  MET A CE  1 
ATOM   276  N N   . GLN A 1 31  ? 5.899   -6.841  -8.715  1.00 15.95 ? 31  GLN A N   1 
ATOM   277  C CA  . GLN A 1 31  ? 7.082   -6.744  -9.581  1.00 17.44 ? 31  GLN A CA  1 
ATOM   278  C C   . GLN A 1 31  ? 7.199   -5.374  -10.250 1.00 16.96 ? 31  GLN A C   1 
ATOM   279  O O   . GLN A 1 31  ? 8.248   -4.736  -10.176 1.00 18.78 ? 31  GLN A O   1 
ATOM   280  C CB  . GLN A 1 31  ? 7.046   -7.823  -10.660 1.00 17.03 ? 31  GLN A CB  1 
ATOM   281  C CG  . GLN A 1 31  ? 8.269   -7.769  -11.566 1.00 19.95 ? 31  GLN A CG  1 
ATOM   282  C CD  . GLN A 1 31  ? 8.367   -8.936  -12.519 1.00 25.04 ? 31  GLN A CD  1 
ATOM   283  O OE1 . GLN A 1 31  ? 7.799   -10.002 -12.280 1.00 27.47 ? 31  GLN A OE1 1 
ATOM   284  N NE2 . GLN A 1 31  ? 9.112   -8.749  -13.605 1.00 23.51 ? 31  GLN A NE2 1 
ATOM   285  N N   . ARG A 1 32  ? 6.110   -4.935  -10.891 1.00 19.05 ? 32  ARG A N   1 
ATOM   286  C CA  . ARG A 1 32  ? 6.088   -3.653  -11.620 1.00 19.26 ? 32  ARG A CA  1 
ATOM   287  C C   . ARG A 1 32  ? 6.531   -2.483  -10.736 1.00 19.59 ? 32  ARG A C   1 
ATOM   288  O O   . ARG A 1 32  ? 7.261   -1.567  -11.184 1.00 20.62 ? 32  ARG A O   1 
ATOM   289  C CB  . ARG A 1 32  ? 4.682   -3.383  -12.200 1.00 19.64 ? 32  ARG A CB  1 
ATOM   290  C CG  . ARG A 1 32  ? 4.296   -4.256  -13.397 1.00 20.96 ? 32  ARG A CG  1 
ATOM   291  C CD  . ARG A 1 32  ? 2.836   -4.028  -13.834 1.00 25.65 ? 32  ARG A CD  1 
ATOM   292  N NE  . ARG A 1 32  ? 2.450   -4.910  -14.944 1.00 29.10 ? 32  ARG A NE  1 
ATOM   293  C CZ  . ARG A 1 32  ? 1.192   -5.177  -15.291 1.00 31.43 ? 32  ARG A CZ  1 
ATOM   294  N NH1 . ARG A 1 32  ? 0.181   -4.640  -14.607 1.00 32.01 ? 32  ARG A NH1 1 
ATOM   295  N NH2 . ARG A 1 32  ? 0.933   -5.992  -16.312 1.00 32.52 ? 32  ARG A NH2 1 
ATOM   296  N N   . ARG A 1 33  ? 6.124   -2.535  -9.465  1.00 18.28 ? 33  ARG A N   1 
ATOM   297  C CA  . ARG A 1 33  ? 6.385   -1.456  -8.523  1.00 17.62 ? 33  ARG A CA  1 
ATOM   298  C C   . ARG A 1 33  ? 7.704   -1.590  -7.757  1.00 18.09 ? 33  ARG A C   1 
ATOM   299  O O   . ARG A 1 33  ? 7.947   -0.848  -6.815  1.00 19.22 ? 33  ARG A O   1 
ATOM   300  C CB  . ARG A 1 33  ? 5.201   -1.307  -7.553  1.00 16.98 ? 33  ARG A CB  1 
ATOM   301  C CG  . ARG A 1 33  ? 3.905   -0.921  -8.210  1.00 16.17 ? 33  ARG A CG  1 
ATOM   302  C CD  . ARG A 1 33  ? 4.010   0.421   -8.956  1.00 15.66 ? 33  ARG A CD  1 
ATOM   303  N NE  . ARG A 1 33  ? 2.697   0.810   -9.488  1.00 17.26 ? 33  ARG A NE  1 
ATOM   304  C CZ  . ARG A 1 33  ? 1.808   1.557   -8.824  1.00 13.84 ? 33  ARG A CZ  1 
ATOM   305  N NH1 . ARG A 1 33  ? 2.102   2.007   -7.620  1.00 15.80 ? 33  ARG A NH1 1 
ATOM   306  N NH2 . ARG A 1 33  ? 0.648   1.876   -9.384  1.00 14.63 ? 33  ARG A NH2 1 
ATOM   307  N N   . GLY A 1 34  ? 8.543   -2.550  -8.143  1.00 18.31 ? 34  GLY A N   1 
ATOM   308  C CA  . GLY A 1 34  ? 9.913   -2.584  -7.606  1.00 19.40 ? 34  GLY A CA  1 
ATOM   309  C C   . GLY A 1 34  ? 10.046  -3.319  -6.291  1.00 19.17 ? 34  GLY A C   1 
ATOM   310  O O   . GLY A 1 34  ? 11.006  -3.120  -5.565  1.00 19.96 ? 34  GLY A O   1 
ATOM   311  N N   . MET A 1 35  ? 9.068   -4.166  -5.979  1.00 18.77 ? 35  MET A N   1 
ATOM   312  C CA  . MET A 1 35  ? 9.002   -4.819  -4.675  1.00 18.39 ? 35  MET A CA  1 
ATOM   313  C C   . MET A 1 35  ? 9.375   -6.323  -4.667  1.00 19.31 ? 35  MET A C   1 
ATOM   314  O O   . MET A 1 35  ? 9.171   -7.026  -3.671  1.00 18.09 ? 35  MET A O   1 
ATOM   315  C CB  . MET A 1 35  ? 7.633   -4.547  -4.028  1.00 18.36 ? 35  MET A CB  1 
ATOM   316  C CG  . MET A 1 35  ? 7.528   -3.136  -3.459  1.00 16.96 ? 35  MET A CG  1 
ATOM   317  S SD  . MET A 1 35  ? 5.888   -2.818  -2.728  1.00 18.47 ? 35  MET A SD  1 
ATOM   318  C CE  . MET A 1 35  ? 4.897   -2.693  -4.211  1.00 18.08 ? 35  MET A CE  1 
ATOM   319  N N   . THR A 1 36  ? 9.977   -6.796  -5.762  1.00 19.80 ? 36  THR A N   1 
ATOM   320  C CA  . THR A 1 36  ? 10.432  -8.196  -5.806  1.00 20.74 ? 36  THR A CA  1 
ATOM   321  C C   . THR A 1 36  ? 11.929  -8.351  -6.108  1.00 22.79 ? 36  THR A C   1 
ATOM   322  O O   . THR A 1 36  ? 12.411  -9.473  -6.287  1.00 22.80 ? 36  THR A O   1 
ATOM   323  C CB  . THR A 1 36  ? 9.608   -9.072  -6.763  1.00 20.94 ? 36  THR A CB  1 
ATOM   324  O OG1 . THR A 1 36  ? 9.770   -8.620  -8.100  1.00 20.36 ? 36  THR A OG1 1 
ATOM   325  C CG2 . THR A 1 36  ? 8.122   -9.026  -6.402  1.00 19.62 ? 36  THR A CG2 1 
ATOM   326  N N   . LEU A 1 37  ? 12.641  -7.232  -6.163  1.00 24.11 ? 37  LEU A N   1 
ATOM   327  C CA  . LEU A 1 37  ? 14.096  -7.273  -6.229  1.00 27.55 ? 37  LEU A CA  1 
ATOM   328  C C   . LEU A 1 37  ? 14.691  -6.301  -5.227  1.00 27.81 ? 37  LEU A C   1 
ATOM   329  O O   . LEU A 1 37  ? 14.140  -5.206  -5.026  1.00 29.45 ? 37  LEU A O   1 
ATOM   330  C CB  . LEU A 1 37  ? 14.592  -6.952  -7.634  1.00 27.79 ? 37  LEU A CB  1 
ATOM   331  C CG  . LEU A 1 37  ? 14.692  -8.078  -8.661  1.00 29.94 ? 37  LEU A CG  1 
ATOM   332  C CD1 . LEU A 1 37  ? 15.325  -7.545  -9.911  1.00 32.78 ? 37  LEU A CD1 1 
ATOM   333  C CD2 . LEU A 1 37  ? 15.496  -9.266  -8.131  1.00 30.69 ? 37  LEU A CD2 1 
ATOM   334  N N   . PRO A 1 38  ? 15.808  -6.691  -4.578  1.00 27.92 ? 38  PRO A N   1 
ATOM   335  C CA  . PRO A 1 38  ? 16.498  -7.986  -4.717  1.00 27.33 ? 38  PRO A CA  1 
ATOM   336  C C   . PRO A 1 38  ? 15.835  -9.174  -3.991  1.00 26.69 ? 38  PRO A C   1 
ATOM   337  O O   . PRO A 1 38  ? 16.239  -10.321 -4.201  1.00 26.92 ? 38  PRO A O   1 
ATOM   338  C CB  . PRO A 1 38  ? 17.881  -7.700  -4.124  1.00 27.69 ? 38  PRO A CB  1 
ATOM   339  C CG  . PRO A 1 38  ? 17.630  -6.612  -3.121  1.00 28.01 ? 38  PRO A CG  1 
ATOM   340  C CD  . PRO A 1 38  ? 16.499  -5.789  -3.639  1.00 28.66 ? 38  PRO A CD  1 
ATOM   341  N N   . VAL A 1 39  ? 14.833  -8.905  -3.159  1.00 25.48 ? 39  VAL A N   1 
ATOM   342  C CA  . VAL A 1 39  ? 14.116  -9.965  -2.409  1.00 23.97 ? 39  VAL A CA  1 
ATOM   343  C C   . VAL A 1 39  ? 12.596  -9.748  -2.499  1.00 22.80 ? 39  VAL A C   1 
ATOM   344  O O   . VAL A 1 39  ? 12.141  -8.654  -2.810  1.00 21.45 ? 39  VAL A O   1 
ATOM   345  C CB  . VAL A 1 39  ? 14.525  -9.986  -0.909  1.00 25.02 ? 39  VAL A CB  1 
ATOM   346  C CG1 . VAL A 1 39  ? 15.997  -10.420 -0.749  1.00 25.56 ? 39  VAL A CG1 1 
ATOM   347  C CG2 . VAL A 1 39  ? 14.317  -8.621  -0.265  1.00 24.85 ? 39  VAL A CG2 1 
ATOM   348  N N   . CYS A 1 40  ? 11.825  -10.796 -2.214  1.00 20.95 ? 40  CYS A N   1 
ATOM   349  C CA  . CYS A 1 40  ? 10.362  -10.694 -2.199  1.00 20.77 ? 40  CYS A CA  1 
ATOM   350  C C   . CYS A 1 40  ? 9.886   -9.951  -0.954  1.00 20.47 ? 40  CYS A C   1 
ATOM   351  O O   . CYS A 1 40  ? 10.127  -10.422 0.162   1.00 20.62 ? 40  CYS A O   1 
ATOM   352  C CB  . CYS A 1 40  ? 9.719   -12.075 -2.185  1.00 20.87 ? 40  CYS A CB  1 
ATOM   353  S SG  . CYS A 1 40  ? 10.298  -13.221 -3.414  1.00 22.08 ? 40  CYS A SG  1 
ATOM   354  N N   . LYS A 1 41  ? 9.243   -8.790  -1.130  1.00 19.56 ? 41  LYS A N   1 
ATOM   355  C CA  . LYS A 1 41  ? 8.562   -8.135  0.000   1.00 19.31 ? 41  LYS A CA  1 
ATOM   356  C C   . LYS A 1 41  ? 7.433   -9.049  0.497   1.00 18.93 ? 41  LYS A C   1 
ATOM   357  O O   . LYS A 1 41  ? 6.683   -9.633  -0.298  1.00 17.64 ? 41  LYS A O   1 
ATOM   358  C CB  . LYS A 1 41  ? 8.042   -6.751  -0.376  1.00 19.73 ? 41  LYS A CB  1 
ATOM   359  C CG  . LYS A 1 41  ? 7.456   -5.935  0.810   1.00 20.80 ? 41  LYS A CG  1 
ATOM   360  C CD  . LYS A 1 41  ? 7.154   -4.522  0.381   1.00 23.10 ? 41  LYS A CD  1 
ATOM   361  C CE  . LYS A 1 41  ? 6.576   -3.720  1.546   1.00 27.16 ? 41  LYS A CE  1 
ATOM   362  N NZ  . LYS A 1 41  ? 5.836   -2.520  1.021   1.00 29.80 ? 41  LYS A NZ  1 
ATOM   363  N N   . PHE A 1 42  ? 7.314   -9.185  1.818   1.00 19.15 ? 42  PHE A N   1 
ATOM   364  C CA  A PHE A 1 42  ? 6.367   -10.139 2.386   0.60 19.31 ? 42  PHE A CA  1 
ATOM   365  C CA  B PHE A 1 42  ? 6.360   -10.134 2.404   0.40 19.19 ? 42  PHE A CA  1 
ATOM   366  C C   . PHE A 1 42  ? 4.896   -9.762  2.175   1.00 19.12 ? 42  PHE A C   1 
ATOM   367  O O   . PHE A 1 42  ? 4.076   -10.620 1.826   1.00 19.78 ? 42  PHE A O   1 
ATOM   368  C CB  A PHE A 1 42  ? 6.681   -10.377 3.873   0.60 20.17 ? 42  PHE A CB  1 
ATOM   369  C CB  B PHE A 1 42  ? 6.607   -10.318 3.910   0.40 19.61 ? 42  PHE A CB  1 
ATOM   370  C CG  A PHE A 1 42  ? 7.834   -11.319 4.098   0.60 21.23 ? 42  PHE A CG  1 
ATOM   371  C CG  B PHE A 1 42  ? 5.505   -11.069 4.611   0.40 19.98 ? 42  PHE A CG  1 
ATOM   372  C CD1 A PHE A 1 42  ? 7.721   -12.671 3.767   0.60 23.09 ? 42  PHE A CD1 1 
ATOM   373  C CD1 B PHE A 1 42  ? 5.374   -12.454 4.462   0.40 20.69 ? 42  PHE A CD1 1 
ATOM   374  C CD2 A PHE A 1 42  ? 9.031   -10.863 4.650   0.60 23.42 ? 42  PHE A CD2 1 
ATOM   375  C CD2 B PHE A 1 42  ? 4.581   -10.394 5.404   0.40 21.05 ? 42  PHE A CD2 1 
ATOM   376  C CE1 A PHE A 1 42  ? 8.787   -13.552 3.974   0.60 23.49 ? 42  PHE A CE1 1 
ATOM   377  C CE1 B PHE A 1 42  ? 4.347   -13.145 5.103   0.40 22.06 ? 42  PHE A CE1 1 
ATOM   378  C CE2 A PHE A 1 42  ? 10.102  -11.739 4.862   0.60 24.29 ? 42  PHE A CE2 1 
ATOM   379  C CE2 B PHE A 1 42  ? 3.553   -11.081 6.052   0.40 22.65 ? 42  PHE A CE2 1 
ATOM   380  C CZ  A PHE A 1 42  ? 9.972   -13.087 4.520   0.60 25.32 ? 42  PHE A CZ  1 
ATOM   381  C CZ  B PHE A 1 42  ? 3.440   -12.458 5.899   0.40 21.66 ? 42  PHE A CZ  1 
ATOM   382  N N   . THR A 1 43  ? 4.568   -8.495  2.401   1.00 19.45 ? 43  THR A N   1 
ATOM   383  C CA  . THR A 1 43  ? 3.187   -8.019  2.300   1.00 19.68 ? 43  THR A CA  1 
ATOM   384  C C   . THR A 1 43  ? 3.168   -6.587  1.836   1.00 18.38 ? 43  THR A C   1 
ATOM   385  O O   . THR A 1 43  ? 4.094   -5.826  2.101   1.00 18.84 ? 43  THR A O   1 
ATOM   386  C CB  . THR A 1 43  ? 2.428   -8.170  3.668   1.00 20.34 ? 43  THR A CB  1 
ATOM   387  O OG1 . THR A 1 43  ? 1.032   -7.956  3.488   1.00 25.27 ? 43  THR A OG1 1 
ATOM   388  C CG2 . THR A 1 43  ? 2.949   -7.174  4.687   1.00 22.91 ? 43  THR A CG2 1 
ATOM   389  N N   . ASN A 1 44  ? 2.092   -6.208  1.149   1.00 17.83 ? 44  ASN A N   1 
ATOM   390  C CA  . ASN A 1 44  ? 1.934   -4.838  0.697   1.00 17.64 ? 44  ASN A CA  1 
ATOM   391  C C   . ASN A 1 44  ? 0.477   -4.576  0.352   1.00 17.40 ? 44  ASN A C   1 
ATOM   392  O O   . ASN A 1 44  ? -0.184  -5.429  -0.241  1.00 18.67 ? 44  ASN A O   1 
ATOM   393  C CB  . ASN A 1 44  ? 2.820   -4.563  -0.522  1.00 17.40 ? 44  ASN A CB  1 
ATOM   394  C CG  . ASN A 1 44  ? 2.826   -3.103  -0.917  1.00 18.44 ? 44  ASN A CG  1 
ATOM   395  O OD1 . ASN A 1 44  ? 3.462   -2.289  -0.264  1.00 19.94 ? 44  ASN A OD1 1 
ATOM   396  N ND2 . ASN A 1 44  ? 2.130   -2.766  -2.004  1.00 20.10 ? 44  ASN A ND2 1 
ATOM   397  N N   . THR A 1 45  ? -0.022  -3.423  0.786   1.00 16.18 ? 45  THR A N   1 
ATOM   398  C CA  . THR A 1 45  ? -1.347  -2.969  0.411   1.00 15.40 ? 45  THR A CA  1 
ATOM   399  C C   . THR A 1 45  ? -1.282  -1.864  -0.645  1.00 15.12 ? 45  THR A C   1 
ATOM   400  O O   . THR A 1 45  ? -0.541  -0.866  -0.501  1.00 15.01 ? 45  THR A O   1 
ATOM   401  C CB  . THR A 1 45  ? -2.124  -2.459  1.647   1.00 15.55 ? 45  THR A CB  1 
ATOM   402  O OG1 . THR A 1 45  ? -2.299  -3.550  2.575   1.00 15.37 ? 45  THR A OG1 1 
ATOM   403  C CG2 . THR A 1 45  ? -3.484  -1.880  1.228   1.00 13.80 ? 45  THR A CG2 1 
ATOM   404  N N   . PHE A 1 46  ? -2.097  -2.026  -1.686  1.00 14.30 ? 46  PHE A N   1 
ATOM   405  C CA  . PHE A 1 46  ? -2.282  -0.996  -2.699  1.00 14.31 ? 46  PHE A CA  1 
ATOM   406  C C   . PHE A 1 46  ? -3.589  -0.313  -2.403  1.00 14.03 ? 46  PHE A C   1 
ATOM   407  O O   . PHE A 1 46  ? -4.615  -0.976  -2.187  1.00 14.42 ? 46  PHE A O   1 
ATOM   408  C CB  . PHE A 1 46  ? -2.317  -1.633  -4.091  1.00 15.31 ? 46  PHE A CB  1 
ATOM   409  C CG  . PHE A 1 46  ? -0.997  -2.245  -4.495  1.00 16.23 ? 46  PHE A CG  1 
ATOM   410  C CD1 . PHE A 1 46  ? 0.040   -1.429  -4.980  1.00 17.44 ? 46  PHE A CD1 1 
ATOM   411  C CD2 . PHE A 1 46  ? -0.769  -3.621  -4.343  1.00 14.57 ? 46  PHE A CD2 1 
ATOM   412  C CE1 . PHE A 1 46  ? 1.287   -1.997  -5.355  1.00 17.33 ? 46  PHE A CE1 1 
ATOM   413  C CE2 . PHE A 1 46  ? 0.463   -4.189  -4.726  1.00 17.52 ? 46  PHE A CE2 1 
ATOM   414  C CZ  . PHE A 1 46  ? 1.487   -3.374  -5.223  1.00 17.15 ? 46  PHE A CZ  1 
ATOM   415  N N   . VAL A 1 47  ? -3.552  1.016   -2.350  1.00 12.73 ? 47  VAL A N   1 
ATOM   416  C CA  . VAL A 1 47  ? -4.759  1.789   -2.065  1.00 13.36 ? 47  VAL A CA  1 
ATOM   417  C C   . VAL A 1 47  ? -5.248  2.353   -3.404  1.00 12.96 ? 47  VAL A C   1 
ATOM   418  O O   . VAL A 1 47  ? -4.478  2.989   -4.119  1.00 13.73 ? 47  VAL A O   1 
ATOM   419  C CB  . VAL A 1 47  ? -4.462  2.949   -1.069  1.00 13.28 ? 47  VAL A CB  1 
ATOM   420  C CG1 . VAL A 1 47  ? -5.731  3.700   -0.778  1.00 12.30 ? 47  VAL A CG1 1 
ATOM   421  C CG2 . VAL A 1 47  ? -3.823  2.427   0.249   1.00 13.63 ? 47  VAL A CG2 1 
ATOM   422  N N   . HIS A 1 48  ? -6.538  2.158   -3.721  1.00 13.44 ? 48  HIS A N   1 
ATOM   423  C CA  . HIS A 1 48  ? -7.104  2.611   -5.014  1.00 13.71 ? 48  HIS A CA  1 
ATOM   424  C C   . HIS A 1 48  ? -7.833  3.932   -4.834  1.00 13.09 ? 48  HIS A C   1 
ATOM   425  O O   . HIS A 1 48  ? -9.064  4.032   -4.925  1.00 13.87 ? 48  HIS A O   1 
ATOM   426  C CB  . HIS A 1 48  ? -7.988  1.520   -5.638  1.00 14.65 ? 48  HIS A CB  1 
ATOM   427  C CG  . HIS A 1 48  ? -7.329  0.182   -5.621  1.00 14.61 ? 48  HIS A CG  1 
ATOM   428  N ND1 . HIS A 1 48  ? -6.065  -0.020  -6.141  1.00 14.13 ? 48  HIS A ND1 1 
ATOM   429  C CD2 . HIS A 1 48  ? -7.709  -1.001  -5.068  1.00 15.42 ? 48  HIS A CD2 1 
ATOM   430  C CE1 . HIS A 1 48  ? -5.713  -1.283  -5.947  1.00 13.64 ? 48  HIS A CE1 1 
ATOM   431  N NE2 . HIS A 1 48  ? -6.693  -1.895  -5.299  1.00 13.31 ? 48  HIS A NE2 1 
ATOM   432  N N   . ALA A 1 49  ? -7.043  4.957   -4.550  1.00 12.77 ? 49  ALA A N   1 
ATOM   433  C CA  . ALA A 1 49  ? -7.527  6.340   -4.456  1.00 12.01 ? 49  ALA A CA  1 
ATOM   434  C C   . ALA A 1 49  ? -6.350  7.192   -4.922  1.00 12.81 ? 49  ALA A C   1 
ATOM   435  O O   . ALA A 1 49  ? -5.208  6.738   -4.946  1.00 12.38 ? 49  ALA A O   1 
ATOM   436  C CB  . ALA A 1 49  ? -7.870  6.686   -3.023  1.00 13.52 ? 49  ALA A CB  1 
ATOM   437  N N   . SER A 1 50  ? -6.632  8.432   -5.276  1.00 12.38 ? 50  SER A N   1 
ATOM   438  C CA  . SER A 1 50  ? -5.562  9.299   -5.759  1.00 13.12 ? 50  SER A CA  1 
ATOM   439  C C   . SER A 1 50  ? -4.566  9.696   -4.668  1.00 13.20 ? 50  SER A C   1 
ATOM   440  O O   . SER A 1 50  ? -4.843  9.646   -3.461  1.00 12.77 ? 50  SER A O   1 
ATOM   441  C CB  . SER A 1 50  ? -6.160  10.564  -6.383  1.00 13.20 ? 50  SER A CB  1 
ATOM   442  O OG  . SER A 1 50  ? -6.712  11.411  -5.409  1.00 12.99 ? 50  SER A OG  1 
ATOM   443  N N   . ALA A 1 51  ? -3.387  10.129  -5.117  1.00 14.26 ? 51  ALA A N   1 
ATOM   444  C CA  . ALA A 1 51  ? -2.403  10.641  -4.185  1.00 14.84 ? 51  ALA A CA  1 
ATOM   445  C C   . ALA A 1 51  ? -2.977  11.764  -3.330  1.00 14.01 ? 51  ALA A C   1 
ATOM   446  O O   . ALA A 1 51  ? -2.727  11.815  -2.128  1.00 14.88 ? 51  ALA A O   1 
ATOM   447  C CB  . ALA A 1 51  ? -1.139  11.107  -4.956  1.00 15.43 ? 51  ALA A CB  1 
ATOM   448  N N   . ALA A 1 52  ? -3.764  12.661  -3.948  1.00 13.87 ? 52  ALA A N   1 
ATOM   449  C CA  . ALA A 1 52  ? -4.423  13.758  -3.241  1.00 14.05 ? 52  ALA A CA  1 
ATOM   450  C C   . ALA A 1 52  ? -5.403  13.246  -2.186  1.00 13.98 ? 52  ALA A C   1 
ATOM   451  O O   . ALA A 1 52  ? -5.411  13.712  -1.063  1.00 14.87 ? 52  ALA A O   1 
ATOM   452  C CB  . ALA A 1 52  ? -5.123  14.697  -4.225  1.00 15.47 ? 52  ALA A CB  1 
ATOM   453  N N   . SER A 1 53  ? -6.194  12.236  -2.544  1.00 12.13 ? 53  SER A N   1 
ATOM   454  C CA  . SER A 1 53  ? -7.117  11.645  -1.567  1.00 12.65 ? 53  SER A CA  1 
ATOM   455  C C   . SER A 1 53  ? -6.421  11.057  -0.356  1.00 13.36 ? 53  SER A C   1 
ATOM   456  O O   . SER A 1 53  ? -6.919  11.158  0.783   1.00 13.81 ? 53  SER A O   1 
ATOM   457  C CB  . SER A 1 53  ? -7.958  10.550  -2.234  1.00 11.92 ? 53  SER A CB  1 
ATOM   458  O OG  . SER A 1 53  ? -8.876  11.183  -3.120  1.00 14.82 ? 53  SER A OG  1 
ATOM   459  N N   . ILE A 1 54  ? -5.281  10.432  -0.595  1.00 12.82 ? 54  ILE A N   1 
ATOM   460  C CA  . ILE A 1 54  ? -4.504  9.828   0.495   1.00 14.75 ? 54  ILE A CA  1 
ATOM   461  C C   . ILE A 1 54  ? -3.754  10.882  1.289   1.00 15.23 ? 54  ILE A C   1 
ATOM   462  O O   . ILE A 1 54  ? -3.745  10.834  2.510   1.00 16.13 ? 54  ILE A O   1 
ATOM   463  C CB  . ILE A 1 54  ? -3.603  8.690   -0.013  1.00 14.12 ? 54  ILE A CB  1 
ATOM   464  C CG1 . ILE A 1 54  ? -4.488  7.594   -0.657  1.00 15.21 ? 54  ILE A CG1 1 
ATOM   465  C CG2 . ILE A 1 54  ? -2.751  8.078   1.143   1.00 14.69 ? 54  ILE A CG2 1 
ATOM   466  C CD1 . ILE A 1 54  ? -3.747  6.647   -1.570  1.00 15.43 ? 54  ILE A CD1 1 
ATOM   467  N N   . THR A 1 55  ? -3.196  11.884  0.619   1.00 16.39 ? 55  THR A N   1 
ATOM   468  C CA  . THR A 1 55  ? -2.480  12.965  1.312   1.00 17.02 ? 55  THR A CA  1 
ATOM   469  C C   . THR A 1 55  ? -3.320  13.771  2.318   1.00 17.07 ? 55  THR A C   1 
ATOM   470  O O   . THR A 1 55  ? -2.812  14.237  3.359   1.00 18.65 ? 55  THR A O   1 
ATOM   471  C CB  . THR A 1 55  ? -1.762  13.888  0.295   1.00 18.05 ? 55  THR A CB  1 
ATOM   472  O OG1 . THR A 1 55  ? -0.840  13.111  -0.478  1.00 18.13 ? 55  THR A OG1 1 
ATOM   473  C CG2 . THR A 1 55  ? -1.054  15.033  0.997   1.00 19.70 ? 55  THR A CG2 1 
ATOM   474  N N   . THR A 1 56  ? -4.621  13.887  2.064   1.00 16.39 ? 56  THR A N   1 
ATOM   475  C CA  A THR A 1 56  ? -5.438  14.657  2.977   0.50 16.48 ? 56  THR A CA  1 
ATOM   476  C CA  B THR A 1 56  ? -5.549  14.585  2.961   0.50 16.55 ? 56  THR A CA  1 
ATOM   477  C C   . THR A 1 56  ? -5.566  13.951  4.329   1.00 15.91 ? 56  THR A C   1 
ATOM   478  O O   . THR A 1 56  ? -5.937  14.584  5.297   1.00 16.23 ? 56  THR A O   1 
ATOM   479  C CB  A THR A 1 56  ? -6.809  14.983  2.392   0.50 16.81 ? 56  THR A CB  1 
ATOM   480  C CB  B THR A 1 56  ? -7.009  14.542  2.459   0.50 16.61 ? 56  THR A CB  1 
ATOM   481  O OG1 A THR A 1 56  ? -7.478  15.894  3.265   0.50 16.00 ? 56  THR A OG1 1 
ATOM   482  O OG1 B THR A 1 56  ? -7.531  13.200  2.521   0.50 16.60 ? 56  THR A OG1 1 
ATOM   483  C CG2 A THR A 1 56  ? -7.639  13.728  2.237   0.50 17.15 ? 56  THR A CG2 1 
ATOM   484  C CG2 B THR A 1 56  ? -7.096  15.074  1.069   0.50 17.24 ? 56  THR A CG2 1 
ATOM   485  N N   . ILE A 1 57  ? -5.229  12.659  4.364   1.00 14.92 ? 57  ILE A N   1 
ATOM   486  C CA  . ILE A 1 57  ? -5.255  11.913  5.634   1.00 14.46 ? 57  ILE A CA  1 
ATOM   487  C C   . ILE A 1 57  ? -4.294  12.567  6.633   1.00 14.25 ? 57  ILE A C   1 
ATOM   488  O O   . ILE A 1 57  ? -4.539  12.547  7.861   1.00 13.16 ? 57  ILE A O   1 
ATOM   489  C CB  . ILE A 1 57  ? -4.903  10.406  5.429   1.00 13.14 ? 57  ILE A CB  1 
ATOM   490  C CG1 . ILE A 1 57  ? -5.962  9.724   4.539   1.00 12.20 ? 57  ILE A CG1 1 
ATOM   491  C CG2 . ILE A 1 57  ? -4.805  9.677   6.794   1.00 13.07 ? 57  ILE A CG2 1 
ATOM   492  C CD1 . ILE A 1 57  ? -5.539  8.416   4.002   1.00 10.99 ? 57  ILE A CD1 1 
ATOM   493  N N   . CYS A 1 58  ? -3.223  13.153  6.092   1.00 14.72 ? 58  CYS A N   1 
ATOM   494  C CA  . CYS A 1 58  ? -2.203  13.823  6.923   1.00 16.37 ? 58  CYS A CA  1 
ATOM   495  C C   . CYS A 1 58  ? -2.705  15.136  7.513   1.00 18.09 ? 58  CYS A C   1 
ATOM   496  O O   . CYS A 1 58  ? -2.062  15.718  8.414   1.00 20.07 ? 58  CYS A O   1 
ATOM   497  C CB  . CYS A 1 58  ? -0.911  14.034  6.128   1.00 16.39 ? 58  CYS A CB  1 
ATOM   498  S SG  . CYS A 1 58  ? -0.221  12.513  5.532   1.00 17.19 ? 58  CYS A SG  1 
ATOM   499  N N   . GLY A 1 59  ? -3.850  15.601  7.019   1.00 17.70 ? 59  GLY A N   1 
ATOM   500  C CA  . GLY A 1 59  ? -4.447  16.859  7.461   1.00 18.03 ? 59  GLY A CA  1 
ATOM   501  C C   . GLY A 1 59  ? -5.942  16.701  7.667   1.00 18.49 ? 59  GLY A C   1 
ATOM   502  O O   . GLY A 1 59  ? -6.382  15.821  8.415   1.00 16.02 ? 59  GLY A O   1 
ATOM   503  N N   . PRO A 1 60  ? -6.746  17.552  6.992   1.00 19.52 ? 60  PRO A N   1 
ATOM   504  C CA  . PRO A 1 60  ? -8.171  17.586  7.313   1.00 19.82 ? 60  PRO A CA  1 
ATOM   505  C C   . PRO A 1 60  ? -8.950  16.303  6.978   1.00 18.73 ? 60  PRO A C   1 
ATOM   506  O O   . PRO A 1 60  ? -10.044 16.110  7.513   1.00 18.81 ? 60  PRO A O   1 
ATOM   507  C CB  . PRO A 1 60  ? -8.691  18.789  6.512   1.00 20.11 ? 60  PRO A CB  1 
ATOM   508  C CG  . PRO A 1 60  ? -7.714  18.990  5.418   1.00 21.75 ? 60  PRO A CG  1 
ATOM   509  C CD  . PRO A 1 60  ? -6.370  18.525  5.948   1.00 21.06 ? 60  PRO A CD  1 
ATOM   510  N N   . GLY A 1 61  ? -8.378  15.449  6.123   1.00 16.93 ? 61  GLY A N   1 
ATOM   511  C CA  . GLY A 1 61  ? -8.983  14.177  5.743   1.00 15.39 ? 61  GLY A CA  1 
ATOM   512  C C   . GLY A 1 61  ? -8.662  12.990  6.658   1.00 15.64 ? 61  GLY A C   1 
ATOM   513  O O   . GLY A 1 61  ? -9.028  11.834  6.390   1.00 14.86 ? 61  GLY A O   1 
ATOM   514  N N   . GLY A 1 62  ? -8.012  13.275  7.778   1.00 15.31 ? 62  GLY A N   1 
ATOM   515  C CA  . GLY A 1 62  ? -7.739  12.220  8.754   1.00 14.29 ? 62  GLY A CA  1 
ATOM   516  C C   . GLY A 1 62  ? -7.729  12.753  10.174  1.00 15.48 ? 62  GLY A C   1 
ATOM   517  O O   . GLY A 1 62  ? -8.046  13.925  10.424  1.00 15.42 ? 62  GLY A O   1 
ATOM   518  N N   . ALA A 1 63  ? -7.344  11.875  11.097  1.00 16.11 ? 63  ALA A N   1 
ATOM   519  C CA  . ALA A 1 63  ? -7.349  12.176  12.542  1.00 16.82 ? 63  ALA A CA  1 
ATOM   520  C C   . ALA A 1 63  ? -6.084  11.595  13.183  1.00 16.32 ? 63  ALA A C   1 
ATOM   521  O O   . ALA A 1 63  ? -5.599  10.545  12.762  1.00 15.91 ? 63  ALA A O   1 
ATOM   522  C CB  . ALA A 1 63  ? -8.556  11.581  13.185  1.00 17.69 ? 63  ALA A CB  1 
ATOM   523  N N   . PRO A 1 64  ? -5.572  12.254  14.231  1.00 16.69 ? 64  PRO A N   1 
ATOM   524  C CA  . PRO A 1 64  ? -4.382  11.700  14.902  1.00 16.29 ? 64  PRO A CA  1 
ATOM   525  C C   . PRO A 1 64  ? -4.621  10.281  15.455  1.00 17.13 ? 64  PRO A C   1 
ATOM   526  O O   . PRO A 1 64  ? -5.702  9.975   15.928  1.00 16.20 ? 64  PRO A O   1 
ATOM   527  C CB  . PRO A 1 64  ? -4.125  12.688  16.058  1.00 17.02 ? 64  PRO A CB  1 
ATOM   528  C CG  . PRO A 1 64  ? -5.131  13.771  15.968  1.00 18.86 ? 64  PRO A CG  1 
ATOM   529  C CD  . PRO A 1 64  ? -6.052  13.520  14.821  1.00 16.28 ? 64  PRO A CD  1 
ATOM   530  N N   . ALA A 1 65  ? -3.591  9.436   15.412  1.00 16.95 ? 65  ALA A N   1 
ATOM   531  C CA  . ALA A 1 65  ? -3.739  8.036   15.834  1.00 18.01 ? 65  ALA A CA  1 
ATOM   532  C C   . ALA A 1 65  ? -2.534  7.599   16.656  1.00 18.64 ? 65  ALA A C   1 
ATOM   533  O O   . ALA A 1 65  ? -2.237  6.402   16.758  1.00 20.44 ? 65  ALA A O   1 
ATOM   534  C CB  . ALA A 1 65  ? -3.930  7.119   14.617  1.00 17.15 ? 65  ALA A CB  1 
ATOM   535  N N   . GLY A 1 66  ? -1.870  8.573   17.262  1.00 18.49 ? 66  GLY A N   1 
ATOM   536  C CA  . GLY A 1 66  ? -0.665  8.311   18.082  1.00 18.94 ? 66  GLY A CA  1 
ATOM   537  C C   . GLY A 1 66  ? 0.615   8.498   17.293  1.00 19.23 ? 66  GLY A C   1 
ATOM   538  O O   . GLY A 1 66  ? 0.732   8.062   16.140  1.00 18.83 ? 66  GLY A O   1 
ATOM   539  N N   . GLY A 1 67  ? 1.592   9.160   17.915  1.00 19.94 ? 67  GLY A N   1 
ATOM   540  C CA  . GLY A 1 67  ? 2.873   9.393   17.269  1.00 19.84 ? 67  GLY A CA  1 
ATOM   541  C C   . GLY A 1 67  ? 2.649   10.142  15.967  1.00 19.56 ? 67  GLY A C   1 
ATOM   542  O O   . GLY A 1 67  ? 1.969   11.161  15.963  1.00 20.07 ? 67  GLY A O   1 
ATOM   543  N N   . ASN A 1 68  ? 3.196   9.610   14.876  1.00 19.28 ? 68  ASN A N   1 
ATOM   544  C CA  . ASN A 1 68  ? 3.030   10.238  13.558  1.00 19.62 ? 68  ASN A CA  1 
ATOM   545  C C   . ASN A 1 68  ? 1.964   9.562   12.687  1.00 18.38 ? 68  ASN A C   1 
ATOM   546  O O   . ASN A 1 68  ? 1.915   9.812   11.464  1.00 18.88 ? 68  ASN A O   1 
ATOM   547  C CB  . ASN A 1 68  ? 4.348   10.389  12.780  1.00 20.96 ? 68  ASN A CB  1 
ATOM   548  C CG  . ASN A 1 68  ? 4.929   9.076   12.274  1.00 22.97 ? 68  ASN A CG  1 
ATOM   549  O OD1 . ASN A 1 68  ? 5.897   9.100   11.500  1.00 30.71 ? 68  ASN A OD1 1 
ATOM   550  N ND2 . ASN A 1 68  ? 4.384   7.938   12.694  1.00 23.26 ? 68  ASN A ND2 1 
ATOM   551  N N   . LEU A 1 69  ? 1.152   8.714   13.325  1.00 16.97 ? 69  LEU A N   1 
ATOM   552  C CA  . LEU A 1 69  ? 0.162   7.895   12.625  1.00 15.46 ? 69  LEU A CA  1 
ATOM   553  C C   . LEU A 1 69  ? -1.140  8.683   12.544  1.00 15.16 ? 69  LEU A C   1 
ATOM   554  O O   . LEU A 1 69  ? -1.451  9.483   13.428  1.00 16.06 ? 69  LEU A O   1 
ATOM   555  C CB  . LEU A 1 69  ? -0.092  6.604   13.399  1.00 15.95 ? 69  LEU A CB  1 
ATOM   556  C CG  . LEU A 1 69  ? 1.115   5.662   13.494  1.00 17.20 ? 69  LEU A CG  1 
ATOM   557  C CD1 . LEU A 1 69  ? 0.747   4.407   14.249  1.00 18.94 ? 69  LEU A CD1 1 
ATOM   558  C CD2 . LEU A 1 69  ? 1.687   5.323   12.138  1.00 16.48 ? 69  LEU A CD2 1 
ATOM   559  N N   . ARG A 1 70  ? -1.880  8.466   11.462  1.00 14.66 ? 70  ARG A N   1 
ATOM   560  C CA  . ARG A 1 70  ? -3.147  9.159   11.274  1.00 14.96 ? 70  ARG A CA  1 
ATOM   561  C C   . ARG A 1 70  ? -4.089  8.139   10.704  1.00 13.30 ? 70  ARG A C   1 
ATOM   562  O O   . ARG A 1 70  ? -3.681  7.330   9.867   1.00 12.72 ? 70  ARG A O   1 
ATOM   563  C CB  . ARG A 1 70  ? -3.035  10.265  10.224  1.00 14.79 ? 70  ARG A CB  1 
ATOM   564  C CG  . ARG A 1 70  ? -1.837  11.215  10.358  1.00 18.95 ? 70  ARG A CG  1 
ATOM   565  C CD  . ARG A 1 70  ? -2.234  12.430  11.091  1.00 19.08 ? 70  ARG A CD  1 
ATOM   566  N NE  . ARG A 1 70  ? -3.322  13.193  10.475  1.00 19.16 ? 70  ARG A NE  1 
ATOM   567  C CZ  . ARG A 1 70  ? -3.888  14.224  11.092  1.00 21.03 ? 70  ARG A CZ  1 
ATOM   568  N NH1 . ARG A 1 70  ? -3.450  14.571  12.311  1.00 21.63 ? 70  ARG A NH1 1 
ATOM   569  N NH2 . ARG A 1 70  ? -4.888  14.894  10.530  1.00 20.85 ? 70  ARG A NH2 1 
ATOM   570  N N   . ASP A 1 71  ? -5.349  8.230   11.093  1.00 13.24 ? 71  ASP A N   1 
ATOM   571  C CA  . ASP A 1 71  ? -6.396  7.379   10.544  1.00 13.72 ? 71  ASP A CA  1 
ATOM   572  C C   . ASP A 1 71  ? -7.253  8.171   9.556   1.00 14.51 ? 71  ASP A C   1 
ATOM   573  O O   . ASP A 1 71  ? -7.647  9.317   9.843   1.00 14.87 ? 71  ASP A O   1 
ATOM   574  C CB  . ASP A 1 71  ? -7.284  6.893   11.680  1.00 14.71 ? 71  ASP A CB  1 
ATOM   575  C CG  . ASP A 1 71  ? -6.588  5.904   12.575  1.00 15.36 ? 71  ASP A CG  1 
ATOM   576  O OD1 . ASP A 1 71  ? -5.541  5.377   12.159  1.00 15.42 ? 71  ASP A OD1 1 
ATOM   577  O OD2 . ASP A 1 71  ? -7.093  5.646   13.692  1.00 18.52 ? 71  ASP A OD2 1 
ATOM   578  N N   . SER A 1 72  ? -7.525  7.579   8.406   1.00 13.58 ? 72  SER A N   1 
ATOM   579  C CA  . SER A 1 72  ? -8.354  8.267   7.386   1.00 13.71 ? 72  SER A CA  1 
ATOM   580  C C   . SER A 1 72  ? -9.799  8.390   7.785   1.00 13.98 ? 72  SER A C   1 
ATOM   581  O O   . SER A 1 72  ? -10.345 7.530   8.457   1.00 13.66 ? 72  SER A O   1 
ATOM   582  C CB  . SER A 1 72  ? -8.299  7.530   6.051   1.00 13.89 ? 72  SER A CB  1 
ATOM   583  O OG  . SER A 1 72  ? -8.885  6.246   6.118   1.00 12.07 ? 72  SER A OG  1 
ATOM   584  N N   . THR A 1 73  ? -10.423 9.485   7.344   1.00 13.31 ? 73  THR A N   1 
ATOM   585  C CA  . THR A 1 73  ? -11.851 9.642   7.577   1.00 15.06 ? 73  THR A CA  1 
ATOM   586  C C   . THR A 1 73  ? -12.587 8.679   6.644   1.00 14.58 ? 73  THR A C   1 
ATOM   587  O O   . THR A 1 73  ? -13.482 7.938   7.076   1.00 15.56 ? 73  THR A O   1 
ATOM   588  C CB  . THR A 1 73  ? -12.273 11.084  7.328   1.00 15.51 ? 73  THR A CB  1 
ATOM   589  O OG1 . THR A 1 73  ? -11.617 11.904  8.305   1.00 16.43 ? 73  THR A OG1 1 
ATOM   590  C CG2 . THR A 1 73  ? -13.809 11.250  7.442   1.00 16.96 ? 73  THR A CG2 1 
ATOM   591  N N   . ALA A 1 74  ? -12.171 8.693   5.381   1.00 14.14 ? 74  ALA A N   1 
ATOM   592  C CA  . ALA A 1 74  ? -12.771 7.844   4.352   1.00 14.97 ? 74  ALA A CA  1 
ATOM   593  C C   . ALA A 1 74  ? -12.329 6.369   4.408   1.00 15.27 ? 74  ALA A C   1 
ATOM   594  O O   . ALA A 1 74  ? -11.213 6.042   4.843   1.00 14.67 ? 74  ALA A O   1 
ATOM   595  C CB  . ALA A 1 74  ? -12.460 8.436   2.970   1.00 15.53 ? 74  ALA A CB  1 
ATOM   596  N N   . SER A 1 75  ? -13.211 5.477   3.952   1.00 16.15 ? 75  SER A N   1 
ATOM   597  C CA  . SER A 1 75  ? -12.834 4.115   3.609   1.00 16.27 ? 75  SER A CA  1 
ATOM   598  C C   . SER A 1 75  ? -12.366 4.136   2.147   1.00 16.46 ? 75  SER A C   1 
ATOM   599  O O   . SER A 1 75  ? -12.858 4.952   1.330   1.00 18.20 ? 75  SER A O   1 
ATOM   600  C CB  . SER A 1 75  ? -14.037 3.174   3.764   1.00 16.77 ? 75  SER A CB  1 
ATOM   601  O OG  . SER A 1 75  ? -14.328 2.915   5.143   1.00 20.48 ? 75  SER A OG  1 
ATOM   602  N N   . PHE A 1 76  ? -11.384 3.293   1.833   1.00 14.93 ? 76  PHE A N   1 
ATOM   603  C CA  . PHE A 1 76  ? -10.800 3.212   0.503   1.00 13.91 ? 76  PHE A CA  1 
ATOM   604  C C   . PHE A 1 76  ? -10.875 1.796   -0.045  1.00 14.06 ? 76  PHE A C   1 
ATOM   605  O O   . PHE A 1 76  ? -10.827 0.856   0.727   1.00 14.22 ? 76  PHE A O   1 
ATOM   606  C CB  . PHE A 1 76  ? -9.312  3.606   0.554   1.00 14.35 ? 76  PHE A CB  1 
ATOM   607  C CG  . PHE A 1 76  ? -9.079  5.031   0.954   1.00 13.17 ? 76  PHE A CG  1 
ATOM   608  C CD1 . PHE A 1 76  ? -8.703  5.348   2.248   1.00 16.57 ? 76  PHE A CD1 1 
ATOM   609  C CD2 . PHE A 1 76  ? -9.289  6.074   0.043   1.00 18.37 ? 76  PHE A CD2 1 
ATOM   610  C CE1 . PHE A 1 76  ? -8.502  6.677   2.629   1.00 17.04 ? 76  PHE A CE1 1 
ATOM   611  C CE2 . PHE A 1 76  ? -9.092  7.404   0.437   1.00 13.85 ? 76  PHE A CE2 1 
ATOM   612  C CZ  . PHE A 1 76  ? -8.669  7.695   1.723   1.00 12.89 ? 76  PHE A CZ  1 
ATOM   613  N N   . ALA A 1 77  ? -11.009 1.671   -1.371  1.00 14.39 ? 77  ALA A N   1 
ATOM   614  C CA  . ALA A 1 77  ? -10.802 0.377   -2.027  1.00 13.89 ? 77  ALA A CA  1 
ATOM   615  C C   . ALA A 1 77  ? -9.321  0.005   -1.840  1.00 14.14 ? 77  ALA A C   1 
ATOM   616  O O   . ALA A 1 77  ? -8.420  0.813   -2.108  1.00 15.29 ? 77  ALA A O   1 
ATOM   617  C CB  . ALA A 1 77  ? -11.127 0.471   -3.506  1.00 14.81 ? 77  ALA A CB  1 
ATOM   618  N N   . LEU A 1 78  ? -9.072  -1.227  -1.405  1.00 13.78 ? 78  LEU A N   1 
ATOM   619  C CA  . LEU A 1 78  ? -7.723  -1.747  -1.127  1.00 14.24 ? 78  LEU A CA  1 
ATOM   620  C C   . LEU A 1 78  ? -7.512  -3.104  -1.754  1.00 15.25 ? 78  LEU A C   1 
ATOM   621  O O   . LEU A 1 78  ? -8.459  -3.893  -1.868  1.00 14.78 ? 78  LEU A O   1 
ATOM   622  C CB  . LEU A 1 78  ? -7.521  -1.925  0.381   1.00 14.02 ? 78  LEU A CB  1 
ATOM   623  C CG  . LEU A 1 78  ? -7.785  -0.755  1.312   1.00 13.83 ? 78  LEU A CG  1 
ATOM   624  C CD1 . LEU A 1 78  ? -7.540  -1.188  2.733   1.00 17.30 ? 78  LEU A CD1 1 
ATOM   625  C CD2 . LEU A 1 78  ? -6.892  0.446   0.965   1.00 14.79 ? 78  LEU A CD2 1 
ATOM   626  N N   . THR A 1 79  ? -6.277  -3.372  -2.169  1.00 14.54 ? 79  THR A N   1 
ATOM   627  C CA  . THR A 1 79  ? -5.874  -4.747  -2.454  1.00 15.07 ? 79  THR A CA  1 
ATOM   628  C C   . THR A 1 79  ? -4.654  -5.046  -1.598  1.00 16.04 ? 79  THR A C   1 
ATOM   629  O O   . THR A 1 79  ? -3.671  -4.278  -1.599  1.00 15.53 ? 79  THR A O   1 
ATOM   630  C CB  . THR A 1 79  ? -5.519  -4.952  -3.931  1.00 15.88 ? 79  THR A CB  1 
ATOM   631  O OG1 . THR A 1 79  ? -6.635  -4.530  -4.724  1.00 15.01 ? 79  THR A OG1 1 
ATOM   632  C CG2 . THR A 1 79  ? -5.206  -6.447  -4.233  1.00 15.16 ? 79  THR A CG2 1 
ATOM   633  N N   . THR A 1 80  ? -4.719  -6.166  -0.887  1.00 17.09 ? 80  THR A N   1 
ATOM   634  C CA  . THR A 1 80  ? -3.649  -6.582  0.014   1.00 18.27 ? 80  THR A CA  1 
ATOM   635  C C   . THR A 1 80  ? -3.023  -7.842  -0.538  1.00 18.74 ? 80  THR A C   1 
ATOM   636  O O   . THR A 1 80  ? -3.730  -8.812  -0.833  1.00 19.12 ? 80  THR A O   1 
ATOM   637  C CB  . THR A 1 80  ? -4.161  -6.756  1.475   1.00 19.15 ? 80  THR A CB  1 
ATOM   638  O OG1 . THR A 1 80  ? -4.854  -5.565  1.872   1.00 21.68 ? 80  THR A OG1 1 
ATOM   639  C CG2 . THR A 1 80  ? -3.013  -6.975  2.401   1.00 21.13 ? 80  THR A CG2 1 
ATOM   640  N N   . CYS A 1 81  ? -1.698  -7.806  -0.693  1.00 18.26 ? 81  CYS A N   1 
ATOM   641  C CA  . CYS A 1 81  ? -0.927  -8.905  -1.240  1.00 17.92 ? 81  CYS A CA  1 
ATOM   642  C C   . CYS A 1 81  ? -0.029  -9.473  -0.150  1.00 18.68 ? 81  CYS A C   1 
ATOM   643  O O   . CYS A 1 81  ? 0.624   -8.714  0.559   1.00 17.51 ? 81  CYS A O   1 
ATOM   644  C CB  . CYS A 1 81  ? -0.059  -8.403  -2.397  1.00 18.64 ? 81  CYS A CB  1 
ATOM   645  S SG  . CYS A 1 81  ? -1.007  -7.591  -3.704  1.00 18.43 ? 81  CYS A SG  1 
ATOM   646  N N   . ARG A 1 82  ? -0.017  -10.799 -0.034  1.00 18.75 ? 82  ARG A N   1 
ATOM   647  C CA  . ARG A 1 82  ? 0.806   -11.507 0.949   1.00 20.28 ? 82  ARG A CA  1 
ATOM   648  C C   . ARG A 1 82  ? 1.544   -12.635 0.226   1.00 19.95 ? 82  ARG A C   1 
ATOM   649  O O   . ARG A 1 82  ? 0.958   -13.381 -0.543  1.00 18.96 ? 82  ARG A O   1 
ATOM   650  C CB  . ARG A 1 82  ? -0.053  -12.061 2.091   1.00 20.40 ? 82  ARG A CB  1 
ATOM   651  C CG  . ARG A 1 82  ? -0.438  -10.999 3.132   1.00 22.20 ? 82  ARG A CG  1 
ATOM   652  C CD  . ARG A 1 82  ? -1.446  -11.505 4.178   1.00 24.68 ? 82  ARG A CD  1 
ATOM   653  N NE  . ARG A 1 82  ? -0.898  -12.511 5.099   1.00 27.00 ? 82  ARG A NE  1 
ATOM   654  C CZ  . ARG A 1 82  ? -0.316  -12.240 6.276   1.00 27.00 ? 82  ARG A CZ  1 
ATOM   655  N NH1 . ARG A 1 82  ? -0.164  -10.988 6.683   1.00 29.53 ? 82  ARG A NH1 1 
ATOM   656  N NH2 . ARG A 1 82  ? 0.142   -13.238 7.035   1.00 26.31 ? 82  ARG A NH2 1 
ATOM   657  N N   . LEU A 1 83  ? 2.848   -12.712 0.480   1.00 20.37 ? 83  LEU A N   1 
ATOM   658  C CA  . LEU A 1 83  ? 3.742   -13.672 -0.156  1.00 21.23 ? 83  LEU A CA  1 
ATOM   659  C C   . LEU A 1 83  ? 3.338   -15.090 0.203   1.00 22.60 ? 83  LEU A C   1 
ATOM   660  O O   . LEU A 1 83  ? 3.019   -15.377 1.362   1.00 22.18 ? 83  LEU A O   1 
ATOM   661  C CB  . LEU A 1 83  ? 5.165   -13.429 0.334   1.00 20.55 ? 83  LEU A CB  1 
ATOM   662  C CG  . LEU A 1 83  ? 6.318   -14.121 -0.409  1.00 21.14 ? 83  LEU A CG  1 
ATOM   663  C CD1 . LEU A 1 83  ? 6.491   -13.605 -1.843  1.00 20.43 ? 83  LEU A CD1 1 
ATOM   664  C CD2 . LEU A 1 83  ? 7.595   -13.934 0.373   1.00 20.33 ? 83  LEU A CD2 1 
ATOM   665  N N   . GLN A 1 84  ? 3.324   -15.958 -0.800  1.00 23.29 ? 84  GLN A N   1 
ATOM   666  C CA  . GLN A 1 84  ? 3.231   -17.405 -0.545  1.00 24.74 ? 84  GLN A CA  1 
ATOM   667  C C   . GLN A 1 84  ? 4.536   -17.905 0.053   1.00 25.35 ? 84  GLN A C   1 
ATOM   668  O O   . GLN A 1 84  ? 5.632   -17.746 -0.542  1.00 25.65 ? 84  GLN A O   1 
ATOM   669  C CB  . GLN A 1 84  ? 2.945   -18.186 -1.818  1.00 25.59 ? 84  GLN A CB  1 
ATOM   670  C CG  . GLN A 1 84  ? 1.697   -17.728 -2.505  1.00 28.43 ? 84  GLN A CG  1 
ATOM   671  C CD  . GLN A 1 84  ? 1.168   -18.721 -3.484  1.00 33.83 ? 84  GLN A CD  1 
ATOM   672  O OE1 . GLN A 1 84  ? 1.919   -19.382 -4.217  1.00 36.47 ? 84  GLN A OE1 1 
ATOM   673  N NE2 . GLN A 1 84  ? -0.156  -18.826 -3.540  1.00 35.95 ? 84  GLN A NE2 1 
ATOM   674  N N   . GLY A 1 85  ? 4.390   -18.543 1.216   1.00 26.22 ? 85  GLY A N   1 
ATOM   675  C CA  . GLY A 1 85  ? 5.499   -19.026 2.075   1.00 26.39 ? 85  GLY A CA  1 
ATOM   676  C C   . GLY A 1 85  ? 6.389   -17.883 2.502   1.00 27.29 ? 85  GLY A C   1 
ATOM   677  O O   . GLY A 1 85  ? 5.913   -16.759 2.705   1.00 27.73 ? 85  GLY A O   1 
ATOM   678  N N   . GLY A 1 86  ? 7.645   -18.182 2.800   1.00 27.74 ? 86  GLY A N   1 
ATOM   679  C CA  . GLY A 1 86  ? 8.349   -17.570 3.993   1.00 27.59 ? 86  GLY A CA  1 
ATOM   680  C C   . GLY A 1 86  ? 9.715   -17.149 3.351   1.00 27.72 ? 86  GLY A C   1 
ATOM   681  O O   . GLY A 1 86  ? 10.536  -16.568 4.061   1.00 28.18 ? 86  GLY A O   1 
ATOM   682  N N   . SER A 1 87  ? 9.999   -17.492 2.089   1.00 27.77 ? 87  SER A N   1 
ATOM   683  C CA  . SER A 1 87  ? 11.330  -17.233 1.557   1.00 27.15 ? 87  SER A CA  1 
ATOM   684  C C   . SER A 1 87  ? 11.387  -15.935 0.783   1.00 27.31 ? 87  SER A C   1 
ATOM   685  O O   . SER A 1 87  ? 10.504  -15.664 -0.042  1.00 28.49 ? 87  SER A O   1 
ATOM   686  C CB  . SER A 1 87  ? 11.787  -18.385 0.676   1.00 27.19 ? 87  SER A CB  1 
ATOM   687  O OG  . SER A 1 87  ? 13.056  -18.060 0.076   1.00 27.04 ? 87  SER A OG  1 
ATOM   688  N N   . GLN A 1 88  ? 12.402  -15.150 1.096   1.00 26.31 ? 88  GLN A N   1 
ATOM   689  C CA  A GLN A 1 88  ? 12.749  -13.922 0.389   0.50 25.68 ? 88  GLN A CA  1 
ATOM   690  C CA  B GLN A 1 88  ? 12.588  -13.946 0.322   0.50 25.84 ? 88  GLN A CA  1 
ATOM   691  C C   . GLN A 1 88  ? 13.335  -14.124 -1.023  1.00 25.07 ? 88  GLN A C   1 
ATOM   692  O O   . GLN A 1 88  ? 13.485  -13.144 -1.748  1.00 24.53 ? 88  GLN A O   1 
ATOM   693  C CB  A GLN A 1 88  ? 13.781  -13.100 1.204   0.50 26.01 ? 88  GLN A CB  1 
ATOM   694  C CB  B GLN A 1 88  ? 13.191  -12.810 1.156   0.50 26.26 ? 88  GLN A CB  1 
ATOM   695  C CG  A GLN A 1 88  ? 15.109  -13.830 1.462   0.50 26.67 ? 88  GLN A CG  1 
ATOM   696  C CG  B GLN A 1 88  ? 12.193  -12.316 2.190   0.50 27.63 ? 88  GLN A CG  1 
ATOM   697  C CD  A GLN A 1 88  ? 16.264  -12.932 1.889   0.50 26.55 ? 88  GLN A CD  1 
ATOM   698  C CD  B GLN A 1 88  ? 12.515  -10.950 2.723   0.50 29.81 ? 88  GLN A CD  1 
ATOM   699  O OE1 A GLN A 1 88  ? 17.426  -13.258 1.645   0.50 27.46 ? 88  GLN A OE1 1 
ATOM   700  O OE1 B GLN A 1 88  ? 13.453  -10.780 3.507   0.50 31.58 ? 88  GLN A OE1 1 
ATOM   701  N NE2 A GLN A 1 88  ? 15.955  -11.807 2.530   0.50 26.64 ? 88  GLN A NE2 1 
ATOM   702  N NE2 B GLN A 1 88  ? 11.735  -9.957  2.309   0.50 28.98 ? 88  GLN A NE2 1 
ATOM   703  N N   . ARG A 1 89  ? 13.712  -15.412 -1.375  1.00 23.77 ? 89  ARG A N   1 
ATOM   704  C CA  A ARG A 1 89  ? 14.393  -15.713 -2.699  0.60 22.78 ? 89  ARG A CA  1 
ATOM   705  C CA  B ARG A 1 89  ? 14.395  -15.745 -2.708  0.40 22.87 ? 89  ARG A CA  1 
ATOM   706  C C   . ARG A 1 89  ? 13.199  -15.637 -3.641  1.00 21.79 ? 89  ARG A C   1 
ATOM   707  O O   . ARG A 1 89  ? 12.303  -16.451 -3.542  1.00 21.61 ? 89  ARG A O   1 
ATOM   708  C CB  A ARG A 1 89  ? 15.015  -17.088 -2.648  0.60 22.27 ? 89  ARG A CB  1 
ATOM   709  C CB  B ARG A 1 89  ? 14.913  -17.166 -2.651  0.40 22.55 ? 89  ARG A CB  1 
ATOM   710  C CG  A ARG A 1 89  ? 16.075  -17.209 -3.682  0.60 22.81 ? 89  ARG A CG  1 
ATOM   711  C CG  B ARG A 1 89  ? 15.901  -17.424 -1.564  0.40 23.59 ? 89  ARG A CG  1 
ATOM   712  C CD  A ARG A 1 89  ? 16.729  -18.569 -3.648  0.60 23.81 ? 89  ARG A CD  1 
ATOM   713  C CD  B ARG A 1 89  ? 16.756  -18.612 -1.914  0.40 22.53 ? 89  ARG A CD  1 
ATOM   714  N NE  A ARG A 1 89  ? 17.397  -18.822 -4.914  0.60 24.01 ? 89  ARG A NE  1 
ATOM   715  N NE  B ARG A 1 89  ? 17.747  -18.274 -2.929  0.40 24.62 ? 89  ARG A NE  1 
ATOM   716  C CZ  A ARG A 1 89  ? 18.623  -18.403 -5.218  0.60 25.81 ? 89  ARG A CZ  1 
ATOM   717  C CZ  B ARG A 1 89  ? 18.941  -17.748 -2.664  0.40 24.59 ? 89  ARG A CZ  1 
ATOM   718  N NH1 A ARG A 1 89  ? 19.139  -18.681 -6.409  0.60 24.23 ? 89  ARG A NH1 1 
ATOM   719  N NH1 B ARG A 1 89  ? 19.783  -17.484 -3.654  0.40 26.66 ? 89  ARG A NH1 1 
ATOM   720  N NH2 A ARG A 1 89  ? 19.329  -17.710 -4.341  0.60 26.84 ? 89  ARG A NH2 1 
ATOM   721  N NH2 B ARG A 1 89  ? 19.294  -17.490 -1.409  0.40 23.44 ? 89  ARG A NH2 1 
ATOM   722  N N   . PRO A 1 90  ? 13.255  -14.801 -4.707  1.00 21.00 ? 90  PRO A N   1 
ATOM   723  C CA  . PRO A 1 90  ? 12.525  -15.214 -5.977  1.00 20.62 ? 90  PRO A CA  1 
ATOM   724  C C   . PRO A 1 90  ? 12.590  -16.561 -6.486  1.00 20.69 ? 90  PRO A C   1 
ATOM   725  O O   . PRO A 1 90  ? 13.624  -17.191 -6.277  1.00 20.39 ? 90  PRO A O   1 
ATOM   726  C CB  . PRO A 1 90  ? 12.904  -14.081 -6.963  1.00 20.81 ? 90  PRO A CB  1 
ATOM   727  C CG  . PRO A 1 90  ? 13.573  -13.027 -6.151  1.00 20.88 ? 90  PRO A CG  1 
ATOM   728  C CD  . PRO A 1 90  ? 14.218  -13.740 -4.997  1.00 21.18 ? 90  PRO A CD  1 
ATOM   729  N N   . PRO A 1 91  ? 11.564  -17.038 -7.209  1.00 19.63 ? 91  PRO A N   1 
ATOM   730  C CA  . PRO A 1 91  ? 10.354  -16.318 -7.599  1.00 19.55 ? 91  PRO A CA  1 
ATOM   731  C C   . PRO A 1 91  ? 9.462   -15.904 -6.459  1.00 19.56 ? 91  PRO A C   1 
ATOM   732  O O   . PRO A 1 91  ? 9.337   -16.630 -5.480  1.00 19.58 ? 91  PRO A O   1 
ATOM   733  C CB  . PRO A 1 91  ? 9.573   -17.340 -8.444  1.00 20.06 ? 91  PRO A CB  1 
ATOM   734  C CG  . PRO A 1 91  ? 10.500  -18.377 -8.780  1.00 19.28 ? 91  PRO A CG  1 
ATOM   735  C CD  . PRO A 1 91  ? 11.613  -18.395 -7.790  1.00 19.75 ? 91  PRO A CD  1 
ATOM   736  N N   . CYS A 1 92  ? 8.798   -14.760 -6.618  1.00 18.39 ? 92  CYS A N   1 
ATOM   737  C CA  . CYS A 1 92  ? 7.918   -14.189 -5.624  1.00 18.48 ? 92  CYS A CA  1 
ATOM   738  C C   . CYS A 1 92  ? 6.485   -14.405 -6.073  1.00 18.90 ? 92  CYS A C   1 
ATOM   739  O O   . CYS A 1 92  ? 6.030   -13.753 -7.017  1.00 20.48 ? 92  CYS A O   1 
ATOM   740  C CB  . CYS A 1 92  ? 8.175   -12.680 -5.533  1.00 18.25 ? 92  CYS A CB  1 
ATOM   741  S SG  . CYS A 1 92  ? 9.882   -12.244 -5.182  1.00 20.12 ? 92  CYS A SG  1 
ATOM   742  N N   . ASN A 1 93  ? 5.786   -15.332 -5.426  1.00 18.30 ? 93  ASN A N   1 
ATOM   743  C CA  . ASN A 1 93  ? 4.369   -15.594 -5.710  1.00 18.11 ? 93  ASN A CA  1 
ATOM   744  C C   . ASN A 1 93  ? 3.489   -15.095 -4.590  1.00 18.11 ? 93  ASN A C   1 
ATOM   745  O O   . ASN A 1 93  ? 3.799   -15.305 -3.403  1.00 18.63 ? 93  ASN A O   1 
ATOM   746  C CB  . ASN A 1 93  ? 4.128   -17.087 -5.921  1.00 19.51 ? 93  ASN A CB  1 
ATOM   747  C CG  . ASN A 1 93  ? 4.785   -17.586 -7.184  1.00 21.25 ? 93  ASN A CG  1 
ATOM   748  O OD1 . ASN A 1 93  ? 4.369   -17.220 -8.272  1.00 25.11 ? 93  ASN A OD1 1 
ATOM   749  N ND2 . ASN A 1 93  ? 5.820   -18.406 -7.046  1.00 24.96 ? 93  ASN A ND2 1 
ATOM   750  N N   . TYR A 1 94  ? 2.406   -14.412 -4.950  1.00 17.05 ? 94  TYR A N   1 
ATOM   751  C CA  . TYR A 1 94  ? 1.550   -13.768 -3.957  1.00 18.66 ? 94  TYR A CA  1 
ATOM   752  C C   . TYR A 1 94  ? 0.143   -14.307 -3.984  1.00 18.96 ? 94  TYR A C   1 
ATOM   753  O O   . TYR A 1 94  ? -0.296  -14.835 -4.999  1.00 19.58 ? 94  TYR A O   1 
ATOM   754  C CB  . TYR A 1 94  ? 1.517   -12.236 -4.186  1.00 17.51 ? 94  TYR A CB  1 
ATOM   755  C CG  . TYR A 1 94  ? 2.849   -11.592 -3.867  1.00 17.19 ? 94  TYR A CG  1 
ATOM   756  C CD1 . TYR A 1 94  ? 3.131   -11.139 -2.568  1.00 16.91 ? 94  TYR A CD1 1 
ATOM   757  C CD2 . TYR A 1 94  ? 3.840   -11.475 -4.837  1.00 15.79 ? 94  TYR A CD2 1 
ATOM   758  C CE1 . TYR A 1 94  ? 4.354   -10.582 -2.256  1.00 14.97 ? 94  TYR A CE1 1 
ATOM   759  C CE2 . TYR A 1 94  ? 5.090   -10.900 -4.533  1.00 16.37 ? 94  TYR A CE2 1 
ATOM   760  C CZ  . TYR A 1 94  ? 5.336   -10.463 -3.235  1.00 15.79 ? 94  TYR A CZ  1 
ATOM   761  O OH  . TYR A 1 94  ? 6.562   -9.899  -2.922  1.00 17.23 ? 94  TYR A OH  1 
ATOM   762  N N   . ASN A 1 95  ? -0.541  -14.197 -2.844  1.00 20.71 ? 95  ASN A N   1 
ATOM   763  C CA  . ASN A 1 95  ? -1.996  -14.314 -2.793  1.00 21.65 ? 95  ASN A CA  1 
ATOM   764  C C   . ASN A 1 95  ? -2.515  -12.929 -2.408  1.00 21.52 ? 95  ASN A C   1 
ATOM   765  O O   . ASN A 1 95  ? -1.759  -12.085 -1.940  1.00 21.03 ? 95  ASN A O   1 
ATOM   766  C CB  . ASN A 1 95  ? -2.447  -15.348 -1.760  1.00 22.82 ? 95  ASN A CB  1 
ATOM   767  C CG  . ASN A 1 95  ? -1.985  -16.758 -2.103  1.00 25.20 ? 95  ASN A CG  1 
ATOM   768  O OD1 . ASN A 1 95  ? -2.225  -17.262 -3.212  1.00 31.90 ? 95  ASN A OD1 1 
ATOM   769  N ND2 . ASN A 1 95  ? -1.303  -17.394 -1.159  1.00 27.45 ? 95  ASN A ND2 1 
ATOM   770  N N   . GLY A 1 96  ? -3.801  -12.683 -2.630  1.00 20.92 ? 96  GLY A N   1 
ATOM   771  C CA  . GLY A 1 96  ? -4.320  -11.343 -2.403  1.00 20.86 ? 96  GLY A CA  1 
ATOM   772  C C   . GLY A 1 96  ? -5.789  -11.377 -2.044  1.00 20.86 ? 96  GLY A C   1 
ATOM   773  O O   . GLY A 1 96  ? -6.472  -12.353 -2.326  1.00 21.48 ? 96  GLY A O   1 
ATOM   774  N N   . GLY A 1 97  ? -6.251  -10.317 -1.385  1.00 19.95 ? 97  GLY A N   1 
ATOM   775  C CA  . GLY A 1 97  ? -7.666  -10.086 -1.149  1.00 19.07 ? 97  GLY A CA  1 
ATOM   776  C C   . GLY A 1 97  ? -7.970  -8.627  -1.422  1.00 18.66 ? 97  GLY A C   1 
ATOM   777  O O   . GLY A 1 97  ? -7.062  -7.797  -1.454  1.00 17.69 ? 97  GLY A O   1 
ATOM   778  N N   . THR A 1 98  ? -9.252  -8.308  -1.614  1.00 17.71 ? 98  THR A N   1 
ATOM   779  C CA  . THR A 1 98  ? -9.670  -6.918  -1.723  1.00 17.61 ? 98  THR A CA  1 
ATOM   780  C C   . THR A 1 98  ? -10.647 -6.567  -0.599  1.00 17.83 ? 98  THR A C   1 
ATOM   781  O O   . THR A 1 98  ? -11.297 -7.447  -0.007  1.00 18.12 ? 98  THR A O   1 
ATOM   782  C CB  . THR A 1 98  ? -10.285 -6.601  -3.101  1.00 17.58 ? 98  THR A CB  1 
ATOM   783  O OG1 . THR A 1 98  ? -11.476 -7.386  -3.314  1.00 18.47 ? 98  THR A OG1 1 
ATOM   784  C CG2 . THR A 1 98  ? -9.299  -6.898  -4.225  1.00 18.27 ? 98  THR A CG2 1 
ATOM   785  N N   . SER A 1 99  ? -10.732 -5.280  -0.277  1.00 16.73 ? 99  SER A N   1 
ATOM   786  C CA  . SER A 1 99  ? -11.649 -4.814  0.773   1.00 16.56 ? 99  SER A CA  1 
ATOM   787  C C   . SER A 1 99  ? -11.922 -3.333  0.571   1.00 16.53 ? 99  SER A C   1 
ATOM   788  O O   . SER A 1 99  ? -11.388 -2.707  -0.374  1.00 15.95 ? 99  SER A O   1 
ATOM   789  C CB  . SER A 1 99  ? -11.048 -5.041  2.161   1.00 17.61 ? 99  SER A CB  1 
ATOM   790  O OG  . SER A 1 99  ? -9.811  -4.350  2.246   1.00 18.30 ? 99  SER A OG  1 
ATOM   791  N N   . THR A 1 100 ? -12.777 -2.783  1.432   1.00 15.12 ? 100 THR A N   1 
ATOM   792  C CA  . THR A 1 100 ? -13.038 -1.345  1.477   1.00 15.35 ? 100 THR A CA  1 
ATOM   793  C C   . THR A 1 100 ? -12.969 -0.936  2.949   1.00 15.60 ? 100 THR A C   1 
ATOM   794  O O   . THR A 1 100 ? -13.853 -1.308  3.749   1.00 16.10 ? 100 THR A O   1 
ATOM   795  C CB  . THR A 1 100 ? -14.409 -0.979  0.845   1.00 14.78 ? 100 THR A CB  1 
ATOM   796  O OG1 . THR A 1 100 ? -14.563 -1.660  -0.415  1.00 15.67 ? 100 THR A OG1 1 
ATOM   797  C CG2 . THR A 1 100 ? -14.497 0.515   0.585   1.00 15.42 ? 100 THR A CG2 1 
ATOM   798  N N   . GLN A 1 101 ? -11.910 -0.204  3.313   1.00 14.58 ? 101 GLN A N   1 
ATOM   799  C CA  . GLN A 1 101 ? -11.558 -0.015  4.719   1.00 14.65 ? 101 GLN A CA  1 
ATOM   800  C C   . GLN A 1 101 ? -10.908 1.343   4.900   1.00 13.89 ? 101 GLN A C   1 
ATOM   801  O O   . GLN A 1 101 ? -10.245 1.836   3.971   1.00 13.62 ? 101 GLN A O   1 
ATOM   802  C CB  . GLN A 1 101 ? -10.555 -1.083  5.146   1.00 14.51 ? 101 GLN A CB  1 
ATOM   803  C CG  . GLN A 1 101 ? -11.110 -2.518  5.161   1.00 18.17 ? 101 GLN A CG  1 
ATOM   804  C CD  . GLN A 1 101 ? -10.123 -3.463  5.777   1.00 21.15 ? 101 GLN A CD  1 
ATOM   805  O OE1 . GLN A 1 101 ? -10.047 -3.586  7.004   1.00 26.79 ? 101 GLN A OE1 1 
ATOM   806  N NE2 . GLN A 1 101 ? -9.314  -4.088  4.943   1.00 21.74 ? 101 GLN A NE2 1 
ATOM   807  N N   . ARG A 1 102 ? -11.122 1.938   6.078   1.00 13.50 ? 102 ARG A N   1 
ATOM   808  C CA  . ARG A 1 102 ? -10.285 3.080   6.477   1.00 12.31 ? 102 ARG A CA  1 
ATOM   809  C C   . ARG A 1 102 ? -8.855  2.580   6.673   1.00 12.53 ? 102 ARG A C   1 
ATOM   810  O O   . ARG A 1 102 ? -8.602  1.387   6.896   1.00 12.69 ? 102 ARG A O   1 
ATOM   811  C CB  . ARG A 1 102 ? -10.810 3.761   7.758   1.00 12.59 ? 102 ARG A CB  1 
ATOM   812  C CG  . ARG A 1 102 ? -12.237 4.341   7.599   1.00 16.53 ? 102 ARG A CG  1 
ATOM   813  C CD  . ARG A 1 102 ? -12.865 4.718   8.946   1.00 18.94 ? 102 ARG A CD  1 
ATOM   814  N NE  . ARG A 1 102 ? -12.064 5.665   9.701   1.00 22.11 ? 102 ARG A NE  1 
ATOM   815  C CZ  . ARG A 1 102 ? -11.615 5.502   10.943  1.00 22.65 ? 102 ARG A CZ  1 
ATOM   816  N NH1 . ARG A 1 102 ? -11.903 4.412   11.644  1.00 24.88 ? 102 ARG A NH1 1 
ATOM   817  N NH2 . ARG A 1 102 ? -10.900 6.468   11.502  1.00 23.00 ? 102 ARG A NH2 1 
ATOM   818  N N   . ILE A 1 103 ? -7.912  3.505   6.575   1.00 11.23 ? 103 ILE A N   1 
ATOM   819  C CA  . ILE A 1 103 ? -6.497  3.144   6.683   1.00 11.73 ? 103 ILE A CA  1 
ATOM   820  C C   . ILE A 1 103 ? -5.754  4.036   7.676   1.00 12.19 ? 103 ILE A C   1 
ATOM   821  O O   . ILE A 1 103 ? -6.148  5.191   7.918   1.00 11.96 ? 103 ILE A O   1 
ATOM   822  C CB  . ILE A 1 103 ? -5.753  3.166   5.301   1.00 12.35 ? 103 ILE A CB  1 
ATOM   823  C CG1 . ILE A 1 103 ? -5.755  4.569   4.673   1.00 10.70 ? 103 ILE A CG1 1 
ATOM   824  C CG2 . ILE A 1 103 ? -6.365  2.114   4.361   1.00 11.54 ? 103 ILE A CG2 1 
ATOM   825  C CD1 . ILE A 1 103 ? -4.888  4.726   3.414   1.00 12.00 ? 103 ILE A CD1 1 
ATOM   826  N N   . ARG A 1 104 ? -4.649  3.479   8.202   1.00 11.70 ? 104 ARG A N   1 
ATOM   827  C CA  . ARG A 1 104 ? -3.774  4.164   9.154   1.00 11.76 ? 104 ARG A CA  1 
ATOM   828  C C   . ARG A 1 104 ? -2.430  4.275   8.468   1.00 12.00 ? 104 ARG A C   1 
ATOM   829  O O   . ARG A 1 104 ? -1.863  3.255   8.039   1.00 11.37 ? 104 ARG A O   1 
ATOM   830  C CB  . ARG A 1 104 ? -3.644  3.351   10.465  1.00 11.68 ? 104 ARG A CB  1 
ATOM   831  C CG  . ARG A 1 104 ? -2.697  3.988   11.472  1.00 13.92 ? 104 ARG A CG  1 
ATOM   832  C CD  . ARG A 1 104 ? -2.749  3.316   12.821  1.00 16.70 ? 104 ARG A CD  1 
ATOM   833  N NE  . ARG A 1 104 ? -4.026  3.611   13.464  1.00 15.74 ? 104 ARG A NE  1 
ATOM   834  C CZ  . ARG A 1 104 ? -4.433  3.068   14.599  1.00 21.20 ? 104 ARG A CZ  1 
ATOM   835  N NH1 . ARG A 1 104 ? -3.641  2.197   15.227  1.00 20.55 ? 104 ARG A NH1 1 
ATOM   836  N NH2 . ARG A 1 104 ? -5.621  3.403   15.087  1.00 22.80 ? 104 ARG A NH2 1 
ATOM   837  N N   . ILE A 1 105 ? -1.992  5.500   8.265   1.00 12.40 ? 105 ILE A N   1 
ATOM   838  C CA  . ILE A 1 105 ? -0.693  5.755   7.622   1.00 12.29 ? 105 ILE A CA  1 
ATOM   839  C C   . ILE A 1 105 ? 0.218   6.581   8.563   1.00 13.20 ? 105 ILE A C   1 
ATOM   840  O O   . ILE A 1 105 ? -0.258  7.138   9.537   1.00 13.33 ? 105 ILE A O   1 
ATOM   841  C CB  . ILE A 1 105 ? -0.855  6.453   6.219   1.00 13.03 ? 105 ILE A CB  1 
ATOM   842  C CG1 . ILE A 1 105 ? -1.467  7.856   6.355   1.00 13.68 ? 105 ILE A CG1 1 
ATOM   843  C CG2 . ILE A 1 105 ? -1.691  5.570   5.292   1.00 14.35 ? 105 ILE A CG2 1 
ATOM   844  C CD1 . ILE A 1 105 ? -1.523  8.633   5.012   1.00 14.91 ? 105 ILE A CD1 1 
ATOM   845  N N   . ALA A 1 106 ? 1.518   6.612   8.269   1.00 13.21 ? 106 ALA A N   1 
ATOM   846  C CA  . ALA A 1 106 ? 2.425   7.539   8.955   1.00 13.77 ? 106 ALA A CA  1 
ATOM   847  C C   . ALA A 1 106 ? 2.623   8.735   8.066   1.00 14.58 ? 106 ALA A C   1 
ATOM   848  O O   . ALA A 1 106 ? 2.889   8.586   6.857   1.00 14.92 ? 106 ALA A O   1 
ATOM   849  C CB  . ALA A 1 106 ? 3.770   6.875   9.219   1.00 14.21 ? 106 ALA A CB  1 
ATOM   850  N N   . CYS A 1 107 ? 2.496   9.920   8.658   1.00 15.32 ? 107 CYS A N   1 
ATOM   851  C CA  . CYS A 1 107 ? 2.769   11.165  7.952   1.00 16.55 ? 107 CYS A CA  1 
ATOM   852  C C   . CYS A 1 107 ? 4.018   11.869  8.491   1.00 17.08 ? 107 CYS A C   1 
ATOM   853  O O   . CYS A 1 107 ? 4.435   11.688  9.665   1.00 18.73 ? 107 CYS A O   1 
ATOM   854  C CB  . CYS A 1 107 ? 1.567   12.105  7.986   1.00 17.25 ? 107 CYS A CB  1 
ATOM   855  S SG  . CYS A 1 107 ? 0.029   11.406  7.260   1.00 17.86 ? 107 CYS A SG  1 
ATOM   856  N N   . ASP A 1 108 ? 4.656   12.634  7.620   1.00 16.21 ? 108 ASP A N   1 
ATOM   857  C CA  . ASP A 1 108 ? 5.725   13.540  8.075   1.00 16.93 ? 108 ASP A CA  1 
ATOM   858  C C   . ASP A 1 108 ? 5.575   14.847  7.337   1.00 16.32 ? 108 ASP A C   1 
ATOM   859  O O   . ASP A 1 108 ? 5.567   14.877  6.122   1.00 16.43 ? 108 ASP A O   1 
ATOM   860  C CB  . ASP A 1 108 ? 7.099   12.933  7.803   1.00 18.15 ? 108 ASP A CB  1 
ATOM   861  C CG  . ASP A 1 108 ? 8.254   13.763  8.402   1.00 21.66 ? 108 ASP A CG  1 
ATOM   862  O OD1 . ASP A 1 108 ? 8.012   14.677  9.218   1.00 28.82 ? 108 ASP A OD1 1 
ATOM   863  O OD2 . ASP A 1 108 ? 9.421   13.483  8.062   1.00 24.73 ? 108 ASP A OD2 1 
ATOM   864  N N   . GLY A 1 109 ? 5.418   15.933  8.084   1.00 15.88 ? 109 GLY A N   1 
ATOM   865  C CA  . GLY A 1 109 ? 5.377   17.262  7.464   1.00 15.47 ? 109 GLY A CA  1 
ATOM   866  C C   . GLY A 1 109 ? 4.198   17.451  6.537   1.00 14.93 ? 109 GLY A C   1 
ATOM   867  O O   . GLY A 1 109 ? 4.251   18.252  5.582   1.00 14.58 ? 109 GLY A O   1 
ATOM   868  N N   . GLY A 1 110 ? 3.113   16.717  6.801   1.00 14.67 ? 110 GLY A N   1 
ATOM   869  C CA  . GLY A 1 110 ? 1.894   16.873  6.026   1.00 14.91 ? 110 GLY A CA  1 
ATOM   870  C C   . GLY A 1 110 ? 1.790   15.962  4.820   1.00 15.52 ? 110 GLY A C   1 
ATOM   871  O O   . GLY A 1 110 ? 0.824   16.081  4.051   1.00 16.02 ? 110 GLY A O   1 
ATOM   872  N N   . LEU A 1 111 ? 2.780   15.083  4.630   1.00 14.55 ? 111 LEU A N   1 
ATOM   873  C CA  . LEU A 1 111 ? 2.772   14.114  3.524   1.00 14.61 ? 111 LEU A CA  1 
ATOM   874  C C   . LEU A 1 111 ? 2.908   12.666  4.023   1.00 15.16 ? 111 LEU A C   1 
ATOM   875  O O   . LEU A 1 111 ? 3.601   12.400  5.018   1.00 15.16 ? 111 LEU A O   1 
ATOM   876  C CB  . LEU A 1 111 ? 3.890   14.398  2.521   1.00 15.30 ? 111 LEU A CB  1 
ATOM   877  C CG  . LEU A 1 111 ? 3.799   15.759  1.825   1.00 15.25 ? 111 LEU A CG  1 
ATOM   878  C CD1 . LEU A 1 111 ? 5.074   15.955  1.016   1.00 17.98 ? 111 LEU A CD1 1 
ATOM   879  C CD2 . LEU A 1 111 ? 2.533   15.928  0.936   1.00 19.26 ? 111 LEU A CD2 1 
ATOM   880  N N   . PRO A 1 112 ? 2.264   11.723  3.312   1.00 14.55 ? 112 PRO A N   1 
ATOM   881  C CA  . PRO A 1 112 ? 2.368   10.298  3.656   1.00 14.91 ? 112 PRO A CA  1 
ATOM   882  C C   . PRO A 1 112 ? 3.771   9.742   3.408   1.00 16.06 ? 112 PRO A C   1 
ATOM   883  O O   . PRO A 1 112 ? 4.361   9.997   2.351   1.00 16.24 ? 112 PRO A O   1 
ATOM   884  C CB  . PRO A 1 112 ? 1.358   9.625   2.722   1.00 15.51 ? 112 PRO A CB  1 
ATOM   885  C CG  . PRO A 1 112 ? 1.154   10.562  1.606   1.00 16.91 ? 112 PRO A CG  1 
ATOM   886  C CD  . PRO A 1 112 ? 1.375   11.947  2.156   1.00 14.45 ? 112 PRO A CD  1 
ATOM   887  N N   . VAL A 1 113 ? 4.279   8.946   4.355   1.00 15.24 ? 113 VAL A N   1 
ATOM   888  C CA  . VAL A 1 113 ? 5.597   8.308   4.187   1.00 15.79 ? 113 VAL A CA  1 
ATOM   889  C C   . VAL A 1 113 ? 5.572   6.788   4.397   1.00 15.63 ? 113 VAL A C   1 
ATOM   890  O O   . VAL A 1 113 ? 6.418   6.084   3.872   1.00 17.24 ? 113 VAL A O   1 
ATOM   891  C CB  . VAL A 1 113 ? 6.695   8.984   5.063   1.00 15.69 ? 113 VAL A CB  1 
ATOM   892  C CG1 . VAL A 1 113 ? 6.961   10.424  4.575   1.00 15.97 ? 113 VAL A CG1 1 
ATOM   893  C CG2 . VAL A 1 113 ? 6.299   8.985   6.510   1.00 14.75 ? 113 VAL A CG2 1 
ATOM   894  N N   . HIS A 1 114 ? 4.617   6.289   5.165   1.00 15.40 ? 114 HIS A N   1 
ATOM   895  C CA  . HIS A 1 114 ? 4.481   4.830   5.305   1.00 15.48 ? 114 HIS A CA  1 
ATOM   896  C C   . HIS A 1 114 ? 3.017   4.419   5.418   1.00 14.88 ? 114 HIS A C   1 
ATOM   897  O O   . HIS A 1 114 ? 2.172   5.163   5.895   1.00 14.93 ? 114 HIS A O   1 
ATOM   898  C CB  . HIS A 1 114 ? 5.191   4.306   6.557   1.00 16.22 ? 114 HIS A CB  1 
ATOM   899  C CG  A HIS A 1 114 ? 6.623   4.728   6.676   0.80 18.00 ? 114 HIS A CG  1 
ATOM   900  N ND1 A HIS A 1 114 ? 7.582   4.356   5.762   0.80 21.77 ? 114 HIS A ND1 1 
ATOM   901  C CD2 A HIS A 1 114 ? 7.252   5.493   7.601   0.80 22.06 ? 114 HIS A CD2 1 
ATOM   902  C CE1 A HIS A 1 114 ? 8.745   4.882   6.111   0.80 22.95 ? 114 HIS A CE1 1 
ATOM   903  N NE2 A HIS A 1 114 ? 8.572   5.575   7.224   0.80 23.97 ? 114 HIS A NE2 1 
ATOM   904  N N   . TYR A 1 115 ? 2.740   3.193   4.999   1.00 14.19 ? 115 TYR A N   1 
ATOM   905  C CA  . TYR A 1 115 ? 1.425   2.607   5.224   1.00 14.79 ? 115 TYR A CA  1 
ATOM   906  C C   . TYR A 1 115 ? 1.537   1.757   6.467   1.00 15.78 ? 115 TYR A C   1 
ATOM   907  O O   . TYR A 1 115 ? 2.452   0.927   6.564   1.00 16.36 ? 115 TYR A O   1 
ATOM   908  C CB  . TYR A 1 115 ? 1.033   1.765   4.010   1.00 14.92 ? 115 TYR A CB  1 
ATOM   909  C CG  . TYR A 1 115 ? -0.331  1.115   4.131   1.00 14.43 ? 115 TYR A CG  1 
ATOM   910  C CD1 . TYR A 1 115 ? -1.470  1.773   3.681   1.00 15.54 ? 115 TYR A CD1 1 
ATOM   911  C CD2 . TYR A 1 115 ? -0.485  -0.142  4.739   1.00 12.87 ? 115 TYR A CD2 1 
ATOM   912  C CE1 . TYR A 1 115 ? -2.733  1.198   3.815   1.00 13.25 ? 115 TYR A CE1 1 
ATOM   913  C CE2 . TYR A 1 115 ? -1.749  -0.729  4.848   1.00 14.88 ? 115 TYR A CE2 1 
ATOM   914  C CZ  . TYR A 1 115 ? -2.862  -0.062  4.386   1.00 16.03 ? 115 TYR A CZ  1 
ATOM   915  O OH  . TYR A 1 115 ? -4.123  -0.599  4.485   1.00 17.49 ? 115 TYR A OH  1 
ATOM   916  N N   . ASP A 1 116 ? 0.613   1.921   7.404   1.00 16.01 ? 116 ASP A N   1 
ATOM   917  C CA  A ASP A 1 116 ? 0.636   1.084   8.604   0.70 16.67 ? 116 ASP A CA  1 
ATOM   918  C CA  B ASP A 1 116 ? 0.640   1.095   8.617   0.30 16.40 ? 116 ASP A CA  1 
ATOM   919  C C   . ASP A 1 116 ? -0.272  -0.131  8.477   1.00 16.96 ? 116 ASP A C   1 
ATOM   920  O O   . ASP A 1 116 ? 0.206   -1.251  8.373   1.00 17.56 ? 116 ASP A O   1 
ATOM   921  C CB  A ASP A 1 116 ? 0.341   1.873   9.869   0.70 17.56 ? 116 ASP A CB  1 
ATOM   922  C CB  B ASP A 1 116 ? 0.338   1.928   9.872   0.30 16.53 ? 116 ASP A CB  1 
ATOM   923  C CG  A ASP A 1 116 ? 0.478   1.017   11.102  0.70 18.02 ? 116 ASP A CG  1 
ATOM   924  C CG  B ASP A 1 116 ? 0.558   1.150   11.161  0.30 16.03 ? 116 ASP A CG  1 
ATOM   925  O OD1 A ASP A 1 116 ? 1.300   0.079   11.046  0.70 21.48 ? 116 ASP A OD1 1 
ATOM   926  O OD1 B ASP A 1 116 ? -0.339  0.374   11.537  0.30 12.07 ? 116 ASP A OD1 1 
ATOM   927  O OD2 A ASP A 1 116 ? -0.199  1.288   12.096  0.70 16.30 ? 116 ASP A OD2 1 
ATOM   928  O OD2 B ASP A 1 116 ? 1.630   1.323   11.792  0.30 16.69 ? 116 ASP A OD2 1 
ATOM   929  N N   . ARG A 1 117 ? -1.589  0.085   8.470   1.00 16.85 ? 117 ARG A N   1 
ATOM   930  C CA  . ARG A 1 117 ? -2.531  -1.024  8.383   1.00 17.42 ? 117 ARG A CA  1 
ATOM   931  C C   . ARG A 1 117 ? -3.906  -0.516  7.987   1.00 16.92 ? 117 ARG A C   1 
ATOM   932  O O   . ARG A 1 117 ? -4.157  0.689   8.050   1.00 16.39 ? 117 ARG A O   1 
ATOM   933  C CB  . ARG A 1 117 ? -2.588  -1.761  9.730   1.00 17.51 ? 117 ARG A CB  1 
ATOM   934  C CG  . ARG A 1 117 ? -3.150  -0.962  10.908  1.00 19.91 ? 117 ARG A CG  1 
ATOM   935  C CD  . ARG A 1 117 ? -3.298  -1.939  12.080  1.00 25.29 ? 117 ARG A CD  1 
ATOM   936  N NE  . ARG A 1 117 ? -3.860  -1.356  13.280  1.00 29.88 ? 117 ARG A NE  1 
ATOM   937  C CZ  . ARG A 1 117 ? -5.161  -1.247  13.529  1.00 32.01 ? 117 ARG A CZ  1 
ATOM   938  N NH1 . ARG A 1 117 ? -6.052  -1.667  12.634  1.00 33.49 ? 117 ARG A NH1 1 
ATOM   939  N NH2 . ARG A 1 117 ? -5.569  -0.710  14.671  1.00 32.83 ? 117 ARG A NH2 1 
ATOM   940  N N   . ALA A 1 118 ? -4.779  -1.445  7.599   1.00 17.23 ? 118 ALA A N   1 
ATOM   941  C CA  . ALA A 1 118 ? -6.207  -1.176  7.485   1.00 17.61 ? 118 ALA A CA  1 
ATOM   942  C C   . ALA A 1 118 ? -6.833  -1.169  8.878   1.00 19.53 ? 118 ALA A C   1 
ATOM   943  O O   . ALA A 1 118 ? -6.357  -1.885  9.782   1.00 19.53 ? 118 ALA A O   1 
ATOM   944  C CB  . ALA A 1 118 ? -6.876  -2.225  6.608   1.00 18.52 ? 118 ALA A CB  1 
ATOM   945  N N   . ILE A 1 119 ? -7.857  -0.328  9.035   1.00 20.10 ? 119 ILE A N   1 
ATOM   946  C CA  A ILE A 1 119 ? -8.638  -0.219  10.268  0.60 21.59 ? 119 ILE A CA  1 
ATOM   947  C CA  B ILE A 1 119 ? -8.623  -0.236  10.273  0.40 21.50 ? 119 ILE A CA  1 
ATOM   948  C C   . ILE A 1 119 ? -9.872  -1.111  10.155  1.00 22.02 ? 119 ILE A C   1 
ATOM   949  O O   . ILE A 1 119 ? -10.510 -1.170  9.087   1.00 23.49 ? 119 ILE A O   1 
ATOM   950  C CB  A ILE A 1 119 ? -9.111  1.237   10.515  0.60 22.28 ? 119 ILE A CB  1 
ATOM   951  C CB  B ILE A 1 119 ? -9.011  1.242   10.593  0.40 21.89 ? 119 ILE A CB  1 
ATOM   952  C CG1 A ILE A 1 119 ? -7.937  2.147   10.831  0.60 22.30 ? 119 ILE A CG1 1 
ATOM   953  C CG1 B ILE A 1 119 ? -7.770  2.112   10.811  0.40 22.20 ? 119 ILE A CG1 1 
ATOM   954  C CG2 A ILE A 1 119 ? -10.160 1.295   11.638  0.60 22.88 ? 119 ILE A CG2 1 
ATOM   955  C CG2 B ILE A 1 119 ? -9.989  1.327   11.779  0.40 22.50 ? 119 ILE A CG2 1 
ATOM   956  C CD1 A ILE A 1 119 ? -8.243  3.601   10.614  0.60 21.37 ? 119 ILE A CD1 1 
ATOM   957  C CD1 B ILE A 1 119 ? -6.719  1.528   11.743  0.40 22.17 ? 119 ILE A CD1 1 
HETATM 958  S S   . SO4 B 2 .   ? 6.140   1.203   4.050   1.00 31.24 ? 120 SO4 A S   1 
HETATM 959  O O1  . SO4 B 2 .   ? 6.143   0.359   2.858   1.00 31.31 ? 120 SO4 A O1  1 
HETATM 960  O O2  . SO4 B 2 .   ? 6.741   0.512   5.190   1.00 35.13 ? 120 SO4 A O2  1 
HETATM 961  O O3  . SO4 B 2 .   ? 6.886   2.464   3.825   1.00 32.24 ? 120 SO4 A O3  1 
HETATM 962  O O4  . SO4 B 2 .   ? 4.767   1.488   4.422   1.00 29.13 ? 120 SO4 A O4  1 
HETATM 963  S S   . SO4 C 2 .   ? -3.462  -5.259  7.874   1.00 40.64 ? 121 SO4 A S   1 
HETATM 964  O O1  . SO4 C 2 .   ? -3.385  -6.300  6.838   1.00 40.51 ? 121 SO4 A O1  1 
HETATM 965  O O2  . SO4 C 2 .   ? -4.339  -5.690  8.958   1.00 41.85 ? 121 SO4 A O2  1 
HETATM 966  O O3  . SO4 C 2 .   ? -2.148  -4.981  8.472   1.00 40.65 ? 121 SO4 A O3  1 
HETATM 967  O O4  . SO4 C 2 .   ? -3.962  -4.037  7.251   1.00 39.78 ? 121 SO4 A O4  1 
HETATM 968  S S   . SO4 D 2 .   ? -11.151 -10.778 -3.888  1.00 36.84 ? 122 SO4 A S   1 
HETATM 969  O O1  . SO4 D 2 .   ? -9.827  -11.365 -4.135  1.00 34.69 ? 122 SO4 A O1  1 
HETATM 970  O O2  . SO4 D 2 .   ? -11.319 -10.431 -2.459  1.00 35.37 ? 122 SO4 A O2  1 
HETATM 971  O O3  . SO4 D 2 .   ? -11.327 -9.621  -4.757  1.00 33.40 ? 122 SO4 A O3  1 
HETATM 972  O O4  . SO4 D 2 .   ? -12.185 -11.766 -4.236  1.00 36.49 ? 122 SO4 A O4  1 
HETATM 973  S S   . SO4 E 2 .   ? 12.856  12.916  1.711   1.00 26.18 ? 123 SO4 A S   1 
HETATM 974  O O1  . SO4 E 2 .   ? 13.538  12.154  0.666   1.00 31.50 ? 123 SO4 A O1  1 
HETATM 975  O O2  . SO4 E 2 .   ? 13.289  12.457  3.018   1.00 28.67 ? 123 SO4 A O2  1 
HETATM 976  O O3  . SO4 E 2 .   ? 13.057  14.350  1.509   1.00 30.41 ? 123 SO4 A O3  1 
HETATM 977  O O4  . SO4 E 2 .   ? 11.424  12.591  1.626   1.00 29.16 ? 123 SO4 A O4  1 
HETATM 978  S S   . SO4 F 2 .   ? -1.772  -15.669 4.893   0.50 56.76 ? 124 SO4 A S   1 
HETATM 979  O O1  . SO4 F 2 .   ? -0.908  -14.978 3.938   0.50 56.46 ? 124 SO4 A O1  1 
HETATM 980  O O2  . SO4 F 2 .   ? -1.894  -17.076 4.520   0.50 56.77 ? 124 SO4 A O2  1 
HETATM 981  O O3  . SO4 F 2 .   ? -1.190  -15.571 6.230   0.50 56.50 ? 124 SO4 A O3  1 
HETATM 982  O O4  . SO4 F 2 .   ? -3.102  -15.063 4.883   0.50 56.75 ? 124 SO4 A O4  1 
HETATM 983  C C1  . GOL G 3 .   ? -10.555 4.543   16.522  1.00 41.72 ? 125 GOL A C1  1 
HETATM 984  O O1  . GOL G 3 .   ? -10.128 3.471   17.340  1.00 42.72 ? 125 GOL A O1  1 
HETATM 985  C C2  . GOL G 3 .   ? -10.725 4.145   15.053  1.00 42.60 ? 125 GOL A C2  1 
HETATM 986  O O2  . GOL G 3 .   ? -10.642 2.748   14.860  1.00 43.34 ? 125 GOL A O2  1 
HETATM 987  C C3  . GOL G 3 .   ? -9.639  4.810   14.219  1.00 41.72 ? 125 GOL A C3  1 
HETATM 988  O O3  . GOL G 3 .   ? -9.591  6.199   14.470  1.00 39.10 ? 125 GOL A O3  1 
HETATM 989  C C1  . GOL H 3 .   ? -0.464  5.573   -9.078  1.00 34.89 ? 126 GOL A C1  1 
HETATM 990  O O1  . GOL H 3 .   ? -1.360  4.674   -9.685  1.00 32.95 ? 126 GOL A O1  1 
HETATM 991  C C2  . GOL H 3 .   ? -0.807  7.034   -9.392  1.00 36.68 ? 126 GOL A C2  1 
HETATM 992  O O2  . GOL H 3 .   ? -2.142  7.303   -9.009  1.00 36.59 ? 126 GOL A O2  1 
HETATM 993  C C3  . GOL H 3 .   ? 0.125   7.957   -8.605  1.00 37.27 ? 126 GOL A C3  1 
HETATM 994  O O3  . GOL H 3 .   ? 1.446   7.795   -9.062  1.00 38.11 ? 126 GOL A O3  1 
HETATM 995  C C1  . GOL I 3 .   ? 5.125   5.770   19.128  0.50 39.91 ? 127 GOL A C1  1 
HETATM 996  O O1  . GOL I 3 .   ? 5.827   5.481   17.940  0.50 40.82 ? 127 GOL A O1  1 
HETATM 997  C C2  . GOL I 3 .   ? 5.562   7.093   19.742  0.50 40.51 ? 127 GOL A C2  1 
HETATM 998  O O2  . GOL I 3 .   ? 5.968   8.007   18.748  0.50 40.41 ? 127 GOL A O2  1 
HETATM 999  C C3  . GOL I 3 .   ? 4.417   7.675   20.566  0.50 40.57 ? 127 GOL A C3  1 
HETATM 1000 O O3  . GOL I 3 .   ? 4.363   9.085   20.468  0.50 40.41 ? 127 GOL A O3  1 
HETATM 1001 C C1  . GOL J 3 .   ? -6.388  18.623  10.799  1.00 42.88 ? 128 GOL A C1  1 
HETATM 1002 O O1  . GOL J 3 .   ? -5.741  19.292  9.743   1.00 38.64 ? 128 GOL A O1  1 
HETATM 1003 C C2  . GOL J 3 .   ? -5.355  17.866  11.639  1.00 43.56 ? 128 GOL A C2  1 
HETATM 1004 O O2  . GOL J 3 .   ? -4.172  18.616  11.820  1.00 45.22 ? 128 GOL A O2  1 
HETATM 1005 C C3  . GOL J 3 .   ? -5.903  17.570  13.025  1.00 44.08 ? 128 GOL A C3  1 
HETATM 1006 O O3  . GOL J 3 .   ? -5.031  16.649  13.637  1.00 43.68 ? 128 GOL A O3  1 
HETATM 1007 C C1  . GOL K 3 .   ? -5.094  -0.125  18.507  0.50 35.06 ? 129 GOL A C1  1 
HETATM 1008 O O1  . GOL K 3 .   ? -3.775  -0.544  18.799  0.50 36.15 ? 129 GOL A O1  1 
HETATM 1009 C C2  . GOL K 3 .   ? -5.305  1.322   18.933  0.50 34.29 ? 129 GOL A C2  1 
HETATM 1010 O O2  . GOL K 3 .   ? -4.116  1.888   19.440  0.50 33.92 ? 129 GOL A O2  1 
HETATM 1011 C C3  . GOL K 3 .   ? -5.697  2.132   17.711  0.50 32.09 ? 129 GOL A C3  1 
HETATM 1012 O O3  . GOL K 3 .   ? -7.077  2.386   17.683  0.50 32.46 ? 129 GOL A O3  1 
HETATM 1013 C C1  . GOL L 3 .   ? 9.018   15.085  -1.178  1.00 37.11 ? 130 GOL A C1  1 
HETATM 1014 O O1  . GOL L 3 .   ? 8.622   15.401  0.142   1.00 36.80 ? 130 GOL A O1  1 
HETATM 1015 C C2  . GOL L 3 .   ? 7.844   14.945  -2.140  1.00 36.01 ? 130 GOL A C2  1 
HETATM 1016 O O2  . GOL L 3 .   ? 7.089   16.127  -2.121  1.00 38.71 ? 130 GOL A O2  1 
HETATM 1017 C C3  . GOL L 3 .   ? 8.406   14.816  -3.539  1.00 34.30 ? 130 GOL A C3  1 
HETATM 1018 O O3  . GOL L 3 .   ? 8.077   13.598  -4.120  1.00 29.50 ? 130 GOL A O3  1 
HETATM 1019 C C1  . GOL M 3 .   ? -8.943  -14.369 -6.190  1.00 43.65 ? 131 GOL A C1  1 
HETATM 1020 O O1  . GOL M 3 .   ? -9.392  -13.573 -7.271  1.00 44.31 ? 131 GOL A O1  1 
HETATM 1021 C C2  . GOL M 3 .   ? -7.419  -14.367 -6.085  1.00 42.80 ? 131 GOL A C2  1 
HETATM 1022 O O2  . GOL M 3 .   ? -6.896  -14.949 -7.250  1.00 40.89 ? 131 GOL A O2  1 
HETATM 1023 C C3  . GOL M 3 .   ? -6.905  -15.108 -4.843  1.00 42.89 ? 131 GOL A C3  1 
HETATM 1024 O O3  . GOL M 3 .   ? -5.548  -14.781 -4.576  1.00 43.33 ? 131 GOL A O3  1 
HETATM 1025 O O   . HOH N 4 .   ? -1.457  11.403  17.422  1.00 20.85 ? 132 HOH A O   1 
HETATM 1026 O O   . HOH N 4 .   ? -16.071 7.415   6.013   1.00 22.86 ? 133 HOH A O   1 
HETATM 1027 O O   . HOH N 4 .   ? 1.509   -2.349  3.071   1.00 20.50 ? 134 HOH A O   1 
HETATM 1028 O O   . HOH N 4 .   ? -11.063 4.300   -2.939  1.00 19.67 ? 135 HOH A O   1 
HETATM 1029 O O   . HOH N 4 .   ? 6.222   3.593   1.444   1.00 16.68 ? 136 HOH A O   1 
HETATM 1030 O O   . HOH N 4 .   ? -8.232  10.888  16.808  1.00 18.87 ? 137 HOH A O   1 
HETATM 1031 O O   . HOH N 4 .   ? -9.943  -3.480  -4.579  1.00 21.88 ? 138 HOH A O   1 
HETATM 1032 O O   . HOH N 4 .   ? -3.735  13.190  -6.837  1.00 19.75 ? 139 HOH A O   1 
HETATM 1033 O O   . HOH N 4 .   ? -9.205  13.466  16.578  1.00 21.80 ? 140 HOH A O   1 
HETATM 1034 O O   . HOH N 4 .   ? -14.136 -1.000  -3.030  1.00 20.23 ? 141 HOH A O   1 
HETATM 1035 O O   . HOH N 4 .   ? 10.499  -1.029  -2.740  1.00 29.63 ? 142 HOH A O   1 
HETATM 1036 O O   . HOH N 4 .   ? -2.665  9.626   -7.906  1.00 23.61 ? 143 HOH A O   1 
HETATM 1037 O O   . HOH N 4 .   ? 5.779   -11.039 -8.271  1.00 20.40 ? 144 HOH A O   1 
HETATM 1038 O O   . HOH N 4 .   ? -4.127  -3.252  4.591   1.00 18.39 ? 145 HOH A O   1 
HETATM 1039 O O   . HOH N 4 .   ? -12.516 0.418   8.088   1.00 23.11 ? 146 HOH A O   1 
HETATM 1040 O O   . HOH N 4 .   ? -12.224 -3.141  -2.909  1.00 25.02 ? 147 HOH A O   1 
HETATM 1041 O O   . HOH N 4 .   ? 0.599   -16.826 -6.539  1.00 44.27 ? 148 HOH A O   1 
HETATM 1042 O O   . HOH N 4 .   ? 6.793   -16.809 -3.060  1.00 19.60 ? 149 HOH A O   1 
HETATM 1043 O O   . HOH N 4 .   ? -1.050  13.743  13.691  1.00 23.26 ? 150 HOH A O   1 
HETATM 1044 O O   . HOH N 4 .   ? -15.769 -11.648 -1.533  1.00 30.19 ? 151 HOH A O   1 
HETATM 1045 O O   . HOH N 4 .   ? -7.641  -5.818  1.164   1.00 23.80 ? 152 HOH A O   1 
HETATM 1046 O O   . HOH N 4 .   ? -13.670 -8.015  1.520   1.00 30.34 ? 153 HOH A O   1 
HETATM 1047 O O   . HOH N 4 .   ? -15.598 5.661   2.662   1.00 25.61 ? 154 HOH A O   1 
HETATM 1048 O O   . HOH N 4 .   ? -1.080  0.827   14.452  1.00 24.65 ? 155 HOH A O   1 
HETATM 1049 O O   . HOH N 4 .   ? 3.455   -1.281  4.646   1.00 25.45 ? 156 HOH A O   1 
HETATM 1050 O O   . HOH N 4 .   ? 6.521   7.482   -7.368  1.00 26.78 ? 157 HOH A O   1 
HETATM 1051 O O   . HOH N 4 .   ? 10.558  -5.715  -8.485  1.00 27.42 ? 158 HOH A O   1 
HETATM 1052 O O   . HOH N 4 .   ? -14.434 -4.483  2.989   1.00 22.72 ? 159 HOH A O   1 
HETATM 1053 O O   . HOH N 4 .   ? 1.128   12.806  11.519  1.00 31.23 ? 160 HOH A O   1 
HETATM 1054 O O   . HOH N 4 .   ? 2.277   15.093  8.976   1.00 30.06 ? 161 HOH A O   1 
HETATM 1055 O O   . HOH N 4 .   ? 9.152   14.434  -6.460  1.00 23.36 ? 162 HOH A O   1 
HETATM 1056 O O   . HOH N 4 .   ? 0.020   -4.385  3.933   1.00 29.05 ? 163 HOH A O   1 
HETATM 1057 O O   . HOH N 4 .   ? -7.899  -8.388  2.212   1.00 32.31 ? 164 HOH A O   1 
HETATM 1058 O O   . HOH N 4 .   ? -1.949  17.058  4.409   1.00 34.16 ? 165 HOH A O   1 
HETATM 1059 O O   . HOH N 4 .   ? 9.650   -16.548 -2.371  1.00 21.80 ? 166 HOH A O   1 
HETATM 1060 O O   . HOH N 4 .   ? -18.079 8.071   8.133   1.00 33.08 ? 167 HOH A O   1 
HETATM 1061 O O   . HOH N 4 .   ? 7.249   -0.566  -13.608 1.00 42.87 ? 168 HOH A O   1 
HETATM 1062 O O   . HOH N 4 .   ? 6.741   -19.259 -4.269  1.00 29.53 ? 169 HOH A O   1 
HETATM 1063 O O   . HOH N 4 .   ? -1.945  19.055  6.620   1.00 22.78 ? 170 HOH A O   1 
HETATM 1064 O O   . HOH N 4 .   ? -7.994  1.108   15.502  1.00 41.11 ? 171 HOH A O   1 
HETATM 1065 O O   . HOH N 4 .   ? 0.038   14.619  9.661   1.00 31.20 ? 172 HOH A O   1 
HETATM 1066 O O   . HOH N 4 .   ? 5.406   16.151  11.232  1.00 46.97 ? 173 HOH A O   1 
HETATM 1067 O O   . HOH N 4 .   ? 12.648  0.866   -2.514  1.00 53.96 ? 174 HOH A O   1 
HETATM 1068 O O   . HOH N 4 .   ? -13.170 1.655   10.455  1.00 31.95 ? 175 HOH A O   1 
HETATM 1069 O O   . HOH N 4 .   ? -14.982 0.465   6.389   1.00 31.57 ? 176 HOH A O   1 
HETATM 1070 O O   . HOH N 4 .   ? 2.196   -10.700 -16.477 1.00 30.33 ? 177 HOH A O   1 
HETATM 1071 O O   . HOH N 4 .   ? -4.945  -9.695  3.709   1.00 47.63 ? 178 HOH A O   1 
HETATM 1072 O O   . HOH N 4 .   ? 15.174  12.395  -3.912  1.00 24.26 ? 179 HOH A O   1 
HETATM 1073 O O   . HOH N 4 .   ? 14.962  13.114  -1.374  1.00 24.75 ? 180 HOH A O   1 
HETATM 1074 O O   . HOH N 4 .   ? -4.265  20.410  7.511   1.00 42.44 ? 181 HOH A O   1 
HETATM 1075 O O   . HOH N 4 .   ? 10.046  -19.648 -2.123  1.00 35.99 ? 182 HOH A O   1 
HETATM 1076 O O   . HOH N 4 .   ? 9.158   -21.108 -6.606  1.00 42.61 ? 183 HOH A O   1 
HETATM 1077 O O   . HOH N 4 .   ? -3.892  -10.699 1.453   1.00 35.42 ? 184 HOH A O   1 
HETATM 1078 O O   . HOH N 4 .   ? 8.083   5.999   1.797   1.00 19.53 ? 185 HOH A O   1 
HETATM 1079 O O   . HOH N 4 .   ? 12.706  -7.569  6.275   0.50 33.62 ? 186 HOH A O   1 
HETATM 1080 O O   . HOH N 4 .   ? 2.087   5.250   -7.925  1.00 45.43 ? 187 HOH A O   1 
HETATM 1081 O O   . HOH N 4 .   ? -14.627 7.983   9.510   1.00 26.55 ? 188 HOH A O   1 
HETATM 1082 O O   . HOH N 4 .   ? 6.579   -6.793  3.992   1.00 29.67 ? 189 HOH A O   1 
HETATM 1083 O O   . HOH N 4 .   ? -2.471  19.927  9.345   1.00 34.59 ? 190 HOH A O   1 
HETATM 1084 O O   . HOH N 4 .   ? -0.429  11.461  14.949  1.00 23.27 ? 191 HOH A O   1 
HETATM 1085 O O   . HOH N 4 .   ? -1.010  -8.373  5.354   1.00 39.72 ? 192 HOH A O   1 
HETATM 1086 O O   . HOH N 4 .   ? -0.488  -3.551  6.622   1.00 26.98 ? 193 HOH A O   1 
HETATM 1087 O O   . HOH N 4 .   ? 9.161   -7.607  3.525   1.00 26.83 ? 194 HOH A O   1 
HETATM 1088 O O   . HOH N 4 .   ? -10.096 9.226   11.300  1.00 28.61 ? 195 HOH A O   1 
HETATM 1089 O O   . HOH N 4 .   ? -6.570  -4.823  4.266   1.00 28.99 ? 196 HOH A O   1 
HETATM 1090 O O   . HOH N 4 .   ? 0.895   10.091  20.708  1.00 34.34 ? 197 HOH A O   1 
HETATM 1091 O O   . HOH N 4 .   ? 8.327   -18.093 -0.204  1.00 27.23 ? 198 HOH A O   1 
HETATM 1092 O O   . HOH N 4 .   ? 17.292  -12.032 -6.240  1.00 29.27 ? 199 HOH A O   1 
HETATM 1093 O O   . HOH N 4 .   ? 2.691   -2.023  7.158   1.00 25.83 ? 200 HOH A O   1 
HETATM 1094 O O   . HOH N 4 .   ? -16.056 4.643   6.132   1.00 26.68 ? 201 HOH A O   1 
HETATM 1095 O O   . HOH N 4 .   ? -14.774 -12.974 -3.623  1.00 30.66 ? 202 HOH A O   1 
HETATM 1096 O O   . HOH N 4 .   ? -10.854 -12.890 -15.013 1.00 33.37 ? 203 HOH A O   1 
HETATM 1097 O O   . HOH N 4 .   ? 2.067   -19.459 2.480   1.00 35.85 ? 204 HOH A O   1 
HETATM 1098 O O   . HOH N 4 .   ? -8.361  -5.552  8.192   1.00 35.05 ? 205 HOH A O   1 
HETATM 1099 O O   . HOH N 4 .   ? -7.859  8.146   14.743  1.00 32.71 ? 206 HOH A O   1 
HETATM 1100 O O   . HOH N 4 .   ? -1.478  -6.481  -18.058 1.00 37.55 ? 207 HOH A O   1 
HETATM 1101 O O   . HOH N 4 .   ? -5.145  -16.585 -13.830 1.00 45.89 ? 208 HOH A O   1 
HETATM 1102 O O   . HOH N 4 .   ? 9.027   10.300  9.440   1.00 37.88 ? 209 HOH A O   1 
HETATM 1103 O O   . HOH N 4 .   ? -10.118 -9.497  1.475   1.00 39.51 ? 210 HOH A O   1 
HETATM 1104 O O   . HOH N 4 .   ? -13.697 -8.918  -1.498  1.00 27.56 ? 211 HOH A O   1 
HETATM 1105 O O   . HOH N 4 .   ? -11.906 11.198  10.864  1.00 29.66 ? 212 HOH A O   1 
HETATM 1106 O O   . HOH N 4 .   ? 4.455   -20.490 -3.975  1.00 43.07 ? 213 HOH A O   1 
HETATM 1107 O O   . HOH N 4 .   ? -8.864  -13.337 -3.045  1.00 40.04 ? 214 HOH A O   1 
HETATM 1108 O O   . HOH N 4 .   ? -1.671  -6.115  -13.259 1.00 46.23 ? 215 HOH A O   1 
HETATM 1109 O O   . HOH N 4 .   ? 6.887   11.321  10.671  1.00 39.46 ? 216 HOH A O   1 
HETATM 1110 O O   . HOH N 4 .   ? -9.707  16.603  1.919   1.00 42.70 ? 217 HOH A O   1 
HETATM 1111 O O   . HOH N 4 .   ? 11.669  -6.052  -1.305  1.00 42.54 ? 218 HOH A O   1 
HETATM 1112 O O   . HOH N 4 .   ? -2.235  -1.422  15.366  1.00 56.40 ? 219 HOH A O   1 
HETATM 1113 O O   . HOH N 4 .   ? -12.311 -14.117 -6.040  1.00 56.85 ? 220 HOH A O   1 
HETATM 1114 O O   . HOH N 4 .   ? -2.550  -4.973  -16.279 1.00 39.76 ? 221 HOH A O   1 
HETATM 1115 O O   . HOH N 4 .   ? 9.714   -19.162 -4.930  1.00 34.07 ? 222 HOH A O   1 
HETATM 1116 O O   . HOH N 4 .   ? 12.648  -0.780  -0.372  1.00 78.85 ? 223 HOH A O   1 
HETATM 1117 O O   . HOH N 4 .   ? -14.206 -15.247 -2.463  1.00 34.22 ? 224 HOH A O   1 
HETATM 1118 O O   . HOH N 4 .   ? 10.349  5.235   3.358   1.00 33.16 ? 225 HOH A O   1 
HETATM 1119 O O   . HOH N 4 .   ? -8.076  -6.405  5.604   1.00 50.70 ? 226 HOH A O   1 
HETATM 1120 O O   . HOH N 4 .   ? -7.833  13.482  -6.554  1.00 22.74 ? 227 HOH A O   1 
HETATM 1121 O O   . HOH N 4 .   ? -7.896  11.873  -9.485  1.00 41.50 ? 228 HOH A O   1 
HETATM 1122 O O   . HOH N 4 .   ? -8.302  -8.139  -8.075  1.00 41.92 ? 229 HOH A O   1 
HETATM 1123 O O   . HOH N 4 .   ? -3.395  -7.998  -16.545 1.00 42.65 ? 230 HOH A O   1 
HETATM 1124 O O   . HOH N 4 .   ? -2.348  -15.391 1.818   1.00 41.70 ? 231 HOH A O   1 
HETATM 1125 O O   . HOH N 4 .   ? 11.460  12.302  -9.278  1.00 33.62 ? 232 HOH A O   1 
HETATM 1126 O O   . HOH N 4 .   ? 5.406   -4.125  4.717   1.00 46.60 ? 233 HOH A O   1 
HETATM 1127 O O   . HOH N 4 .   ? -2.226  -5.047  11.265  1.00 45.83 ? 234 HOH A O   1 
HETATM 1128 O O   . HOH N 4 .   ? -6.385  -4.489  9.968   1.00 35.65 ? 235 HOH A O   1 
HETATM 1129 O O   . HOH N 4 .   ? -12.942 13.204  12.770  1.00 48.40 ? 236 HOH A O   1 
HETATM 1130 O O   . HOH N 4 .   ? -0.148  -14.917 -11.701 1.00 47.63 ? 237 HOH A O   1 
HETATM 1131 O O   . HOH N 4 .   ? -8.109  -12.145 1.581   1.00 56.58 ? 238 HOH A O   1 
HETATM 1132 O O   . HOH N 4 .   ? 1.427   -13.216 -13.194 1.00 53.07 ? 239 HOH A O   1 
HETATM 1133 O O   . HOH N 4 .   ? -12.453 -2.868  8.641   1.00 48.20 ? 240 HOH A O   1 
HETATM 1134 O O   . HOH N 4 .   ? -5.469  10.820  -9.874  1.00 47.44 ? 241 HOH A O   1 
HETATM 1135 O O   . HOH N 4 .   ? -4.027  -13.210 1.523   1.00 36.56 ? 242 HOH A O   1 
HETATM 1136 O O   . HOH N 4 .   ? -10.086 -16.043 -8.914  1.00 50.17 ? 243 HOH A O   1 
HETATM 1137 O O   . HOH N 4 .   ? -3.661  -8.642  5.792   1.00 43.92 ? 244 HOH A O   1 
HETATM 1138 O O   . HOH N 4 .   ? 12.939  12.833  -6.095  1.00 27.24 ? 245 HOH A O   1 
HETATM 1139 O O   . HOH N 4 .   ? 9.371   0.821   2.856   1.00 46.76 ? 246 HOH A O   1 
HETATM 1140 O O   . HOH N 4 .   ? -6.166  -8.574  -17.049 1.00 47.16 ? 247 HOH A O   1 
HETATM 1141 O O   . HOH N 4 .   ? 0.418   -11.566 -18.211 1.00 39.53 ? 248 HOH A O   1 
HETATM 1142 O O   . HOH N 4 .   ? -13.134 1.136   13.157  1.00 48.81 ? 249 HOH A O   1 
HETATM 1143 O O   . HOH N 4 .   ? -0.522  4.494   18.009  1.00 35.64 ? 250 HOH A O   1 
HETATM 1144 O O   . HOH N 4 .   ? -10.172 10.378  4.300   1.00 15.66 ? 251 HOH A O   1 
HETATM 1145 O O   . HOH N 4 .   ? -9.499  11.190  1.726   1.00 21.58 ? 252 HOH A O   1 
HETATM 1146 O O   . HOH N 4 .   ? -1.725  -14.217 -16.600 1.00 36.12 ? 253 HOH A O   1 
HETATM 1147 O O   . HOH N 4 .   ? -3.098  -15.153 -14.632 1.00 42.79 ? 254 HOH A O   1 
HETATM 1148 O O   . HOH N 4 .   ? 0.507   -13.836 -16.836 1.00 42.00 ? 255 HOH A O   1 
HETATM 1149 O O   . HOH N 4 .   ? 7.523   -15.602 -11.660 1.00 31.53 ? 256 HOH A O   1 
HETATM 1150 O O   . HOH N 4 .   ? 5.152   -16.647 -11.141 1.00 49.03 ? 257 HOH A O   1 
HETATM 1151 O O   . HOH N 4 .   ? 5.421   -14.268 -9.722  1.00 44.94 ? 258 HOH A O   1 
HETATM 1152 O O   . HOH N 4 .   ? -6.145  -2.045  -18.523 1.00 43.59 ? 259 HOH A O   1 
HETATM 1153 O O   . HOH N 4 .   ? -5.077  -1.054  -16.323 1.00 39.05 ? 260 HOH A O   1 
HETATM 1154 O O   . HOH N 4 .   ? -6.981  -0.102  -19.872 1.00 44.43 ? 261 HOH A O   1 
HETATM 1155 O O   . HOH N 4 .   ? -2.979  -1.144  -19.220 1.00 55.78 ? 262 HOH A O   1 
HETATM 1156 O O   . HOH N 4 .   ? -3.978  0.453   -21.205 1.00 44.52 ? 263 HOH A O   1 
HETATM 1157 O O   . HOH N 4 .   ? -14.041 -10.778 1.852   1.00 52.30 ? 264 HOH A O   1 
HETATM 1158 O O   . HOH N 4 .   ? 16.826  -16.957 4.209   1.00 43.32 ? 265 HOH A O   1 
HETATM 1159 O O   . HOH N 4 .   ? 18.046  -17.609 1.050   1.00 61.68 ? 266 HOH A O   1 
HETATM 1160 O O   . HOH N 4 .   ? 15.631  -17.192 1.654   1.00 34.12 ? 267 HOH A O   1 
HETATM 1161 O O   . HOH N 4 .   ? 4.755   6.964   15.502  1.00 39.08 ? 268 HOH A O   1 
HETATM 1162 O O   . HOH N 4 .   ? -8.813  -3.743  -11.578 1.00 46.98 ? 269 HOH A O   1 
HETATM 1163 O O   . HOH N 4 .   ? 7.555   13.892  4.270   1.00 23.92 ? 270 HOH A O   1 
HETATM 1164 O O   . HOH N 4 .   ? 8.922   12.926  1.123   1.00 24.81 ? 271 HOH A O   1 
HETATM 1165 O O   . HOH N 4 .   ? 6.964   12.584  1.924   1.00 33.77 ? 272 HOH A O   1 
HETATM 1166 O O   . HOH N 4 .   ? 8.821   16.055  4.281   1.00 38.71 ? 273 HOH A O   1 
HETATM 1167 O O   . HOH N 4 .   ? 10.567  16.689  2.804   1.00 39.80 ? 274 HOH A O   1 
HETATM 1168 O O   . HOH N 4 .   ? -9.559  -9.082  -10.834 1.00 45.03 ? 275 HOH A O   1 
HETATM 1169 O O   . HOH N 4 .   ? -1.610  2.992   -11.498 1.00 43.14 ? 276 HOH A O   1 
HETATM 1170 O O   . HOH N 4 .   ? 13.900  -15.663 3.315   1.00 35.68 ? 277 HOH A O   1 
HETATM 1171 O O   . HOH N 4 .   ? -11.023 -10.210 -14.566 1.00 39.33 ? 278 HOH A O   1 
HETATM 1172 O O   . HOH N 4 .   ? -0.090  -16.022 0.717   1.00 50.68 ? 279 HOH A O   1 
HETATM 1173 O O   . HOH N 4 .   ? -2.846  4.425   19.893  1.00 34.95 ? 280 HOH A O   1 
HETATM 1174 O O   . HOH N 4 .   ? 2.915   5.902   16.800  1.00 53.57 ? 281 HOH A O   1 
HETATM 1175 O O   . HOH N 4 .   ? 8.929   7.465   10.226  1.00 52.61 ? 282 HOH A O   1 
HETATM 1176 O O   . HOH N 4 .   ? -0.425  -6.061  3.784   1.00 24.69 ? 283 HOH A O   1 
# 
